data_6D8D
#
_entry.id   6D8D
#
_cell.length_a   203.571
_cell.length_b   117.866
_cell.length_c   119.860
_cell.angle_alpha   90.00
_cell.angle_beta   124.21
_cell.angle_gamma   90.00
#
_symmetry.space_group_name_H-M   'C 1 2 1'
#
loop_
_entity.id
_entity.type
_entity.pdbx_description
1 polymer 'Hemagglutinin HA1 chain'
2 polymer 'Hemagglutinin HA2 chain'
3 branched 'beta-D-galactopyranose-(1-3)-[N-acetyl-alpha-neuraminic acid-(2-6)]2-acetamido-2-deoxy-beta-D-glucopyranose'
4 branched beta-D-galactopyranose-(1-3)-2-acetamido-2-deoxy-beta-D-glucopyranose
5 non-polymer 2-acetamido-2-deoxy-beta-D-glucopyranose
6 non-polymer beta-D-galactopyranose
7 non-polymer 'N-acetyl-alpha-neuraminic acid'
#
loop_
_entity_poly.entity_id
_entity_poly.type
_entity_poly.pdbx_seq_one_letter_code
_entity_poly.pdbx_strand_id
1 'polypeptide(L)'
;DKICLGHHAVSNGTKVNTLTERGVEVVNATETVERTNIPRICSKGKRTVDLGQCGLLGTITGPPQCDQFLEFSADLIIER
REGSDVCYPGKFVNEEALRQILRESGGIDKETMGFTYNGIRTNGVTSACKRSGSSFYAEMKWLLSNTDNAAFPQMTKSYK
NTRKSPAIIVWGIHHSVSTAEQTKLYGSGNKLVTVGSSNYQQSFVPSPGARPQVNGLSGRIDFHWLILNPNDTVTFSFNG
AFIAPDRASFLRGKSMGIQSGVQVDANCEGDCYHSGGTIISNLPFQNIDSRAVGKCPRYVKQRSLLLATGMKNVPEIPKG
R
;
A,C,E
2 'polypeptide(L)'
;GLFGAIAGFIENGWEGLIDGWYGFRHQNAQGEGTAADYKSTQSAIDQITGKLNRLIAKTNQQFELIDNEFNEVEKQIGNV
INWTRDSITEVWSYNAELLIAMENQHTIDLADSEMDKLYERVKRQLRENAEEDGTGCFEIFHKCDDDCMASIRNNTYDHR
KYREEAMQNRIQIDPVKLSSGYKDVILWFSFGASCFILLAIVMGLVFICVKNGNMRCTICI
;
B,D,F
#
loop_
_chem_comp.id
_chem_comp.type
_chem_comp.name
_chem_comp.formula
GAL D-saccharide, beta linking beta-D-galactopyranose 'C6 H12 O6'
NAG D-saccharide, beta linking 2-acetamido-2-deoxy-beta-D-glucopyranose 'C8 H15 N O6'
SIA D-saccharide, alpha linking 'N-acetyl-alpha-neuraminic acid' 'C11 H19 N O9'
#
# COMPACT_ATOMS: atom_id res chain seq x y z
N ASP A 1 -60.03 -23.63 5.15
CA ASP A 1 -59.59 -22.44 5.96
C ASP A 1 -58.06 -22.51 6.33
N LYS A 2 -57.27 -21.50 5.94
CA LYS A 2 -55.76 -21.55 6.06
C LYS A 2 -55.04 -20.18 6.11
N ILE A 3 -53.71 -20.22 6.29
CA ILE A 3 -52.82 -19.02 6.42
C ILE A 3 -51.44 -19.22 5.74
N CYS A 4 -51.01 -18.24 4.93
CA CYS A 4 -49.72 -18.30 4.23
C CYS A 4 -48.80 -17.09 4.54
N LEU A 5 -47.49 -17.39 4.77
CA LEU A 5 -46.41 -16.39 4.85
C LEU A 5 -45.66 -16.32 3.53
N GLY A 6 -45.05 -15.15 3.30
CA GLY A 6 -44.22 -14.95 2.14
C GLY A 6 -43.58 -13.59 2.20
N HIS A 7 -42.97 -13.23 1.06
CA HIS A 7 -42.16 -12.02 0.93
C HIS A 7 -42.45 -11.30 -0.39
N HIS A 8 -42.05 -10.03 -0.48
CA HIS A 8 -42.27 -9.25 -1.71
C HIS A 8 -41.31 -9.62 -2.88
N ALA A 9 -41.64 -9.08 -4.05
CA ALA A 9 -40.83 -9.21 -5.27
C ALA A 9 -41.14 -8.05 -6.22
N VAL A 10 -40.63 -8.08 -7.44
CA VAL A 10 -41.02 -7.11 -8.48
C VAL A 10 -40.82 -7.65 -9.89
N SER A 11 -41.40 -6.93 -10.85
CA SER A 11 -41.46 -7.36 -12.26
C SER A 11 -40.06 -7.67 -12.72
N ASN A 12 -39.16 -6.70 -12.65
CA ASN A 12 -37.72 -6.96 -12.81
C ASN A 12 -36.88 -6.23 -11.78
N GLY A 13 -35.85 -6.93 -11.31
CA GLY A 13 -34.92 -6.43 -10.27
C GLY A 13 -33.54 -6.09 -10.82
N THR A 14 -32.59 -5.89 -9.91
CA THR A 14 -31.24 -5.42 -10.24
C THR A 14 -30.22 -6.55 -9.94
N LYS A 15 -29.38 -6.89 -10.90
CA LYS A 15 -28.41 -7.98 -10.71
C LYS A 15 -27.16 -7.49 -9.98
N VAL A 16 -26.85 -8.16 -8.87
CA VAL A 16 -25.63 -7.92 -8.08
C VAL A 16 -24.83 -9.21 -8.00
N ASN A 17 -23.61 -9.18 -7.47
CA ASN A 17 -22.83 -10.40 -7.17
C ASN A 17 -22.79 -10.70 -5.70
N THR A 18 -22.78 -11.98 -5.35
CA THR A 18 -22.56 -12.36 -3.97
C THR A 18 -21.25 -13.08 -3.93
N LEU A 19 -20.85 -13.40 -2.72
CA LEU A 19 -19.65 -14.21 -2.45
C LEU A 19 -19.56 -15.54 -3.29
N THR A 20 -20.73 -16.15 -3.56
CA THR A 20 -20.86 -17.44 -4.26
C THR A 20 -21.52 -17.37 -5.65
N GLU A 21 -22.02 -16.20 -6.05
CA GLU A 21 -22.79 -16.04 -7.31
C GLU A 21 -22.46 -14.79 -8.09
N ARG A 22 -22.52 -14.89 -9.43
CA ARG A 22 -22.20 -13.78 -10.30
C ARG A 22 -23.47 -13.42 -10.96
N GLY A 23 -24.28 -12.65 -10.27
CA GLY A 23 -25.43 -12.00 -10.83
C GLY A 23 -26.74 -12.54 -10.29
N VAL A 24 -27.01 -12.45 -8.98
CA VAL A 24 -28.37 -12.74 -8.43
C VAL A 24 -29.26 -11.52 -8.51
N GLU A 25 -30.48 -11.77 -8.98
CA GLU A 25 -31.50 -10.74 -9.05
C GLU A 25 -31.91 -10.39 -7.61
N VAL A 26 -31.85 -9.11 -7.25
CA VAL A 26 -32.39 -8.61 -5.97
C VAL A 26 -33.29 -7.43 -6.23
N VAL A 27 -34.05 -7.05 -5.22
CA VAL A 27 -35.09 -6.07 -5.39
C VAL A 27 -34.53 -4.65 -5.68
N ASN A 28 -34.19 -3.87 -4.64
CA ASN A 28 -33.47 -2.56 -4.73
C ASN A 28 -31.97 -2.91 -4.40
N ALA A 29 -31.07 -2.35 -5.21
CA ALA A 29 -29.61 -2.25 -4.91
C ALA A 29 -29.14 -0.80 -5.23
N THR A 30 -27.99 -0.41 -4.73
CA THR A 30 -27.44 0.88 -5.08
C THR A 30 -25.94 0.83 -5.44
N GLU A 31 -25.53 1.79 -6.26
CA GLU A 31 -24.20 1.84 -6.86
C GLU A 31 -23.19 2.47 -5.88
N THR A 32 -22.03 1.85 -5.82
CA THR A 32 -21.06 2.01 -4.77
C THR A 32 -19.75 2.60 -5.30
N VAL A 33 -19.67 2.84 -6.62
CA VAL A 33 -18.53 3.52 -7.30
C VAL A 33 -18.95 4.76 -8.08
N GLU A 34 -18.39 5.89 -7.71
CA GLU A 34 -18.77 7.14 -8.27
C GLU A 34 -18.14 7.25 -9.63
N ARG A 35 -19.02 7.52 -10.60
CA ARG A 35 -18.65 7.71 -12.00
C ARG A 35 -18.89 9.12 -12.52
N THR A 36 -19.71 9.91 -11.83
CA THR A 36 -20.17 11.16 -12.40
C THR A 36 -19.26 12.29 -11.92
N ASN A 37 -18.62 12.93 -12.89
CA ASN A 37 -17.74 14.08 -12.72
C ASN A 37 -18.59 15.35 -12.85
N ILE A 38 -17.99 16.47 -12.51
CA ILE A 38 -18.53 17.80 -12.75
C ILE A 38 -17.40 18.58 -13.39
N PRO A 39 -17.56 19.08 -14.60
CA PRO A 39 -16.44 19.68 -15.33
C PRO A 39 -16.03 21.08 -14.91
N ARG A 40 -15.93 21.34 -13.61
CA ARG A 40 -15.52 22.63 -13.09
C ARG A 40 -14.96 22.51 -11.72
N ILE A 41 -14.11 23.44 -11.37
CA ILE A 41 -13.49 23.46 -10.05
C ILE A 41 -14.48 24.04 -9.06
N CYS A 42 -15.39 23.19 -8.64
CA CYS A 42 -16.40 23.57 -7.65
C CYS A 42 -15.78 24.28 -6.40
N SER A 43 -15.77 25.62 -6.43
CA SER A 43 -14.98 26.38 -5.46
C SER A 43 -15.77 27.17 -4.47
N LYS A 44 -17.04 26.85 -4.25
CA LYS A 44 -17.85 27.65 -3.32
C LYS A 44 -17.14 27.80 -1.98
N GLY A 45 -17.28 28.99 -1.38
CA GLY A 45 -16.78 29.29 -0.05
C GLY A 45 -15.28 29.54 0.02
N LYS A 46 -14.54 29.16 -1.01
CA LYS A 46 -13.14 28.93 -0.78
C LYS A 46 -12.29 30.02 -1.39
N ARG A 47 -11.34 30.53 -0.62
CA ARG A 47 -10.43 31.56 -1.10
C ARG A 47 -9.55 31.03 -2.19
N THR A 48 -9.91 31.30 -3.44
CA THR A 48 -9.31 30.66 -4.59
C THR A 48 -8.41 31.55 -5.45
N VAL A 49 -7.41 30.99 -6.07
CA VAL A 49 -6.52 31.76 -6.87
C VAL A 49 -6.29 30.94 -8.11
N ASP A 50 -6.73 31.44 -9.25
CA ASP A 50 -6.47 30.82 -10.56
C ASP A 50 -5.32 31.57 -11.18
N LEU A 51 -4.18 30.92 -11.18
CA LEU A 51 -2.95 31.52 -11.67
C LEU A 51 -3.03 31.83 -13.17
N GLY A 52 -3.76 31.05 -13.96
CA GLY A 52 -3.77 31.25 -15.40
C GLY A 52 -2.35 31.24 -15.97
N GLN A 53 -1.95 32.38 -16.53
CA GLN A 53 -0.68 32.48 -17.22
C GLN A 53 0.52 32.67 -16.32
N CYS A 54 0.30 32.78 -15.03
CA CYS A 54 1.38 32.66 -14.06
C CYS A 54 1.59 31.19 -13.71
N GLY A 55 2.86 30.80 -13.70
CA GLY A 55 3.28 29.47 -13.23
C GLY A 55 3.69 29.53 -11.77
N LEU A 56 3.35 28.51 -11.00
CA LEU A 56 3.37 28.66 -9.54
C LEU A 56 4.73 29.20 -9.01
N LEU A 57 5.81 28.75 -9.62
CA LEU A 57 7.15 29.16 -9.18
C LEU A 57 7.38 30.61 -9.59
N GLY A 58 6.67 31.11 -10.60
CA GLY A 58 6.69 32.57 -10.91
C GLY A 58 6.31 33.52 -9.78
N THR A 59 5.48 33.06 -8.86
CA THR A 59 5.08 33.90 -7.77
C THR A 59 6.26 34.24 -6.85
N ILE A 60 7.43 33.62 -6.98
CA ILE A 60 8.61 34.06 -6.24
C ILE A 60 9.51 34.99 -7.09
N THR A 61 9.72 34.62 -8.36
CA THR A 61 10.65 35.34 -9.25
C THR A 61 10.03 36.68 -9.69
N GLY A 62 8.78 36.60 -10.12
CA GLY A 62 8.01 37.76 -10.58
C GLY A 62 8.28 38.11 -12.02
N PRO A 63 7.89 37.24 -12.95
CA PRO A 63 7.83 37.70 -14.31
C PRO A 63 6.50 38.42 -14.60
N PRO A 64 6.47 39.23 -15.66
CA PRO A 64 5.28 39.93 -16.13
C PRO A 64 3.92 39.28 -15.78
N GLN A 65 3.77 38.01 -16.13
CA GLN A 65 2.52 37.24 -15.97
C GLN A 65 2.07 37.21 -14.52
N CYS A 66 3.08 36.98 -13.69
CA CYS A 66 2.96 36.76 -12.24
C CYS A 66 3.05 38.07 -11.45
N ASP A 67 2.49 39.14 -12.00
CA ASP A 67 2.63 40.41 -11.40
C ASP A 67 1.48 40.55 -10.43
N GLN A 68 0.27 40.33 -10.89
CA GLN A 68 -0.90 40.28 -10.00
C GLN A 68 -0.79 39.27 -8.79
N PHE A 69 0.24 38.42 -8.76
CA PHE A 69 0.34 37.32 -7.80
C PHE A 69 1.52 37.32 -6.82
N LEU A 70 2.36 38.34 -6.86
CA LEU A 70 3.60 38.28 -6.07
C LEU A 70 3.34 38.15 -4.57
N GLU A 71 2.12 38.47 -4.10
CA GLU A 71 1.73 38.20 -2.73
C GLU A 71 0.32 37.58 -2.65
N PHE A 72 0.02 36.65 -3.55
CA PHE A 72 -1.27 35.92 -3.46
C PHE A 72 -1.51 35.30 -2.09
N SER A 73 -2.78 34.95 -1.85
CA SER A 73 -3.23 34.44 -0.56
C SER A 73 -4.44 33.59 -0.84
N ALA A 74 -4.48 32.34 -0.33
CA ALA A 74 -5.45 31.32 -0.82
C ALA A 74 -5.78 30.09 0.02
N ASP A 75 -6.95 29.56 -0.24
CA ASP A 75 -7.30 28.23 0.20
C ASP A 75 -7.02 27.25 -0.90
N LEU A 76 -7.45 27.52 -2.12
CA LEU A 76 -7.21 26.59 -3.21
C LEU A 76 -6.26 27.30 -4.12
N ILE A 77 -5.36 26.60 -4.79
CA ILE A 77 -4.55 27.19 -5.85
C ILE A 77 -4.68 26.35 -7.09
N ILE A 78 -5.11 26.98 -8.17
CA ILE A 78 -5.26 26.32 -9.42
C ILE A 78 -4.10 26.77 -10.31
N GLU A 79 -3.52 25.79 -10.98
CA GLU A 79 -2.38 25.94 -11.89
C GLU A 79 -2.89 25.68 -13.29
N ARG A 80 -2.36 26.40 -14.27
CA ARG A 80 -2.86 26.19 -15.63
C ARG A 80 -1.72 25.76 -16.57
N ARG A 81 -2.06 25.03 -17.65
CA ARG A 81 -1.07 24.65 -18.66
C ARG A 81 -0.55 25.90 -19.39
N GLU A 82 -1.43 26.86 -19.72
CA GLU A 82 -0.96 28.14 -20.27
C GLU A 82 0.22 28.76 -19.46
N GLY A 83 0.20 28.55 -18.15
CA GLY A 83 1.06 29.27 -17.22
C GLY A 83 2.53 28.97 -17.29
N SER A 84 3.35 29.94 -16.89
CA SER A 84 4.77 29.81 -17.06
C SER A 84 5.60 30.50 -16.01
N ASP A 85 6.70 29.86 -15.56
CA ASP A 85 7.50 30.32 -14.39
C ASP A 85 8.66 31.24 -14.77
N VAL A 86 8.69 31.66 -16.03
CA VAL A 86 9.88 32.30 -16.50
C VAL A 86 9.52 33.26 -17.63
N CYS A 87 10.41 34.23 -17.85
CA CYS A 87 10.39 35.12 -19.02
C CYS A 87 11.71 35.00 -19.78
N TYR A 88 12.83 35.27 -19.11
CA TYR A 88 14.12 34.99 -19.69
C TYR A 88 14.29 33.49 -19.62
N PRO A 89 14.33 32.78 -20.79
CA PRO A 89 14.49 31.33 -20.77
C PRO A 89 15.48 30.83 -19.72
N GLY A 90 15.20 29.63 -19.26
CA GLY A 90 15.95 29.03 -18.18
C GLY A 90 14.94 28.22 -17.42
N LYS A 91 15.33 27.70 -16.28
CA LYS A 91 14.39 26.94 -15.45
C LYS A 91 14.77 26.90 -13.99
N PHE A 92 13.94 26.27 -13.20
CA PHE A 92 14.11 26.24 -11.79
C PHE A 92 14.82 24.94 -11.48
N VAL A 93 15.96 25.01 -10.80
CA VAL A 93 16.68 23.83 -10.25
C VAL A 93 15.87 23.19 -9.11
N ASN A 94 15.54 21.91 -9.21
CA ASN A 94 14.81 21.17 -8.13
C ASN A 94 13.37 21.66 -8.12
N GLU A 95 12.82 21.84 -9.33
CA GLU A 95 11.53 22.51 -9.56
C GLU A 95 10.41 21.88 -8.75
N GLU A 96 10.02 20.65 -9.08
CA GLU A 96 8.74 20.13 -8.65
C GLU A 96 8.58 20.10 -7.13
N ALA A 97 9.66 19.88 -6.38
CA ALA A 97 9.60 19.98 -4.89
C ALA A 97 9.11 21.30 -4.35
N LEU A 98 9.64 22.37 -4.93
CA LEU A 98 9.18 23.73 -4.63
C LEU A 98 7.69 23.92 -4.83
N ARG A 99 7.13 23.47 -5.95
CA ARG A 99 5.66 23.57 -6.17
C ARG A 99 4.83 22.83 -5.13
N GLN A 100 5.30 21.63 -4.82
CA GLN A 100 4.73 20.82 -3.75
C GLN A 100 4.72 21.69 -2.42
N ILE A 101 5.75 22.53 -2.20
CA ILE A 101 5.76 23.49 -1.09
C ILE A 101 4.74 24.59 -1.30
N LEU A 102 4.83 25.34 -2.39
CA LEU A 102 3.96 26.51 -2.59
C LEU A 102 2.47 26.15 -2.72
N ARG A 103 2.16 24.95 -3.22
CA ARG A 103 0.77 24.53 -3.37
C ARG A 103 0.06 24.44 -2.04
N GLU A 104 0.79 24.01 -1.03
CA GLU A 104 0.26 23.85 0.32
C GLU A 104 0.58 25.08 1.18
N SER A 105 1.04 26.20 0.60
CA SER A 105 1.52 27.35 1.42
C SER A 105 0.40 28.20 2.01
N GLY A 106 -0.79 28.12 1.42
CA GLY A 106 -1.79 29.11 1.67
C GLY A 106 -1.45 30.46 1.09
N GLY A 107 -0.40 30.53 0.27
CA GLY A 107 -0.01 31.77 -0.39
C GLY A 107 1.13 32.41 0.29
N ILE A 108 1.82 33.30 -0.41
CA ILE A 108 3.07 33.82 0.08
C ILE A 108 3.01 35.29 0.37
N ASP A 109 3.96 35.73 1.18
CA ASP A 109 4.04 37.06 1.72
C ASP A 109 5.50 37.41 1.52
N LYS A 110 5.79 38.54 0.89
CA LYS A 110 7.16 38.91 0.56
C LYS A 110 7.74 39.93 1.58
N GLU A 111 9.08 40.02 1.60
CA GLU A 111 9.84 40.92 2.48
C GLU A 111 11.19 41.18 1.81
N THR A 112 11.70 42.41 1.83
CA THR A 112 12.94 42.66 1.09
C THR A 112 14.07 42.23 1.97
N MET A 113 15.14 41.80 1.31
CA MET A 113 16.35 41.25 1.93
C MET A 113 17.39 42.33 2.11
N GLY A 114 17.20 43.46 1.43
CA GLY A 114 17.97 44.64 1.69
C GLY A 114 19.40 44.51 1.24
N PHE A 115 19.58 44.32 -0.06
CA PHE A 115 20.89 44.38 -0.69
C PHE A 115 20.93 45.66 -1.51
N THR A 116 21.94 46.52 -1.29
CA THR A 116 22.29 47.57 -2.27
C THR A 116 23.69 47.25 -2.79
N TYR A 117 24.11 47.97 -3.84
CA TYR A 117 25.29 47.58 -4.61
C TYR A 117 26.26 48.73 -5.01
N ASN A 118 27.51 48.56 -4.57
CA ASN A 118 28.60 49.49 -4.79
C ASN A 118 29.44 48.93 -5.92
N GLY A 119 29.60 49.69 -7.01
CA GLY A 119 30.52 49.33 -8.13
C GLY A 119 30.08 48.33 -9.19
N ILE A 120 28.77 48.21 -9.40
CA ILE A 120 28.18 47.46 -10.52
C ILE A 120 26.87 48.10 -10.99
N ARG A 121 26.28 47.51 -12.03
CA ARG A 121 24.89 47.75 -12.40
C ARG A 121 23.97 46.86 -11.50
N THR A 122 22.67 47.22 -11.44
CA THR A 122 21.65 46.70 -10.49
C THR A 122 20.29 46.43 -11.21
N ASN A 123 20.33 46.20 -12.52
CA ASN A 123 19.21 46.64 -13.37
C ASN A 123 19.01 45.96 -14.73
N GLY A 124 19.75 44.90 -15.03
CA GLY A 124 19.84 44.39 -16.42
C GLY A 124 18.50 43.86 -16.91
N VAL A 125 18.07 44.29 -18.09
CA VAL A 125 16.70 44.05 -18.59
C VAL A 125 16.78 43.29 -19.92
N THR A 126 15.70 42.61 -20.30
CA THR A 126 15.66 41.86 -21.55
C THR A 126 14.41 42.13 -22.33
N SER A 127 14.48 41.86 -23.62
CA SER A 127 13.35 42.02 -24.51
C SER A 127 12.30 40.94 -24.32
N ALA A 128 12.62 39.83 -23.63
CA ALA A 128 11.63 38.79 -23.30
C ALA A 128 10.80 39.04 -22.01
N CYS A 129 11.26 39.91 -21.12
CA CYS A 129 10.54 40.19 -19.89
C CYS A 129 9.87 41.53 -19.98
N LYS A 130 8.80 41.59 -20.75
CA LYS A 130 8.23 42.88 -21.11
C LYS A 130 7.24 43.51 -20.11
N ARG A 131 7.60 44.68 -19.53
CA ARG A 131 6.63 45.53 -18.80
C ARG A 131 6.20 46.73 -19.63
N SER A 132 6.50 47.96 -19.22
CA SER A 132 6.48 49.08 -20.15
C SER A 132 7.75 48.85 -20.95
N GLY A 133 7.59 48.48 -22.21
CA GLY A 133 8.73 48.17 -23.10
C GLY A 133 9.39 46.85 -22.75
N SER A 134 10.73 46.85 -22.58
CA SER A 134 11.52 45.68 -22.14
C SER A 134 11.90 45.83 -20.67
N SER A 135 11.61 44.80 -19.85
CA SER A 135 11.88 44.80 -18.40
C SER A 135 12.49 43.45 -17.88
N PHE A 136 12.25 43.06 -16.62
CA PHE A 136 12.91 41.87 -15.99
C PHE A 136 11.99 41.22 -14.95
N TYR A 137 12.50 40.26 -14.19
CA TYR A 137 11.85 39.80 -12.95
C TYR A 137 11.80 40.90 -11.87
N ALA A 138 10.65 40.98 -11.19
CA ALA A 138 10.36 42.06 -10.26
C ALA A 138 10.97 41.77 -8.93
N GLU A 139 11.09 40.51 -8.56
CA GLU A 139 11.65 40.17 -7.27
C GLU A 139 13.18 39.96 -7.31
N MET A 140 13.82 40.32 -8.44
CA MET A 140 15.21 39.96 -8.67
C MET A 140 15.88 41.13 -9.39
N LYS A 141 17.20 41.06 -9.56
CA LYS A 141 17.99 42.17 -10.19
C LYS A 141 19.16 41.58 -10.97
N TRP A 142 19.23 41.83 -12.28
CA TRP A 142 20.35 41.29 -13.09
C TRP A 142 21.60 42.09 -12.74
N LEU A 143 22.48 41.49 -11.95
CA LEU A 143 23.71 42.15 -11.51
C LEU A 143 24.82 41.91 -12.53
N LEU A 144 25.33 43.03 -13.10
CA LEU A 144 26.35 43.08 -14.17
C LEU A 144 27.70 43.75 -13.71
N SER A 145 28.63 43.95 -14.66
CA SER A 145 29.79 44.85 -14.51
C SER A 145 29.55 46.25 -15.14
N ASN A 146 30.23 47.27 -14.60
CA ASN A 146 29.80 48.69 -14.74
C ASN A 146 29.74 49.08 -16.20
N THR A 147 30.81 48.85 -16.94
CA THR A 147 30.72 48.90 -18.40
C THR A 147 31.33 47.69 -19.06
N ASP A 148 31.14 47.61 -20.39
CA ASP A 148 31.44 46.41 -21.20
C ASP A 148 32.84 45.87 -20.87
N ASN A 149 32.89 44.55 -20.59
CA ASN A 149 34.08 43.80 -20.11
C ASN A 149 34.61 44.10 -18.68
N ALA A 150 34.16 45.20 -18.06
CA ALA A 150 34.78 45.74 -16.84
C ALA A 150 34.74 44.78 -15.65
N ALA A 151 35.40 45.19 -14.57
CA ALA A 151 35.49 44.41 -13.32
C ALA A 151 34.12 44.08 -12.72
N PHE A 152 33.88 42.80 -12.45
CA PHE A 152 32.88 42.46 -11.46
C PHE A 152 33.57 42.28 -10.10
N PRO A 153 33.71 43.37 -9.29
CA PRO A 153 34.43 43.22 -8.01
C PRO A 153 33.76 42.22 -7.07
N GLN A 154 34.49 41.14 -6.74
CA GLN A 154 34.01 40.01 -5.89
C GLN A 154 33.18 40.54 -4.71
N MET A 155 31.98 39.97 -4.52
CA MET A 155 31.00 40.45 -3.52
C MET A 155 30.54 39.39 -2.53
N THR A 156 30.02 39.91 -1.41
CA THR A 156 29.34 39.11 -0.42
C THR A 156 28.18 39.97 0.13
N LYS A 157 26.98 39.37 0.24
CA LYS A 157 25.76 39.95 0.86
C LYS A 157 25.20 38.91 1.83
N SER A 158 24.24 39.30 2.68
CA SER A 158 23.62 38.32 3.62
C SER A 158 22.28 38.75 4.21
N TYR A 159 21.37 37.81 4.38
CA TYR A 159 20.01 38.12 4.87
C TYR A 159 19.69 37.20 6.07
N LYS A 160 19.34 37.82 7.21
CA LYS A 160 18.84 37.08 8.34
C LYS A 160 17.31 37.03 8.32
N ASN A 161 16.80 35.80 8.22
CA ASN A 161 15.43 35.52 8.58
C ASN A 161 15.15 36.08 9.99
N THR A 162 14.52 37.25 10.02
CA THR A 162 13.98 37.84 11.23
C THR A 162 12.86 37.04 11.82
N ARG A 163 12.03 36.45 10.98
CA ARG A 163 10.74 35.89 11.42
C ARG A 163 10.79 34.51 12.00
N LYS A 164 9.70 34.13 12.64
CA LYS A 164 9.57 32.80 13.25
C LYS A 164 9.28 31.65 12.28
N SER A 165 8.73 31.99 11.11
CA SER A 165 8.50 31.04 10.00
C SER A 165 9.77 30.92 9.13
N PRO A 166 9.86 29.83 8.32
CA PRO A 166 11.03 29.76 7.42
C PRO A 166 10.80 30.65 6.18
N ALA A 167 11.86 30.97 5.48
CA ALA A 167 11.76 31.79 4.26
C ALA A 167 11.94 30.94 3.03
N ILE A 168 11.94 31.55 1.84
CA ILE A 168 12.34 30.89 0.62
C ILE A 168 13.27 31.87 -0.03
N ILE A 169 14.51 31.47 -0.23
CA ILE A 169 15.47 32.34 -0.86
C ILE A 169 15.68 31.84 -2.27
N VAL A 170 15.71 32.77 -3.23
CA VAL A 170 15.89 32.41 -4.64
C VAL A 170 17.02 33.21 -5.24
N TRP A 171 17.65 32.66 -6.28
CA TRP A 171 18.70 33.35 -7.03
C TRP A 171 18.93 32.58 -8.32
N GLY A 172 19.56 33.25 -9.27
CA GLY A 172 19.77 32.70 -10.60
C GLY A 172 21.22 32.76 -11.06
N ILE A 173 21.57 31.80 -11.90
CA ILE A 173 22.87 31.80 -12.53
C ILE A 173 22.60 32.08 -13.99
N HIS A 174 23.47 32.89 -14.60
CA HIS A 174 23.33 33.24 -16.00
C HIS A 174 24.35 32.55 -16.89
N HIS A 175 23.80 31.64 -17.67
CA HIS A 175 24.53 30.94 -18.68
C HIS A 175 24.35 31.79 -19.95
N SER A 176 25.40 32.59 -20.19
CA SER A 176 25.50 33.53 -21.33
C SER A 176 25.89 32.80 -22.61
N VAL A 177 25.25 33.16 -23.73
CA VAL A 177 25.41 32.42 -25.03
C VAL A 177 26.89 31.99 -25.45
N SER A 178 27.94 32.62 -24.86
CA SER A 178 29.37 32.28 -25.10
C SER A 178 30.37 32.83 -24.02
N THR A 179 31.62 32.29 -23.98
CA THR A 179 32.74 32.77 -23.08
C THR A 179 33.14 34.20 -23.39
N ALA A 180 33.19 34.49 -24.69
CA ALA A 180 33.25 35.84 -25.25
C ALA A 180 32.19 36.79 -24.67
N GLU A 181 30.93 36.37 -24.71
CA GLU A 181 29.79 37.16 -24.20
C GLU A 181 29.68 37.17 -22.63
N GLN A 182 30.14 36.09 -21.96
CA GLN A 182 30.26 36.07 -20.48
C GLN A 182 31.11 37.25 -20.01
N THR A 183 32.15 37.57 -20.78
CA THR A 183 32.93 38.79 -20.56
C THR A 183 32.15 40.08 -20.83
N LYS A 184 31.75 40.36 -22.07
CA LYS A 184 30.84 41.50 -22.39
C LYS A 184 29.91 41.93 -21.23
N LEU A 185 29.38 40.95 -20.48
CA LEU A 185 28.58 41.20 -19.27
C LEU A 185 29.42 41.42 -18.00
N TYR A 186 30.08 40.38 -17.51
CA TYR A 186 30.64 40.36 -16.13
C TYR A 186 32.20 40.51 -16.02
N GLY A 187 32.93 40.27 -17.10
CA GLY A 187 34.41 40.16 -17.08
C GLY A 187 34.83 38.71 -17.10
N SER A 188 36.13 38.45 -17.30
CA SER A 188 36.63 37.08 -17.58
C SER A 188 37.01 36.21 -16.36
N GLY A 189 37.41 34.97 -16.64
CA GLY A 189 37.94 34.03 -15.63
C GLY A 189 36.86 33.13 -15.02
N ASN A 190 37.31 32.12 -14.23
CA ASN A 190 36.47 31.21 -13.36
C ASN A 190 35.32 31.95 -12.66
N LYS A 191 34.10 31.97 -13.20
CA LYS A 191 33.03 32.84 -12.62
C LYS A 191 32.27 32.19 -11.44
N LEU A 192 32.84 32.23 -10.24
CA LEU A 192 32.27 31.49 -9.08
C LEU A 192 31.20 32.25 -8.28
N VAL A 193 29.94 31.78 -8.38
CA VAL A 193 28.85 32.10 -7.42
C VAL A 193 28.86 31.03 -6.31
N THR A 194 28.92 31.47 -5.05
CA THR A 194 28.94 30.55 -3.91
C THR A 194 27.75 30.89 -3.03
N VAL A 195 27.23 29.89 -2.32
CA VAL A 195 25.98 30.02 -1.54
C VAL A 195 26.08 29.22 -0.22
N GLY A 196 26.36 29.94 0.86
CA GLY A 196 26.40 29.37 2.20
C GLY A 196 25.19 29.80 3.00
N SER A 197 24.41 28.84 3.44
CA SER A 197 23.36 29.08 4.42
C SER A 197 24.00 28.82 5.79
N SER A 198 23.44 27.86 6.51
CA SER A 198 24.13 27.13 7.55
C SER A 198 23.77 25.62 7.45
N ASN A 199 22.50 25.25 7.32
CA ASN A 199 22.12 23.83 7.12
C ASN A 199 22.17 23.43 5.63
N TYR A 200 23.19 23.94 4.93
CA TYR A 200 23.31 23.92 3.46
C TYR A 200 24.57 24.76 3.15
N GLN A 201 25.46 24.23 2.31
CA GLN A 201 26.49 25.04 1.60
C GLN A 201 26.53 24.49 0.15
N GLN A 202 27.26 25.15 -0.75
CA GLN A 202 27.29 24.78 -2.17
C GLN A 202 27.78 25.92 -3.02
N SER A 203 28.14 25.62 -4.27
CA SER A 203 28.55 26.67 -5.21
C SER A 203 28.14 26.38 -6.65
N PHE A 204 28.19 27.45 -7.46
CA PHE A 204 27.66 27.50 -8.83
C PHE A 204 28.62 28.30 -9.71
N VAL A 205 29.08 27.69 -10.81
CA VAL A 205 29.91 28.39 -11.84
C VAL A 205 29.17 28.28 -13.18
N PRO A 206 28.90 29.42 -13.83
CA PRO A 206 28.13 29.41 -15.06
C PRO A 206 28.83 28.58 -16.11
N SER A 207 28.04 27.90 -16.92
CA SER A 207 28.52 27.23 -18.12
C SER A 207 27.94 27.92 -19.37
N PRO A 208 28.67 28.91 -19.91
CA PRO A 208 28.31 29.61 -21.12
C PRO A 208 28.62 28.87 -22.40
N GLY A 209 27.91 29.25 -23.46
CA GLY A 209 28.03 28.59 -24.76
C GLY A 209 26.74 28.51 -25.58
N ALA A 210 26.81 27.82 -26.72
CA ALA A 210 25.72 27.73 -27.70
C ALA A 210 24.53 26.89 -27.24
N ARG A 211 23.33 27.42 -27.42
CA ARG A 211 22.10 26.64 -27.23
C ARG A 211 20.88 27.39 -27.81
N PRO A 212 19.96 26.66 -28.48
CA PRO A 212 19.11 27.27 -29.50
C PRO A 212 18.14 28.30 -28.94
N GLN A 213 17.68 29.17 -29.83
CA GLN A 213 16.97 30.36 -29.41
C GLN A 213 15.59 29.99 -28.87
N VAL A 214 15.29 30.43 -27.64
CA VAL A 214 13.96 30.25 -26.99
C VAL A 214 13.44 31.66 -26.58
N ASN A 215 12.22 32.02 -27.01
CA ASN A 215 11.77 33.43 -27.13
C ASN A 215 12.78 34.20 -27.98
N GLY A 216 13.36 33.55 -29.01
CA GLY A 216 14.39 34.16 -29.87
C GLY A 216 15.68 34.63 -29.20
N LEU A 217 16.02 34.05 -28.04
CA LEU A 217 17.21 34.37 -27.25
C LEU A 217 17.97 33.07 -26.91
N SER A 218 19.28 33.08 -27.12
CA SER A 218 20.07 31.87 -26.99
C SER A 218 20.65 31.63 -25.59
N GLY A 219 20.42 32.55 -24.65
CA GLY A 219 20.92 32.39 -23.28
C GLY A 219 19.96 31.62 -22.38
N ARG A 220 20.43 31.32 -21.17
CA ARG A 220 19.57 30.79 -20.11
C ARG A 220 19.89 31.37 -18.72
N ILE A 221 18.85 31.73 -17.97
CA ILE A 221 18.96 31.97 -16.53
C ILE A 221 18.20 30.86 -15.79
N ASP A 222 18.91 29.93 -15.15
CA ASP A 222 18.25 29.00 -14.21
C ASP A 222 18.40 29.42 -12.73
N PHE A 223 17.28 29.24 -12.00
CA PHE A 223 17.06 29.73 -10.66
C PHE A 223 17.28 28.56 -9.72
N HIS A 224 17.89 28.81 -8.56
CA HIS A 224 18.05 27.80 -7.48
C HIS A 224 17.47 28.35 -6.21
N TRP A 225 17.30 27.48 -5.21
CA TRP A 225 16.56 27.87 -4.01
C TRP A 225 16.83 27.07 -2.76
N LEU A 226 16.67 27.72 -1.60
CA LEU A 226 16.83 27.08 -0.27
C LEU A 226 15.80 27.58 0.74
N ILE A 227 15.49 26.77 1.73
CA ILE A 227 14.61 27.18 2.81
C ILE A 227 15.41 27.68 4.00
N LEU A 228 15.49 28.99 4.14
CA LEU A 228 16.18 29.66 5.26
C LEU A 228 15.36 29.68 6.59
N ASN A 229 15.99 29.24 7.67
CA ASN A 229 15.27 28.93 8.93
C ASN A 229 15.10 30.17 9.85
N PRO A 230 14.12 30.11 10.83
CA PRO A 230 14.09 31.11 11.92
C PRO A 230 15.51 31.37 12.49
N ASN A 231 15.91 32.63 12.59
CA ASN A 231 17.24 33.00 13.12
C ASN A 231 18.44 32.80 12.18
N ASP A 232 18.36 31.94 11.16
CA ASP A 232 19.58 31.61 10.42
C ASP A 232 20.06 32.81 9.56
N THR A 233 21.26 32.70 8.97
CA THR A 233 21.68 33.60 7.87
C THR A 233 22.13 32.82 6.65
N VAL A 234 21.76 33.35 5.49
CA VAL A 234 22.31 32.95 4.22
C VAL A 234 23.37 33.98 3.84
N THR A 235 24.39 33.53 3.11
CA THR A 235 25.45 34.40 2.60
C THR A 235 25.70 34.10 1.12
N PHE A 236 25.74 35.19 0.34
CA PHE A 236 25.85 35.15 -1.12
C PHE A 236 27.22 35.71 -1.57
N SER A 237 28.21 34.82 -1.72
CA SER A 237 29.54 35.17 -2.28
C SER A 237 29.62 34.93 -3.80
N PHE A 238 29.97 35.98 -4.55
CA PHE A 238 29.97 35.91 -6.01
C PHE A 238 30.83 36.94 -6.73
N ASN A 239 31.05 36.69 -8.02
CA ASN A 239 31.94 37.48 -8.87
C ASN A 239 31.46 37.56 -10.34
N GLY A 240 30.15 37.40 -10.55
CA GLY A 240 29.54 37.29 -11.89
C GLY A 240 28.41 36.28 -12.00
N ALA A 241 27.85 36.17 -13.21
CA ALA A 241 26.68 35.35 -13.57
C ALA A 241 25.61 35.15 -12.48
N PHE A 242 25.34 36.20 -11.70
CA PHE A 242 24.46 36.13 -10.50
C PHE A 242 23.23 37.01 -10.70
N ILE A 243 22.05 36.41 -10.48
CA ILE A 243 20.78 37.14 -10.45
C ILE A 243 20.43 37.23 -8.96
N ALA A 244 20.38 38.46 -8.43
CA ALA A 244 20.29 38.69 -6.98
C ALA A 244 18.86 38.85 -6.57
N PRO A 245 18.47 38.17 -5.49
CA PRO A 245 17.10 38.29 -5.01
C PRO A 245 16.84 39.56 -4.20
N ASP A 246 15.87 40.36 -4.66
CA ASP A 246 15.39 41.53 -3.90
C ASP A 246 14.65 41.09 -2.64
N ARG A 247 13.78 40.11 -2.79
CA ARG A 247 12.91 39.63 -1.71
C ARG A 247 12.84 38.10 -1.43
N ALA A 248 12.74 37.85 -0.14
CA ALA A 248 12.47 36.56 0.39
C ALA A 248 10.96 36.45 0.66
N SER A 249 10.49 35.22 0.53
CA SER A 249 9.12 34.88 0.41
C SER A 249 8.75 33.89 1.54
N PHE A 250 7.73 34.23 2.32
CA PHE A 250 7.27 33.40 3.43
C PHE A 250 5.88 32.88 3.21
N LEU A 251 5.56 31.78 3.84
CA LEU A 251 4.33 31.09 3.55
C LEU A 251 3.21 31.56 4.45
N ARG A 252 2.01 31.77 3.93
CA ARG A 252 0.93 32.27 4.77
C ARG A 252 0.26 31.21 5.63
N GLY A 253 0.16 29.96 5.16
CA GLY A 253 -0.72 28.99 5.86
C GLY A 253 -0.95 27.58 5.32
N LYS A 254 -2.09 27.36 4.69
CA LYS A 254 -2.49 26.02 4.31
C LYS A 254 -3.41 26.08 3.11
N SER A 255 -3.02 25.34 2.08
CA SER A 255 -3.80 25.31 0.87
C SER A 255 -3.71 24.02 0.12
N MET A 256 -4.63 23.89 -0.82
CA MET A 256 -4.74 22.74 -1.63
C MET A 256 -4.17 23.25 -2.90
N GLY A 257 -3.23 22.56 -3.50
CA GLY A 257 -2.89 22.88 -4.89
C GLY A 257 -3.52 21.86 -5.81
N ILE A 258 -4.17 22.30 -6.91
CA ILE A 258 -4.56 21.42 -8.02
C ILE A 258 -4.10 21.94 -9.32
N GLN A 259 -4.13 21.07 -10.32
CA GLN A 259 -3.87 21.46 -11.71
C GLN A 259 -5.06 21.10 -12.52
N SER A 260 -5.51 22.00 -13.38
CA SER A 260 -6.75 21.74 -14.09
C SER A 260 -6.81 22.49 -15.39
N GLY A 261 -7.74 22.02 -16.22
CA GLY A 261 -8.07 22.65 -17.47
C GLY A 261 -9.45 23.21 -17.48
N VAL A 262 -10.24 23.06 -16.40
CA VAL A 262 -11.64 23.51 -16.42
C VAL A 262 -11.82 24.73 -15.55
N GLN A 263 -13.00 25.33 -15.67
CA GLN A 263 -13.22 26.63 -15.09
C GLN A 263 -13.77 26.55 -13.67
N VAL A 264 -13.73 27.71 -13.00
CA VAL A 264 -14.16 27.86 -11.63
C VAL A 264 -15.67 27.91 -11.60
N ASP A 265 -16.26 27.63 -10.49
CA ASP A 265 -17.68 27.76 -10.38
C ASP A 265 -17.94 27.86 -8.92
N ALA A 266 -18.50 28.98 -8.52
CA ALA A 266 -18.68 29.26 -7.14
C ALA A 266 -19.98 28.71 -6.67
N ASN A 267 -20.80 28.20 -7.58
CA ASN A 267 -22.10 27.65 -7.21
C ASN A 267 -22.02 26.36 -6.40
N CYS A 268 -21.23 25.40 -6.92
CA CYS A 268 -21.14 24.03 -6.40
C CYS A 268 -19.88 23.95 -5.61
N GLU A 269 -19.98 23.44 -4.39
CA GLU A 269 -18.83 23.32 -3.44
C GLU A 269 -18.32 21.88 -3.46
N GLY A 270 -17.01 21.72 -3.43
CA GLY A 270 -16.45 20.38 -3.47
C GLY A 270 -15.04 20.32 -2.90
N ASP A 271 -14.68 19.10 -2.47
CA ASP A 271 -13.39 18.80 -1.90
C ASP A 271 -12.57 17.78 -2.63
N CYS A 272 -13.08 17.15 -3.70
CA CYS A 272 -12.27 16.21 -4.50
C CYS A 272 -12.11 16.68 -5.92
N TYR A 273 -10.92 17.19 -6.20
CA TYR A 273 -10.56 17.79 -7.46
C TYR A 273 -9.66 16.90 -8.25
N HIS A 274 -9.69 17.16 -9.54
CA HIS A 274 -8.70 16.73 -10.49
C HIS A 274 -8.89 17.56 -11.79
N SER A 275 -7.89 17.45 -12.64
CA SER A 275 -7.77 18.21 -13.86
C SER A 275 -8.94 18.20 -14.81
N GLY A 276 -9.90 17.32 -14.56
CA GLY A 276 -11.15 17.27 -15.28
C GLY A 276 -12.38 17.82 -14.56
N GLY A 277 -12.21 18.32 -13.34
CA GLY A 277 -13.32 18.88 -12.56
C GLY A 277 -13.40 18.53 -11.08
N THR A 278 -14.55 18.06 -10.61
CA THR A 278 -14.82 17.93 -9.21
C THR A 278 -15.69 16.75 -8.97
N ILE A 279 -15.24 15.93 -8.05
CA ILE A 279 -15.85 14.66 -7.74
C ILE A 279 -16.63 14.95 -6.50
N ILE A 280 -17.91 15.17 -6.68
CA ILE A 280 -18.79 15.30 -5.55
C ILE A 280 -19.49 13.96 -5.33
N SER A 281 -19.16 13.29 -4.22
CA SER A 281 -19.89 12.10 -3.84
C SER A 281 -19.85 11.81 -2.34
N ASN A 282 -20.59 10.77 -1.95
CA ASN A 282 -20.57 10.18 -0.59
C ASN A 282 -20.24 8.69 -0.69
N LEU A 283 -19.76 8.28 -1.85
CA LEU A 283 -19.52 6.89 -2.14
C LEU A 283 -18.12 6.59 -1.80
N PRO A 284 -17.88 5.37 -1.32
CA PRO A 284 -16.58 4.97 -0.85
C PRO A 284 -15.56 4.80 -1.96
N PHE A 285 -16.01 4.58 -3.20
CA PHE A 285 -15.12 4.33 -4.32
C PHE A 285 -15.47 5.20 -5.58
N GLN A 286 -14.48 5.81 -6.24
CA GLN A 286 -14.64 6.62 -7.48
C GLN A 286 -13.89 5.92 -8.53
N ASN A 287 -14.32 6.03 -9.76
CA ASN A 287 -13.55 5.39 -10.83
C ASN A 287 -12.94 6.40 -11.86
N ILE A 288 -12.66 7.64 -11.38
CA ILE A 288 -12.49 8.80 -12.25
C ILE A 288 -11.02 9.26 -12.62
N ASP A 289 -10.24 9.94 -11.80
CA ASP A 289 -8.83 10.21 -12.15
C ASP A 289 -8.21 9.58 -10.91
N SER A 290 -7.37 8.61 -11.15
CA SER A 290 -6.59 8.00 -10.09
C SER A 290 -5.54 8.92 -9.48
N ARG A 291 -5.49 10.20 -9.85
CA ARG A 291 -4.63 11.19 -9.15
C ARG A 291 -5.50 12.36 -8.62
N ALA A 292 -6.78 12.11 -8.46
CA ALA A 292 -7.66 13.04 -7.82
C ALA A 292 -7.08 13.43 -6.52
N VAL A 293 -7.12 14.70 -6.19
CA VAL A 293 -6.58 15.13 -4.92
C VAL A 293 -7.70 15.64 -4.11
N GLY A 294 -7.37 16.17 -2.94
CA GLY A 294 -8.32 16.66 -1.97
C GLY A 294 -8.88 15.51 -1.18
N LYS A 295 -10.07 15.63 -0.64
CA LYS A 295 -10.59 14.56 0.19
C LYS A 295 -11.46 13.72 -0.67
N CYS A 296 -10.95 12.61 -1.18
CA CYS A 296 -11.68 11.83 -2.21
C CYS A 296 -12.33 10.48 -1.79
N PRO A 297 -13.11 9.90 -2.69
CA PRO A 297 -13.31 8.48 -2.48
C PRO A 297 -12.10 7.73 -2.99
N ARG A 298 -12.09 6.44 -2.83
CA ARG A 298 -10.94 5.65 -3.30
C ARG A 298 -11.05 5.37 -4.77
N TYR A 299 -9.93 5.46 -5.46
CA TYR A 299 -9.90 5.05 -6.85
C TYR A 299 -10.12 3.60 -6.90
N VAL A 300 -10.90 3.11 -7.83
CA VAL A 300 -10.89 1.69 -8.14
C VAL A 300 -10.97 1.48 -9.64
N LYS A 301 -10.66 0.26 -10.07
CA LYS A 301 -10.63 -0.06 -11.49
C LYS A 301 -12.04 -0.33 -11.95
N GLN A 302 -12.82 -0.86 -11.04
CA GLN A 302 -14.15 -1.28 -11.35
C GLN A 302 -14.96 -0.10 -11.81
N ARG A 303 -15.77 -0.28 -12.84
CA ARG A 303 -16.69 0.78 -13.16
C ARG A 303 -17.88 0.79 -12.22
N SER A 304 -18.44 -0.38 -11.93
CA SER A 304 -19.66 -0.49 -11.09
C SER A 304 -19.50 -1.61 -10.06
N LEU A 305 -20.05 -1.41 -8.89
CA LEU A 305 -20.04 -2.44 -7.89
C LEU A 305 -21.34 -2.28 -7.18
N LEU A 306 -22.29 -3.16 -7.48
CA LEU A 306 -23.65 -3.01 -7.00
C LEU A 306 -23.83 -3.70 -5.66
N LEU A 307 -24.24 -2.91 -4.68
CA LEU A 307 -24.49 -3.35 -3.28
C LEU A 307 -26.00 -3.53 -3.08
N ALA A 308 -26.38 -4.63 -2.47
CA ALA A 308 -27.78 -5.00 -2.44
C ALA A 308 -28.42 -4.27 -1.29
N THR A 309 -29.66 -3.83 -1.50
CA THR A 309 -30.45 -3.23 -0.45
C THR A 309 -31.84 -3.88 -0.29
N GLY A 310 -31.98 -5.08 -0.82
CA GLY A 310 -33.23 -5.82 -0.69
C GLY A 310 -32.95 -7.30 -0.71
N MET A 311 -34.01 -8.06 -0.65
CA MET A 311 -33.90 -9.51 -0.72
C MET A 311 -33.73 -10.06 -2.15
N LYS A 312 -33.53 -11.36 -2.23
CA LYS A 312 -33.78 -12.14 -3.45
C LYS A 312 -35.15 -11.81 -4.16
N ASN A 313 -35.09 -11.37 -5.43
CA ASN A 313 -36.31 -11.24 -6.24
C ASN A 313 -36.66 -12.61 -6.83
N VAL A 314 -37.77 -13.21 -6.37
CA VAL A 314 -38.30 -14.47 -6.94
C VAL A 314 -39.76 -14.24 -7.35
N PRO A 315 -40.04 -14.18 -8.67
CA PRO A 315 -41.42 -14.23 -9.22
C PRO A 315 -41.79 -15.64 -9.80
N GLU A 316 -42.94 -15.82 -10.49
CA GLU A 316 -43.34 -17.16 -11.06
C GLU A 316 -42.84 -17.41 -12.50
N GLY B 1 -29.72 -18.44 -0.80
CA GLY B 1 -28.67 -19.12 0.04
C GLY B 1 -29.11 -19.17 1.49
N LEU B 2 -28.63 -20.20 2.20
CA LEU B 2 -28.86 -20.35 3.67
C LEU B 2 -30.33 -20.40 4.08
N PHE B 3 -30.58 -20.70 5.35
CA PHE B 3 -31.86 -20.40 6.04
C PHE B 3 -33.20 -20.95 5.49
N GLY B 4 -33.33 -21.09 4.17
CA GLY B 4 -34.32 -22.00 3.56
C GLY B 4 -35.54 -21.32 2.97
N ALA B 5 -35.93 -20.19 3.57
CA ALA B 5 -37.19 -19.54 3.24
C ALA B 5 -37.20 -18.89 1.85
N ILE B 6 -36.54 -17.74 1.73
CA ILE B 6 -36.66 -16.90 0.54
C ILE B 6 -36.02 -17.63 -0.64
N ALA B 7 -36.78 -17.75 -1.74
CA ALA B 7 -36.48 -18.71 -2.80
C ALA B 7 -36.00 -20.06 -2.24
N GLY B 8 -36.95 -20.91 -1.86
CA GLY B 8 -36.64 -22.21 -1.25
C GLY B 8 -37.94 -22.93 -0.95
N PHE B 9 -38.20 -23.26 0.32
CA PHE B 9 -39.45 -23.92 0.68
C PHE B 9 -40.63 -22.96 0.47
N ILE B 10 -40.43 -21.65 0.69
CA ILE B 10 -41.40 -20.63 0.20
C ILE B 10 -41.21 -20.43 -1.29
N GLU B 11 -42.11 -21.07 -2.03
CA GLU B 11 -41.95 -21.33 -3.43
C GLU B 11 -42.22 -19.97 -4.08
N ASN B 12 -41.16 -19.32 -4.56
CA ASN B 12 -41.20 -17.94 -5.06
C ASN B 12 -41.83 -16.95 -4.03
N GLY B 13 -42.27 -15.76 -4.48
CA GLY B 13 -42.77 -14.72 -3.57
C GLY B 13 -43.60 -13.74 -4.34
N TRP B 14 -44.08 -12.72 -3.64
CA TRP B 14 -45.31 -11.99 -4.03
C TRP B 14 -45.19 -10.57 -4.59
N GLU B 15 -45.31 -10.44 -5.91
CA GLU B 15 -45.36 -9.13 -6.58
C GLU B 15 -46.59 -8.33 -6.15
N GLY B 16 -47.66 -9.02 -5.79
CA GLY B 16 -48.84 -8.38 -5.23
C GLY B 16 -48.46 -7.47 -4.09
N LEU B 17 -47.71 -8.00 -3.13
CA LEU B 17 -47.51 -7.33 -1.83
C LEU B 17 -46.66 -6.08 -1.94
N ILE B 18 -47.24 -4.91 -1.72
CA ILE B 18 -46.51 -3.63 -1.92
C ILE B 18 -46.41 -2.73 -0.67
N ASP B 19 -46.80 -3.26 0.50
CA ASP B 19 -46.88 -2.52 1.77
C ASP B 19 -45.64 -2.69 2.66
N GLY B 20 -44.68 -3.48 2.19
CA GLY B 20 -43.45 -3.78 2.93
C GLY B 20 -42.63 -4.87 2.25
N TRP B 21 -41.86 -5.59 3.05
CA TRP B 21 -41.04 -6.72 2.57
C TRP B 21 -41.77 -8.04 2.81
N TYR B 22 -42.27 -8.21 4.03
CA TYR B 22 -42.91 -9.46 4.50
C TYR B 22 -44.42 -9.34 4.70
N GLY B 23 -45.13 -10.47 4.80
CA GLY B 23 -46.58 -10.44 5.00
C GLY B 23 -47.32 -11.76 5.13
N PHE B 24 -48.66 -11.66 5.35
CA PHE B 24 -49.58 -12.81 5.40
C PHE B 24 -50.67 -12.75 4.31
N ARG B 25 -50.75 -13.76 3.44
CA ARG B 25 -51.90 -13.97 2.55
C ARG B 25 -52.70 -15.05 3.29
N HIS B 26 -54.00 -14.80 3.54
CA HIS B 26 -54.92 -15.80 4.12
C HIS B 26 -56.11 -16.17 3.18
N GLN B 27 -56.91 -17.16 3.59
CA GLN B 27 -58.27 -17.35 3.03
C GLN B 27 -59.16 -18.04 4.07
N ASN B 28 -60.42 -17.58 4.19
CA ASN B 28 -61.28 -17.94 5.34
C ASN B 28 -62.79 -17.85 5.00
N ALA B 29 -63.60 -17.39 5.98
CA ALA B 29 -64.90 -16.73 5.76
C ALA B 29 -64.97 -15.88 4.46
N GLN B 30 -64.64 -14.58 4.50
CA GLN B 30 -64.78 -13.69 3.30
C GLN B 30 -64.04 -14.17 2.05
N GLY B 31 -62.79 -14.64 2.23
CA GLY B 31 -61.90 -14.96 1.13
C GLY B 31 -60.51 -14.39 1.40
N GLU B 32 -59.76 -14.11 0.33
CA GLU B 32 -58.32 -13.73 0.44
C GLU B 32 -58.04 -12.26 0.85
N GLY B 33 -57.07 -12.10 1.75
CA GLY B 33 -56.59 -10.80 2.19
C GLY B 33 -55.09 -10.87 2.51
N THR B 34 -54.39 -9.79 2.19
CA THR B 34 -52.95 -9.68 2.33
C THR B 34 -52.57 -8.37 3.08
N ALA B 35 -51.85 -8.52 4.19
CA ALA B 35 -51.43 -7.37 5.04
C ALA B 35 -49.98 -7.58 5.49
N ALA B 36 -49.11 -6.59 5.19
CA ALA B 36 -47.68 -6.69 5.46
C ALA B 36 -47.33 -6.61 6.97
N ASP B 37 -46.32 -7.38 7.42
CA ASP B 37 -45.84 -7.38 8.83
C ASP B 37 -44.75 -6.32 9.05
N TYR B 38 -45.14 -5.14 9.55
CA TYR B 38 -44.25 -3.97 9.68
C TYR B 38 -43.04 -4.17 10.63
N LYS B 39 -43.12 -5.10 11.59
CA LYS B 39 -42.00 -5.30 12.49
C LYS B 39 -40.87 -6.11 11.88
N SER B 40 -41.21 -7.15 11.14
CA SER B 40 -40.21 -7.86 10.33
C SER B 40 -39.71 -7.01 9.14
N THR B 41 -40.63 -6.27 8.49
CA THR B 41 -40.30 -5.31 7.38
C THR B 41 -39.33 -4.22 7.85
N GLN B 42 -39.59 -3.62 9.01
CA GLN B 42 -38.70 -2.59 9.56
C GLN B 42 -37.40 -3.16 10.20
N SER B 43 -37.39 -4.43 10.59
CA SER B 43 -36.18 -5.05 11.15
C SER B 43 -35.11 -5.23 10.09
N ALA B 44 -35.54 -5.71 8.92
CA ALA B 44 -34.68 -5.85 7.73
C ALA B 44 -34.19 -4.49 7.24
N ILE B 45 -35.14 -3.62 6.93
CA ILE B 45 -34.85 -2.27 6.56
C ILE B 45 -33.86 -1.61 7.54
N ASP B 46 -34.17 -1.56 8.84
CA ASP B 46 -33.24 -0.95 9.84
C ASP B 46 -31.81 -1.54 9.90
N GLN B 47 -31.66 -2.80 9.50
CA GLN B 47 -30.34 -3.44 9.37
C GLN B 47 -29.61 -3.05 8.05
N ILE B 48 -30.29 -3.13 6.90
CA ILE B 48 -29.67 -2.68 5.65
C ILE B 48 -29.27 -1.24 5.91
N THR B 49 -30.24 -0.41 6.29
CA THR B 49 -30.00 0.99 6.65
C THR B 49 -28.62 1.22 7.23
N GLY B 50 -28.35 0.50 8.34
CA GLY B 50 -27.12 0.60 9.11
C GLY B 50 -25.84 0.33 8.35
N LYS B 51 -25.91 -0.58 7.37
CA LYS B 51 -24.84 -0.74 6.37
C LYS B 51 -24.61 0.49 5.51
N LEU B 52 -25.62 0.96 4.80
CA LEU B 52 -25.43 2.15 4.00
C LEU B 52 -24.77 3.30 4.74
N ASN B 53 -25.19 3.53 5.99
CA ASN B 53 -24.63 4.67 6.79
C ASN B 53 -23.21 4.41 7.25
N ARG B 54 -22.67 3.22 6.95
CA ARG B 54 -21.28 2.85 7.20
C ARG B 54 -20.46 3.04 5.92
N LEU B 55 -21.02 2.61 4.79
CA LEU B 55 -20.29 2.60 3.52
C LEU B 55 -20.41 3.93 2.83
N ILE B 56 -21.57 4.57 2.96
CA ILE B 56 -21.74 5.96 2.50
C ILE B 56 -21.15 6.87 3.58
N ALA B 57 -19.87 7.23 3.41
CA ALA B 57 -18.98 7.70 4.50
C ALA B 57 -18.12 8.86 4.08
N LYS B 58 -17.81 9.74 5.04
CA LYS B 58 -16.92 10.93 4.83
C LYS B 58 -15.40 10.76 5.21
N THR B 59 -14.64 10.21 4.27
CA THR B 59 -13.18 10.04 4.43
C THR B 59 -12.43 11.39 4.37
N ASN B 60 -12.16 11.98 5.53
CA ASN B 60 -11.37 13.25 5.67
C ASN B 60 -9.89 13.09 5.22
N GLN B 61 -9.43 11.85 4.99
CA GLN B 61 -8.05 11.72 4.67
C GLN B 61 -7.84 12.49 3.42
N GLN B 62 -6.93 13.45 3.50
CA GLN B 62 -6.58 14.22 2.36
C GLN B 62 -5.34 13.66 1.76
N PHE B 63 -5.18 13.87 0.47
CA PHE B 63 -3.94 13.57 -0.26
C PHE B 63 -3.72 14.68 -1.22
N GLU B 64 -2.48 14.86 -1.64
CA GLU B 64 -2.10 15.95 -2.51
C GLU B 64 -1.30 15.42 -3.65
N LEU B 65 -0.93 16.25 -4.58
CA LEU B 65 -0.11 15.80 -5.69
C LEU B 65 1.32 15.39 -5.18
N ILE B 66 1.91 14.30 -5.70
CA ILE B 66 3.42 14.08 -5.61
C ILE B 66 4.12 14.04 -6.96
N ASP B 67 3.28 14.43 -7.92
CA ASP B 67 3.18 13.93 -9.25
C ASP B 67 3.08 15.21 -10.10
N ASN B 68 3.09 15.13 -11.43
CA ASN B 68 2.86 16.35 -12.24
C ASN B 68 2.33 16.14 -13.68
N GLU B 69 1.11 16.62 -13.94
CA GLU B 69 0.33 16.41 -15.19
C GLU B 69 0.87 17.24 -16.39
N PHE B 70 1.70 18.22 -16.10
CA PHE B 70 1.98 19.28 -17.03
C PHE B 70 3.47 19.33 -17.34
N ASN B 71 4.34 19.34 -16.35
CA ASN B 71 5.70 19.11 -16.65
C ASN B 71 6.08 17.86 -15.89
N GLU B 72 5.98 16.69 -16.56
CA GLU B 72 6.22 15.41 -15.92
C GLU B 72 7.56 15.44 -15.18
N VAL B 73 7.52 14.89 -13.99
CA VAL B 73 8.67 14.80 -13.10
C VAL B 73 9.79 13.91 -13.58
N GLU B 74 10.91 13.91 -12.85
CA GLU B 74 12.06 13.07 -13.20
C GLU B 74 11.60 11.66 -13.42
N LYS B 75 12.33 10.97 -14.28
CA LYS B 75 11.88 9.71 -14.77
C LYS B 75 11.95 8.63 -13.73
N GLN B 76 12.98 8.68 -12.86
CA GLN B 76 13.21 7.57 -11.94
C GLN B 76 12.13 7.48 -10.87
N ILE B 77 11.95 8.61 -10.20
CA ILE B 77 10.93 8.81 -9.13
C ILE B 77 9.53 8.68 -9.66
N GLY B 78 9.34 9.09 -10.90
CA GLY B 78 8.07 8.95 -11.55
C GLY B 78 7.65 7.49 -11.65
N ASN B 79 8.57 6.63 -12.06
CA ASN B 79 8.27 5.22 -12.17
C ASN B 79 8.05 4.57 -10.78
N VAL B 80 8.74 5.07 -9.74
CA VAL B 80 8.48 4.59 -8.39
C VAL B 80 7.10 4.94 -7.95
N ILE B 81 6.70 6.15 -8.26
CA ILE B 81 5.41 6.60 -7.79
C ILE B 81 4.27 5.74 -8.36
N ASN B 82 4.26 5.62 -9.70
CA ASN B 82 3.22 4.87 -10.41
C ASN B 82 3.17 3.50 -9.82
N TRP B 83 4.33 2.91 -9.64
CA TRP B 83 4.39 1.62 -9.04
C TRP B 83 3.64 1.54 -7.70
N THR B 84 4.04 2.46 -6.82
CA THR B 84 3.52 2.54 -5.48
C THR B 84 2.02 2.72 -5.64
N ARG B 85 1.67 3.61 -6.57
CA ARG B 85 0.32 3.98 -6.79
C ARG B 85 -0.48 2.81 -7.21
N ASP B 86 -0.02 2.16 -8.26
CA ASP B 86 -0.75 1.05 -8.85
C ASP B 86 -0.82 -0.15 -7.92
N SER B 87 0.26 -0.28 -7.14
CA SER B 87 0.36 -1.29 -6.09
C SER B 87 -0.85 -1.10 -5.16
N ILE B 88 -1.20 0.17 -4.88
CA ILE B 88 -2.40 0.51 -4.04
C ILE B 88 -3.80 0.36 -4.73
N THR B 89 -4.09 1.13 -5.79
CA THR B 89 -5.20 0.81 -6.74
C THR B 89 -5.60 -0.68 -6.75
N GLU B 90 -4.60 -1.59 -6.83
CA GLU B 90 -4.83 -3.05 -6.67
C GLU B 90 -5.52 -3.37 -5.39
N VAL B 91 -4.93 -2.92 -4.31
CA VAL B 91 -5.44 -3.21 -2.98
C VAL B 91 -6.88 -2.83 -2.78
N TRP B 92 -7.22 -1.62 -3.22
CA TRP B 92 -8.55 -1.11 -3.06
C TRP B 92 -9.54 -1.75 -4.00
N SER B 93 -9.15 -1.97 -5.22
CA SER B 93 -10.00 -2.72 -6.11
C SER B 93 -10.39 -4.11 -5.53
N TYR B 94 -9.40 -4.82 -5.02
CA TYR B 94 -9.59 -6.04 -4.22
C TYR B 94 -10.53 -5.78 -3.03
N ASN B 95 -10.14 -4.83 -2.18
CA ASN B 95 -10.80 -4.57 -0.92
C ASN B 95 -12.26 -4.28 -1.23
N ALA B 96 -12.55 -3.55 -2.33
CA ALA B 96 -13.92 -3.03 -2.63
C ALA B 96 -14.80 -4.13 -3.11
N GLU B 97 -14.30 -4.80 -4.14
CA GLU B 97 -14.95 -5.96 -4.68
C GLU B 97 -15.39 -6.90 -3.57
N LEU B 98 -14.44 -7.27 -2.69
CA LEU B 98 -14.69 -8.28 -1.69
C LEU B 98 -15.66 -7.78 -0.67
N LEU B 99 -15.56 -6.51 -0.30
CA LEU B 99 -16.52 -5.92 0.66
C LEU B 99 -17.96 -6.07 0.14
N ILE B 100 -18.15 -5.69 -1.12
CA ILE B 100 -19.49 -5.64 -1.70
C ILE B 100 -20.13 -7.05 -1.81
N ALA B 101 -19.32 -8.05 -2.09
CA ALA B 101 -19.82 -9.42 -2.16
C ALA B 101 -20.09 -9.99 -0.77
N MET B 102 -19.17 -9.76 0.14
CA MET B 102 -19.34 -10.18 1.48
C MET B 102 -20.66 -9.60 1.99
N GLU B 103 -20.86 -8.28 1.91
CA GLU B 103 -22.08 -7.67 2.44
C GLU B 103 -23.33 -8.07 1.64
N ASN B 104 -23.25 -8.29 0.31
CA ASN B 104 -24.41 -8.78 -0.48
C ASN B 104 -24.81 -10.19 -0.05
N GLN B 105 -23.83 -11.02 0.27
CA GLN B 105 -24.08 -12.36 0.78
C GLN B 105 -24.83 -12.24 2.11
N HIS B 106 -24.40 -11.31 2.99
CA HIS B 106 -25.04 -11.12 4.32
C HIS B 106 -26.36 -10.38 4.20
N THR B 107 -26.44 -9.38 3.31
CA THR B 107 -27.69 -8.64 3.01
C THR B 107 -28.84 -9.62 2.67
N ILE B 108 -28.53 -10.59 1.79
CA ILE B 108 -29.44 -11.65 1.30
C ILE B 108 -29.81 -12.69 2.36
N ASP B 109 -28.78 -13.31 2.93
CA ASP B 109 -28.95 -14.27 4.01
C ASP B 109 -29.56 -13.52 5.20
N LEU B 110 -29.36 -12.22 5.34
CA LEU B 110 -30.09 -11.49 6.37
C LEU B 110 -31.59 -11.42 6.10
N ALA B 111 -31.99 -11.30 4.83
CA ALA B 111 -33.41 -11.28 4.46
C ALA B 111 -34.14 -12.63 4.72
N ASP B 112 -33.56 -13.70 4.15
CA ASP B 112 -33.94 -15.09 4.44
C ASP B 112 -34.08 -15.30 5.97
N SER B 113 -33.17 -14.72 6.76
CA SER B 113 -33.27 -14.79 8.23
C SER B 113 -34.58 -14.25 8.78
N GLU B 114 -34.91 -13.00 8.48
CA GLU B 114 -36.09 -12.37 9.10
C GLU B 114 -37.41 -13.08 8.71
N MET B 115 -37.41 -13.82 7.58
CA MET B 115 -38.56 -14.66 7.18
C MET B 115 -38.67 -15.95 7.97
N ASP B 116 -37.57 -16.67 8.19
CA ASP B 116 -37.60 -17.88 9.02
C ASP B 116 -37.93 -17.59 10.49
N LYS B 117 -37.62 -16.39 10.96
CA LYS B 117 -37.99 -15.93 12.32
C LYS B 117 -39.46 -15.54 12.46
N LEU B 118 -40.14 -15.21 11.35
CA LEU B 118 -41.62 -14.98 11.31
C LEU B 118 -42.48 -16.30 11.24
N TYR B 119 -42.35 -17.07 10.15
CA TYR B 119 -42.89 -18.44 10.02
C TYR B 119 -42.80 -19.12 11.36
N GLU B 120 -41.59 -19.21 11.92
CA GLU B 120 -41.38 -19.95 13.16
C GLU B 120 -41.72 -19.20 14.48
N ARG B 121 -42.32 -18.02 14.42
CA ARG B 121 -43.02 -17.43 15.59
C ARG B 121 -44.57 -17.58 15.50
N VAL B 122 -45.11 -17.61 14.29
CA VAL B 122 -46.52 -17.93 14.01
C VAL B 122 -46.80 -19.47 14.16
N LYS B 123 -45.77 -20.31 14.23
CA LYS B 123 -45.93 -21.71 14.68
C LYS B 123 -46.00 -21.80 16.23
N ARG B 124 -45.33 -20.87 16.92
CA ARG B 124 -45.31 -20.82 18.39
C ARG B 124 -46.62 -20.26 18.99
N GLN B 125 -47.23 -19.29 18.29
CA GLN B 125 -48.61 -18.84 18.55
C GLN B 125 -49.59 -20.01 18.37
N LEU B 126 -49.57 -20.61 17.17
CA LEU B 126 -50.52 -21.67 16.76
C LEU B 126 -50.07 -23.09 17.21
N ARG B 127 -49.51 -23.16 18.42
CA ARG B 127 -49.42 -24.33 19.33
C ARG B 127 -49.69 -25.73 18.76
N GLU B 128 -50.84 -26.35 19.05
CA GLU B 128 -51.20 -27.59 18.34
C GLU B 128 -52.53 -27.45 17.58
N ASN B 129 -52.88 -26.21 17.18
CA ASN B 129 -54.15 -25.88 16.47
C ASN B 129 -54.09 -26.05 14.92
N ALA B 130 -52.86 -26.03 14.35
CA ALA B 130 -52.60 -26.07 12.89
C ALA B 130 -51.36 -26.89 12.50
N GLU B 131 -51.13 -27.06 11.19
CA GLU B 131 -49.98 -27.85 10.67
C GLU B 131 -49.13 -27.20 9.52
N GLU B 132 -47.87 -27.64 9.41
CA GLU B 132 -46.92 -27.19 8.36
C GLU B 132 -47.24 -27.75 6.97
N ASP B 133 -47.89 -26.94 6.13
CA ASP B 133 -48.36 -27.43 4.79
C ASP B 133 -47.27 -28.00 3.84
N GLY B 134 -46.04 -27.55 4.06
CA GLY B 134 -44.95 -27.76 3.12
C GLY B 134 -44.40 -26.39 2.82
N THR B 135 -44.93 -25.76 1.76
CA THR B 135 -44.42 -24.48 1.28
C THR B 135 -45.09 -23.29 1.96
N GLY B 136 -44.72 -23.07 3.21
CA GLY B 136 -44.87 -21.77 3.84
C GLY B 136 -46.25 -21.35 4.30
N CYS B 137 -47.17 -22.33 4.38
CA CYS B 137 -48.54 -22.14 4.93
C CYS B 137 -48.81 -23.08 6.12
N PHE B 138 -49.62 -22.56 7.04
CA PHE B 138 -50.23 -23.38 8.07
C PHE B 138 -51.67 -23.67 7.66
N GLU B 139 -52.15 -24.85 8.04
CA GLU B 139 -53.54 -25.21 7.90
C GLU B 139 -54.19 -24.98 9.25
N ILE B 140 -54.88 -23.85 9.39
CA ILE B 140 -55.65 -23.52 10.60
C ILE B 140 -56.85 -24.51 10.59
N PHE B 141 -56.70 -25.66 11.28
CA PHE B 141 -57.75 -26.68 11.32
C PHE B 141 -58.81 -26.26 12.35
N HIS B 142 -59.74 -25.43 11.83
CA HIS B 142 -60.83 -24.68 12.52
C HIS B 142 -60.96 -23.31 11.80
N LYS B 143 -62.18 -22.78 11.70
CA LYS B 143 -62.41 -21.50 11.00
C LYS B 143 -61.80 -20.32 11.80
N CYS B 144 -61.30 -19.34 11.05
CA CYS B 144 -60.64 -18.14 11.60
C CYS B 144 -61.14 -16.94 10.76
N ASP B 145 -62.12 -16.22 11.29
CA ASP B 145 -62.71 -15.06 10.58
C ASP B 145 -61.72 -13.87 10.49
N ASP B 146 -62.14 -12.76 9.88
CA ASP B 146 -61.31 -11.53 9.72
C ASP B 146 -61.22 -10.64 10.98
N ASP B 147 -61.50 -11.22 12.14
CA ASP B 147 -61.03 -10.73 13.43
C ASP B 147 -60.06 -11.75 14.08
N CYS B 148 -60.24 -13.05 13.76
CA CYS B 148 -59.32 -14.14 14.19
C CYS B 148 -58.00 -14.15 13.42
N MET B 149 -58.05 -13.84 12.13
CA MET B 149 -56.82 -13.56 11.38
C MET B 149 -56.05 -12.44 12.09
N ALA B 150 -56.71 -11.28 12.26
CA ALA B 150 -56.15 -10.08 12.94
C ALA B 150 -55.56 -10.27 14.35
N SER B 151 -55.98 -11.32 15.05
CA SER B 151 -55.43 -11.68 16.38
C SER B 151 -54.08 -12.39 16.30
N ILE B 152 -53.83 -13.08 15.19
CA ILE B 152 -52.53 -13.66 14.89
C ILE B 152 -51.57 -12.53 14.44
N ARG B 153 -52.10 -11.66 13.57
CA ARG B 153 -51.40 -10.49 13.00
C ARG B 153 -50.88 -9.49 14.01
N ASN B 154 -51.59 -9.22 15.09
CA ASN B 154 -51.09 -8.31 16.14
C ASN B 154 -50.57 -9.05 17.37
N ASN B 155 -50.27 -10.34 17.22
CA ASN B 155 -49.80 -11.19 18.32
C ASN B 155 -50.61 -11.06 19.63
N THR B 156 -51.89 -11.41 19.54
CA THR B 156 -52.74 -11.78 20.69
C THR B 156 -53.09 -13.28 20.67
N TYR B 157 -53.48 -13.78 19.48
CA TYR B 157 -54.05 -15.13 19.27
C TYR B 157 -53.76 -16.12 20.39
N ASP B 158 -54.76 -16.35 21.25
CA ASP B 158 -54.74 -17.43 22.27
C ASP B 158 -55.08 -18.74 21.55
N HIS B 159 -54.18 -19.72 21.67
CA HIS B 159 -54.41 -21.08 21.14
C HIS B 159 -55.38 -21.88 22.03
N ARG B 160 -55.54 -21.47 23.31
CA ARG B 160 -56.52 -22.08 24.24
C ARG B 160 -57.94 -22.04 23.69
N LYS B 161 -58.36 -20.91 23.12
CA LYS B 161 -59.67 -20.81 22.52
C LYS B 161 -59.91 -21.96 21.55
N TYR B 162 -59.17 -22.00 20.45
CA TYR B 162 -59.49 -22.93 19.37
C TYR B 162 -58.86 -24.34 19.53
N ARG B 163 -58.05 -24.56 20.58
CA ARG B 163 -57.42 -25.88 20.85
C ARG B 163 -58.46 -27.00 20.95
N GLU B 164 -59.52 -26.74 21.71
CA GLU B 164 -60.61 -27.69 21.86
C GLU B 164 -61.18 -28.00 20.49
N GLU B 165 -61.41 -26.95 19.69
CA GLU B 165 -61.95 -27.12 18.33
C GLU B 165 -61.02 -27.91 17.39
N ALA B 166 -59.76 -27.48 17.26
CA ALA B 166 -58.75 -28.16 16.42
C ALA B 166 -58.46 -29.60 16.84
N MET B 167 -58.39 -29.86 18.16
CA MET B 167 -58.14 -31.22 18.77
C MET B 167 -58.76 -32.38 17.99
N GLN B 168 -60.08 -32.31 17.83
CA GLN B 168 -60.82 -33.26 17.01
C GLN B 168 -60.70 -32.86 15.53
N ASN B 169 -61.05 -31.60 15.20
CA ASN B 169 -61.08 -31.13 13.80
C ASN B 169 -59.89 -31.68 13.03
N ARG B 170 -58.72 -31.66 13.68
CA ARG B 170 -57.47 -32.23 13.14
C ARG B 170 -57.42 -33.78 12.99
N ILE B 171 -58.58 -34.45 13.01
CA ILE B 171 -58.63 -35.89 12.84
C ILE B 171 -59.71 -36.18 11.82
N ASP C 1 -46.55 -26.96 36.13
CA ASP C 1 -45.19 -27.57 35.95
C ASP C 1 -44.59 -27.25 34.55
N LYS C 2 -43.40 -26.60 34.50
CA LYS C 2 -42.79 -26.11 33.22
C LYS C 2 -41.25 -25.92 33.23
N ILE C 3 -40.69 -25.55 32.06
CA ILE C 3 -39.21 -25.39 31.82
C ILE C 3 -38.89 -24.22 30.86
N CYS C 4 -37.91 -23.38 31.22
CA CYS C 4 -37.49 -22.24 30.39
C CYS C 4 -35.98 -22.27 30.03
N LEU C 5 -35.68 -21.98 28.74
CA LEU C 5 -34.32 -21.70 28.25
C LEU C 5 -34.08 -20.20 28.14
N GLY C 6 -32.82 -19.83 28.25
CA GLY C 6 -32.41 -18.45 28.16
C GLY C 6 -30.91 -18.35 28.30
N HIS C 7 -30.46 -17.10 28.41
CA HIS C 7 -29.04 -16.75 28.35
C HIS C 7 -28.70 -15.68 29.41
N HIS C 8 -27.40 -15.51 29.69
CA HIS C 8 -26.97 -14.50 30.65
C HIS C 8 -27.02 -13.04 30.13
N ALA C 9 -26.84 -12.11 31.06
CA ALA C 9 -26.75 -10.67 30.80
C ALA C 9 -25.97 -9.99 31.92
N VAL C 10 -25.95 -8.67 31.98
CA VAL C 10 -25.37 -7.94 33.12
C VAL C 10 -25.96 -6.55 33.27
N SER C 11 -25.69 -5.95 34.43
CA SER C 11 -26.29 -4.68 34.85
C SER C 11 -26.06 -3.66 33.75
N ASN C 12 -24.79 -3.39 33.43
CA ASN C 12 -24.45 -2.66 32.19
C ASN C 12 -23.27 -3.33 31.48
N GLY C 13 -23.35 -3.33 30.15
CA GLY C 13 -22.34 -3.93 29.26
C GLY C 13 -21.52 -2.90 28.50
N THR C 14 -20.84 -3.36 27.44
CA THR C 14 -19.88 -2.55 26.68
C THR C 14 -20.44 -2.33 25.26
N LYS C 15 -20.50 -1.09 24.79
CA LYS C 15 -21.01 -0.80 23.43
C LYS C 15 -19.93 -1.01 22.39
N VAL C 16 -20.24 -1.86 21.40
CA VAL C 16 -19.37 -2.11 20.24
C VAL C 16 -20.15 -1.78 18.98
N ASN C 17 -19.51 -1.77 17.80
CA ASN C 17 -20.20 -1.67 16.50
C ASN C 17 -20.23 -2.98 15.76
N THR C 18 -21.31 -3.23 15.05
CA THR C 18 -21.36 -4.40 14.19
C THR C 18 -21.44 -3.89 12.80
N LEU C 19 -21.39 -4.82 11.86
CA LEU C 19 -21.54 -4.56 10.43
C LEU C 19 -22.79 -3.69 10.07
N THR C 20 -23.88 -3.87 10.83
CA THR C 20 -25.19 -3.22 10.62
C THR C 20 -25.61 -2.20 11.68
N GLU C 21 -24.84 -2.08 12.78
CA GLU C 21 -25.21 -1.23 13.92
C GLU C 21 -24.06 -0.45 14.52
N ARG C 22 -24.35 0.75 15.02
CA ARG C 22 -23.36 1.61 15.64
C ARG C 22 -23.73 1.68 17.06
N GLY C 23 -23.30 0.67 17.80
CA GLY C 23 -23.31 0.69 19.25
C GLY C 23 -24.28 -0.28 19.86
N VAL C 24 -24.12 -1.60 19.63
CA VAL C 24 -24.90 -2.63 20.38
C VAL C 24 -24.23 -2.97 21.69
N GLU C 25 -25.04 -3.02 22.73
CA GLU C 25 -24.58 -3.42 24.04
C GLU C 25 -24.26 -4.92 23.98
N VAL C 26 -23.05 -5.30 24.39
CA VAL C 26 -22.66 -6.72 24.57
C VAL C 26 -22.04 -6.90 25.93
N VAL C 27 -21.89 -8.16 26.32
CA VAL C 27 -21.48 -8.46 27.67
C VAL C 27 -20.01 -8.06 27.96
N ASN C 28 -19.03 -8.91 27.63
CA ASN C 28 -17.55 -8.62 27.69
C ASN C 28 -17.16 -8.32 26.20
N ALA C 29 -16.36 -7.26 26.01
CA ALA C 29 -15.59 -6.98 24.77
C ALA C 29 -14.14 -6.59 25.17
N THR C 30 -13.23 -6.65 24.21
CA THR C 30 -11.88 -6.19 24.48
C THR C 30 -11.32 -5.30 23.35
N GLU C 31 -10.39 -4.43 23.76
CA GLU C 31 -9.87 -3.35 22.92
C GLU C 31 -8.73 -3.90 22.03
N THR C 32 -8.77 -3.45 20.79
CA THR C 32 -8.05 -4.02 19.67
C THR C 32 -7.02 -3.04 19.10
N VAL C 33 -6.94 -1.83 19.65
CA VAL C 33 -5.95 -0.79 19.29
C VAL C 33 -5.13 -0.31 20.49
N GLU C 34 -3.82 -0.50 20.40
CA GLU C 34 -2.95 -0.21 21.49
C GLU C 34 -2.77 1.27 21.56
N ARG C 35 -3.04 1.80 22.75
CA ARG C 35 -2.88 3.21 23.09
C ARG C 35 -1.80 3.50 24.11
N THR C 36 -1.36 2.51 24.88
CA THR C 36 -0.50 2.77 26.01
C THR C 36 0.96 2.65 25.60
N ASN C 37 1.67 3.76 25.75
CA ASN C 37 3.10 3.89 25.51
C ASN C 37 3.86 3.57 26.80
N ILE C 38 5.16 3.41 26.68
CA ILE C 38 6.08 3.33 27.80
C ILE C 38 7.19 4.31 27.49
N PRO C 39 7.42 5.33 28.31
CA PRO C 39 8.36 6.40 27.95
C PRO C 39 9.84 6.09 28.08
N ARG C 40 10.27 4.92 27.61
CA ARG C 40 11.66 4.52 27.66
C ARG C 40 11.98 3.46 26.64
N ILE C 41 13.22 3.41 26.24
CA ILE C 41 13.67 2.46 25.25
C ILE C 41 13.90 1.13 25.92
N CYS C 42 12.79 0.43 26.13
CA CYS C 42 12.80 -0.90 26.72
C CYS C 42 13.87 -1.85 26.09
N SER C 43 15.07 -1.90 26.68
CA SER C 43 16.21 -2.53 26.03
C SER C 43 16.71 -3.79 26.68
N LYS C 44 15.89 -4.47 27.48
CA LYS C 44 16.37 -5.70 28.16
C LYS C 44 16.99 -6.66 27.16
N GLY C 45 18.06 -7.34 27.57
CA GLY C 45 18.71 -8.38 26.78
C GLY C 45 19.58 -7.87 25.65
N LYS C 46 19.47 -6.61 25.29
CA LYS C 46 19.91 -6.25 23.98
C LYS C 46 21.18 -5.43 24.01
N ARG C 47 22.14 -5.79 23.18
CA ARG C 47 23.41 -5.05 23.10
C ARG C 47 23.16 -3.67 22.54
N THR C 48 23.08 -2.68 23.43
CA THR C 48 22.63 -1.35 23.09
C THR C 48 23.73 -0.27 23.08
N VAL C 49 23.58 0.72 22.25
CA VAL C 49 24.56 1.76 22.18
C VAL C 49 23.76 3.04 22.09
N ASP C 50 23.88 3.89 23.10
CA ASP C 50 23.26 5.24 23.09
C ASP C 50 24.35 6.21 22.74
N LEU C 51 24.28 6.68 21.51
CA LEU C 51 25.29 7.58 20.97
C LEU C 51 25.33 8.90 21.73
N GLY C 52 24.20 9.40 22.24
CA GLY C 52 24.20 10.70 22.90
C GLY C 52 24.75 11.78 21.99
N GLN C 53 25.86 12.37 22.39
CA GLN C 53 26.43 13.51 21.68
C GLN C 53 27.23 13.13 20.45
N CYS C 54 27.40 11.86 20.17
CA CYS C 54 27.88 11.41 18.88
C CYS C 54 26.72 11.26 17.92
N GLY C 55 26.91 11.77 16.72
CA GLY C 55 25.97 11.58 15.61
C GLY C 55 26.39 10.40 14.75
N LEU C 56 25.42 9.62 14.27
CA LEU C 56 25.75 8.29 13.76
C LEU C 56 26.90 8.29 12.71
N LEU C 57 26.91 9.31 11.86
CA LEU C 57 27.90 9.41 10.82
C LEU C 57 29.24 9.78 11.43
N GLY C 58 29.25 10.40 12.62
CA GLY C 58 30.52 10.61 13.36
C GLY C 58 31.34 9.36 13.66
N THR C 59 30.68 8.21 13.79
CA THR C 59 31.39 7.00 14.07
C THR C 59 32.33 6.59 12.93
N ILE C 60 32.27 7.22 11.75
CA ILE C 60 33.29 6.98 10.72
C ILE C 60 34.40 8.04 10.73
N THR C 61 34.01 9.31 10.86
CA THR C 61 34.95 10.44 10.78
C THR C 61 35.80 10.53 12.04
N GLY C 62 35.12 10.44 13.19
CA GLY C 62 35.75 10.48 14.50
C GLY C 62 36.00 11.87 14.99
N PRO C 63 34.95 12.64 15.27
CA PRO C 63 35.17 13.84 16.03
C PRO C 63 35.19 13.55 17.53
N PRO C 64 35.77 14.46 18.32
CA PRO C 64 35.80 14.39 19.77
C PRO C 64 34.68 13.58 20.46
N GLN C 65 33.44 13.91 20.14
CA GLN C 65 32.22 13.33 20.75
C GLN C 65 32.17 11.83 20.55
N CYS C 66 32.52 11.48 19.30
CA CYS C 66 32.46 10.12 18.77
C CYS C 66 33.76 9.35 18.98
N ASP C 67 34.38 9.56 20.14
CA ASP C 67 35.67 8.99 20.38
C ASP C 67 35.39 7.65 21.01
N GLN C 68 34.57 7.62 22.05
CA GLN C 68 34.17 6.32 22.64
C GLN C 68 33.47 5.32 21.64
N PHE C 69 33.18 5.75 20.42
CA PHE C 69 32.36 4.98 19.48
C PHE C 69 33.00 4.54 18.16
N LEU C 70 34.26 4.84 17.94
CA LEU C 70 34.85 4.61 16.62
C LEU C 70 34.81 3.12 16.21
N GLU C 71 34.62 2.21 17.17
CA GLU C 71 34.40 0.81 16.86
C GLU C 71 33.25 0.23 17.69
N PHE C 72 32.17 0.99 17.86
CA PHE C 72 30.97 0.45 18.54
C PHE C 72 30.49 -0.87 17.94
N SER C 73 29.65 -1.57 18.72
CA SER C 73 29.17 -2.91 18.36
C SER C 73 27.85 -3.08 19.05
N ALA C 74 26.79 -3.49 18.32
CA ALA C 74 25.40 -3.36 18.83
C ALA C 74 24.28 -4.19 18.23
N ASP C 75 23.26 -4.37 19.03
CA ASP C 75 21.97 -4.83 18.56
C ASP C 75 21.08 -3.64 18.30
N LEU C 76 20.98 -2.70 19.22
CA LEU C 76 20.12 -1.55 19.04
C LEU C 76 21.04 -0.38 18.91
N ILE C 77 20.72 0.64 18.12
CA ILE C 77 21.47 1.89 18.14
C ILE C 77 20.49 3.03 18.34
N ILE C 78 20.75 3.82 19.38
CA ILE C 78 19.93 4.94 19.69
C ILE C 78 20.71 6.20 19.29
N GLU C 79 19.98 7.09 18.61
CA GLU C 79 20.49 8.36 18.10
C GLU C 79 19.87 9.47 18.93
N ARG C 80 20.61 10.53 19.19
CA ARG C 80 20.04 11.60 20.03
C ARG C 80 20.02 12.93 19.27
N ARG C 81 19.11 13.85 19.67
CA ARG C 81 19.08 15.19 19.07
C ARG C 81 20.33 15.99 19.46
N GLU C 82 20.76 15.88 20.72
CA GLU C 82 22.06 16.47 21.12
C GLU C 82 23.22 16.14 20.14
N GLY C 83 23.18 14.95 19.55
CA GLY C 83 24.31 14.38 18.82
C GLY C 83 24.68 15.03 17.53
N SER C 84 25.94 14.93 17.14
CA SER C 84 26.44 15.66 16.02
C SER C 84 27.56 14.98 15.25
N ASP C 85 27.52 15.04 13.91
CA ASP C 85 28.43 14.26 13.01
C ASP C 85 29.69 15.01 12.62
N VAL C 86 29.92 16.15 13.27
CA VAL C 86 30.97 16.99 12.79
C VAL C 86 31.54 17.82 13.92
N CYS C 87 32.77 18.31 13.72
CA CYS C 87 33.40 19.33 14.57
C CYS C 87 33.78 20.56 13.72
N TYR C 88 34.59 20.35 12.69
CA TYR C 88 34.82 21.42 11.73
C TYR C 88 33.58 21.50 10.89
N PRO C 89 32.80 22.64 10.98
CA PRO C 89 31.58 22.77 10.18
C PRO C 89 31.71 22.22 8.76
N GLY C 90 30.59 21.76 8.27
CA GLY C 90 30.51 21.08 7.00
C GLY C 90 29.45 20.05 7.18
N LYS C 91 29.31 19.19 6.20
CA LYS C 91 28.31 18.12 6.29
C LYS C 91 28.63 16.94 5.41
N PHE C 92 27.79 15.93 5.51
CA PHE C 92 28.04 14.69 4.83
C PHE C 92 27.21 14.77 3.54
N VAL C 93 27.88 14.59 2.40
CA VAL C 93 27.21 14.43 1.09
C VAL C 93 26.42 13.11 1.02
N ASN C 94 25.12 13.14 0.74
CA ASN C 94 24.29 11.93 0.59
C ASN C 94 24.08 11.33 1.97
N GLU C 95 23.82 12.23 2.94
CA GLU C 95 23.84 11.89 4.38
C GLU C 95 22.91 10.75 4.71
N GLU C 96 21.60 10.97 4.59
CA GLU C 96 20.64 10.10 5.23
C GLU C 96 20.73 8.66 4.77
N ALA C 97 21.12 8.40 3.51
CA ALA C 97 21.37 7.00 3.04
C ALA C 97 22.39 6.24 3.85
N LEU C 98 23.50 6.90 4.14
CA LEU C 98 24.54 6.37 5.02
C LEU C 98 24.02 5.96 6.38
N ARG C 99 23.23 6.79 7.04
CA ARG C 99 22.66 6.41 8.36
C ARG C 99 21.76 5.19 8.31
N GLN C 100 20.96 5.15 7.25
CA GLN C 100 20.10 4.00 6.95
C GLN C 100 21.05 2.72 6.86
N ILE C 101 22.28 2.87 6.33
CA ILE C 101 23.28 1.78 6.34
C ILE C 101 23.78 1.51 7.74
N LEU C 102 24.34 2.51 8.42
CA LEU C 102 24.97 2.29 9.72
C LEU C 102 23.99 1.85 10.81
N ARG C 103 22.74 2.25 10.70
CA ARG C 103 21.72 1.87 11.69
C ARG C 103 21.50 0.39 11.73
N GLU C 104 21.58 -0.24 10.57
CA GLU C 104 21.39 -1.68 10.41
C GLU C 104 22.72 -2.42 10.39
N SER C 105 23.85 -1.77 10.73
CA SER C 105 25.18 -2.39 10.56
C SER C 105 25.53 -3.42 11.63
N GLY C 106 24.88 -3.36 12.77
CA GLY C 106 25.35 -4.05 13.94
C GLY C 106 26.63 -3.46 14.50
N GLY C 107 27.05 -2.31 13.98
CA GLY C 107 28.23 -1.63 14.49
C GLY C 107 29.39 -1.85 13.58
N ILE C 108 30.39 -0.99 13.69
CA ILE C 108 31.46 -0.97 12.73
C ILE C 108 32.79 -1.35 13.34
N ASP C 109 33.71 -1.74 12.47
CA ASP C 109 35.01 -2.29 12.81
C ASP C 109 35.93 -1.57 11.87
N LYS C 110 36.98 -0.94 12.39
CA LYS C 110 37.87 -0.12 11.56
C LYS C 110 39.15 -0.89 11.18
N GLU C 111 39.82 -0.41 10.11
CA GLU C 111 41.08 -0.98 9.57
C GLU C 111 41.81 0.13 8.84
N THR C 112 43.13 0.24 8.99
CA THR C 112 43.79 1.39 8.37
C THR C 112 44.03 1.05 6.93
N MET C 113 44.03 2.11 6.12
CA MET C 113 44.15 2.04 4.68
C MET C 113 45.60 2.21 4.25
N GLY C 114 46.42 2.70 5.17
CA GLY C 114 47.86 2.69 4.98
C GLY C 114 48.32 3.65 3.91
N PHE C 115 48.07 4.93 4.16
CA PHE C 115 48.61 6.00 3.36
C PHE C 115 49.66 6.70 4.20
N THR C 116 50.89 6.85 3.69
CA THR C 116 51.88 7.81 4.25
C THR C 116 52.12 8.87 3.19
N TYR C 117 52.80 9.94 3.60
CA TYR C 117 52.87 11.15 2.77
C TYR C 117 54.27 11.83 2.65
N ASN C 118 54.73 11.91 1.38
CA ASN C 118 56.02 12.48 1.00
C ASN C 118 55.71 13.87 0.47
N GLY C 119 56.32 14.90 1.08
CA GLY C 119 56.24 16.30 0.59
C GLY C 119 55.02 17.16 0.90
N ILE C 120 54.31 16.85 1.99
CA ILE C 120 53.24 17.70 2.55
C ILE C 120 53.17 17.58 4.08
N ARG C 121 52.25 18.34 4.67
CA ARG C 121 51.81 18.11 6.03
C ARG C 121 50.73 16.98 6.03
N THR C 122 50.49 16.39 7.22
CA THR C 122 49.71 15.15 7.46
C THR C 122 48.78 15.31 8.71
N ASN C 123 48.43 16.54 9.07
CA ASN C 123 48.22 16.85 10.48
C ASN C 123 47.34 18.06 10.85
N GLY C 124 46.69 18.70 9.88
CA GLY C 124 46.11 20.03 10.10
C GLY C 124 44.99 20.01 11.11
N VAL C 125 45.04 20.88 12.10
CA VAL C 125 44.17 20.84 13.29
C VAL C 125 43.35 22.13 13.38
N THR C 126 42.22 22.10 14.10
CA THR C 126 41.37 23.28 14.28
C THR C 126 40.97 23.48 15.71
N SER C 127 40.61 24.71 16.03
CA SER C 127 40.14 25.07 17.36
C SER C 127 38.74 24.54 17.66
N ALA C 128 37.99 24.12 16.63
CA ALA C 128 36.66 23.50 16.85
C ALA C 128 36.69 21.97 17.14
N CYS C 129 37.78 21.28 16.81
CA CYS C 129 37.88 19.85 17.06
C CYS C 129 38.77 19.59 18.23
N LYS C 130 38.27 19.87 19.43
CA LYS C 130 39.14 19.90 20.59
C LYS C 130 39.39 18.55 21.29
N ARG C 131 40.66 18.08 21.30
CA ARG C 131 41.11 16.97 22.19
C ARG C 131 41.90 17.49 23.38
N SER C 132 43.18 17.14 23.54
CA SER C 132 44.05 17.92 24.40
C SER C 132 44.29 19.17 23.57
N GLY C 133 43.73 20.29 24.01
CA GLY C 133 43.85 21.57 23.29
C GLY C 133 42.99 21.59 22.03
N SER C 134 43.60 21.97 20.89
CA SER C 134 42.94 21.96 19.56
C SER C 134 43.42 20.76 18.75
N SER C 135 42.47 19.95 18.22
CA SER C 135 42.76 18.72 17.46
C SER C 135 41.90 18.57 16.17
N PHE C 136 41.60 17.34 15.72
CA PHE C 136 40.90 17.09 14.42
C PHE C 136 40.06 15.83 14.49
N TYR C 137 39.51 15.38 13.35
CA TYR C 137 38.97 14.01 13.21
C TYR C 137 40.06 12.95 13.33
N ALA C 138 39.71 11.88 14.05
CA ALA C 138 40.65 10.83 14.43
C ALA C 138 40.83 9.87 13.31
N GLU C 139 39.81 9.67 12.50
CA GLU C 139 39.92 8.71 11.41
C GLU C 139 40.42 9.35 10.10
N MET C 140 40.89 10.61 10.16
CA MET C 140 41.15 11.38 8.96
C MET C 140 42.39 12.23 9.22
N LYS C 141 42.89 12.92 8.19
CA LYS C 141 44.10 13.75 8.26
C LYS C 141 43.99 14.96 7.33
N TRP C 142 44.07 16.17 7.88
CA TRP C 142 43.99 17.38 7.03
C TRP C 142 45.29 17.49 6.26
N LEU C 143 45.25 17.15 4.97
CA LEU C 143 46.43 17.18 4.12
C LEU C 143 46.58 18.57 3.49
N LEU C 144 47.73 19.22 3.80
CA LEU C 144 48.08 20.61 3.39
C LEU C 144 49.33 20.67 2.45
N SER C 145 49.79 21.89 2.15
CA SER C 145 51.12 22.14 1.55
C SER C 145 52.19 22.54 2.63
N ASN C 146 53.46 22.24 2.34
CA ASN C 146 54.51 22.12 3.39
C ASN C 146 54.64 23.40 4.17
N THR C 147 54.81 24.53 3.47
CA THR C 147 54.61 25.84 4.12
C THR C 147 53.73 26.76 3.32
N ASP C 148 53.39 27.90 3.93
CA ASP C 148 52.38 28.84 3.44
C ASP C 148 52.54 29.12 1.95
N ASN C 149 51.44 28.96 1.21
CA ASN C 149 51.35 29.04 -0.28
C ASN C 149 52.05 27.93 -1.11
N ALA C 150 52.91 27.10 -0.48
CA ALA C 150 53.82 26.20 -1.19
C ALA C 150 53.09 25.14 -2.03
N ALA C 151 53.89 24.38 -2.78
CA ALA C 151 53.41 23.33 -3.68
C ALA C 151 52.58 22.26 -2.95
N PHE C 152 51.37 22.00 -3.44
CA PHE C 152 50.74 20.72 -3.16
C PHE C 152 51.07 19.76 -4.32
N PRO C 153 52.20 19.00 -4.24
CA PRO C 153 52.56 18.11 -5.37
C PRO C 153 51.48 17.05 -5.63
N GLN C 154 50.88 17.09 -6.83
CA GLN C 154 49.77 16.20 -7.28
C GLN C 154 50.03 14.75 -6.81
N MET C 155 49.02 14.13 -6.17
CA MET C 155 49.16 12.80 -5.54
C MET C 155 48.14 11.77 -6.01
N THR C 156 48.52 10.53 -5.79
CA THR C 156 47.63 9.39 -5.96
C THR C 156 47.97 8.39 -4.83
N LYS C 157 46.93 7.85 -4.17
CA LYS C 157 46.99 6.77 -3.16
C LYS C 157 45.93 5.74 -3.52
N SER C 158 45.96 4.55 -2.90
CA SER C 158 44.95 3.51 -3.18
C SER C 158 44.83 2.41 -2.13
N TYR C 159 43.61 1.96 -1.87
CA TYR C 159 43.35 0.96 -0.81
C TYR C 159 42.55 -0.20 -1.41
N LYS C 160 43.08 -1.41 -1.29
CA LYS C 160 42.33 -2.61 -1.65
C LYS C 160 41.63 -3.19 -0.43
N ASN C 161 40.30 -3.22 -0.53
CA ASN C 161 39.48 -4.06 0.32
C ASN C 161 40.04 -5.50 0.28
N THR C 162 40.81 -5.84 1.31
CA THR C 162 41.26 -7.21 1.56
C THR C 162 40.12 -8.14 1.88
N ARG C 163 39.12 -7.65 2.60
CA ARG C 163 38.12 -8.54 3.22
C ARG C 163 36.99 -8.96 2.32
N LYS C 164 36.25 -9.95 2.79
CA LYS C 164 35.09 -10.49 2.08
C LYS C 164 33.83 -9.63 2.15
N SER C 165 33.74 -8.78 3.19
CA SER C 165 32.65 -7.80 3.36
C SER C 165 32.98 -6.50 2.61
N PRO C 166 31.96 -5.65 2.35
CA PRO C 166 32.29 -4.36 1.72
C PRO C 166 32.81 -3.38 2.78
N ALA C 167 33.47 -2.32 2.34
CA ALA C 167 33.99 -1.30 3.25
C ALA C 167 33.15 -0.03 3.18
N ILE C 168 33.55 1.01 3.89
CA ILE C 168 32.97 2.34 3.72
C ILE C 168 34.17 3.24 3.66
N ILE C 169 34.33 3.93 2.56
CA ILE C 169 35.45 4.82 2.41
C ILE C 169 34.94 6.23 2.54
N VAL C 170 35.66 7.06 3.30
CA VAL C 170 35.24 8.46 3.52
C VAL C 170 36.36 9.40 3.18
N TRP C 171 36.01 10.62 2.81
CA TRP C 171 36.99 11.68 2.54
C TRP C 171 36.23 13.00 2.50
N GLY C 172 36.98 14.08 2.63
CA GLY C 172 36.41 15.42 2.72
C GLY C 172 37.04 16.40 1.75
N ILE C 173 36.24 17.37 1.33
CA ILE C 173 36.73 18.45 0.53
C ILE C 173 36.68 19.66 1.41
N HIS C 174 37.71 20.51 1.30
CA HIS C 174 37.78 21.72 2.10
C HIS C 174 37.48 22.99 1.29
N HIS C 175 36.33 23.54 1.61
CA HIS C 175 35.90 24.79 1.07
C HIS C 175 36.43 25.83 2.09
N SER C 176 37.56 26.42 1.69
CA SER C 176 38.28 27.45 2.45
C SER C 176 37.63 28.83 2.26
N VAL C 177 37.54 29.59 3.35
CA VAL C 177 36.77 30.89 3.38
C VAL C 177 36.99 31.87 2.14
N SER C 178 38.08 31.70 1.35
CA SER C 178 38.38 32.50 0.12
C SER C 178 39.46 31.87 -0.84
N THR C 179 39.53 32.35 -2.10
CA THR C 179 40.58 31.94 -3.11
C THR C 179 42.00 32.29 -2.66
N ALA C 180 42.10 33.49 -2.08
CA ALA C 180 43.24 33.94 -1.30
C ALA C 180 43.70 32.93 -0.24
N GLU C 181 42.77 32.50 0.60
CA GLU C 181 43.02 31.54 1.68
C GLU C 181 43.19 30.05 1.19
N GLN C 182 42.53 29.68 0.08
CA GLN C 182 42.75 28.37 -0.59
C GLN C 182 44.23 28.20 -0.90
N THR C 183 44.88 29.30 -1.32
CA THR C 183 46.34 29.33 -1.48
C THR C 183 47.11 29.19 -0.14
N LYS C 184 47.01 30.15 0.77
CA LYS C 184 47.58 30.03 2.13
C LYS C 184 47.71 28.57 2.66
N LEU C 185 46.69 27.73 2.35
CA LEU C 185 46.74 26.30 2.67
C LEU C 185 47.46 25.45 1.61
N TYR C 186 46.88 25.32 0.42
CA TYR C 186 47.30 24.27 -0.54
C TYR C 186 48.14 24.77 -1.77
N GLY C 187 48.10 26.06 -2.08
CA GLY C 187 48.67 26.63 -3.33
C GLY C 187 47.56 26.89 -4.31
N SER C 188 47.86 27.59 -5.41
CA SER C 188 46.83 28.14 -6.33
C SER C 188 46.37 27.22 -7.48
N GLY C 189 45.38 27.72 -8.24
CA GLY C 189 44.90 27.05 -9.47
C GLY C 189 43.72 26.12 -9.24
N ASN C 190 43.14 25.63 -10.35
CA ASN C 190 42.04 24.59 -10.40
C ASN C 190 42.30 23.42 -9.43
N LYS C 191 41.72 23.43 -8.21
CA LYS C 191 42.11 22.42 -7.18
C LYS C 191 41.35 21.08 -7.29
N LEU C 192 41.77 20.20 -8.20
CA LEU C 192 41.02 18.96 -8.51
C LEU C 192 41.33 17.76 -7.60
N VAL C 193 40.35 17.38 -6.75
CA VAL C 193 40.28 16.06 -6.09
C VAL C 193 39.47 15.11 -6.99
N THR C 194 40.05 13.96 -7.32
CA THR C 194 39.39 12.96 -8.17
C THR C 194 39.28 11.68 -7.37
N VAL C 195 38.25 10.89 -7.67
CA VAL C 195 37.91 9.67 -6.89
C VAL C 195 37.42 8.55 -7.82
N GLY C 196 38.33 7.63 -8.13
CA GLY C 196 38.01 6.46 -8.94
C GLY C 196 37.96 5.22 -8.07
N SER C 197 36.82 4.55 -8.04
CA SER C 197 36.71 3.23 -7.45
C SER C 197 36.94 2.24 -8.60
N SER C 198 35.94 1.42 -8.84
CA SER C 198 35.72 0.78 -10.12
C SER C 198 34.20 0.81 -10.46
N ASN C 199 33.30 0.46 -9.53
CA ASN C 199 31.84 0.57 -9.76
C ASN C 199 31.32 1.98 -9.43
N TYR C 200 32.12 2.99 -9.79
CA TYR C 200 31.97 4.39 -9.35
C TYR C 200 33.23 5.11 -9.88
N GLN C 201 33.06 6.27 -10.53
CA GLN C 201 34.14 7.29 -10.72
C GLN C 201 33.47 8.66 -10.49
N GLN C 202 34.25 9.74 -10.44
CA GLN C 202 33.76 11.07 -10.08
C GLN C 202 34.87 11.97 -9.64
N SER C 203 34.61 13.28 -9.59
CA SER C 203 35.60 14.24 -9.11
C SER C 203 34.98 15.42 -8.38
N PHE C 204 35.84 16.13 -7.63
CA PHE C 204 35.48 17.17 -6.67
C PHE C 204 36.49 18.30 -6.75
N VAL C 205 36.02 19.53 -7.01
CA VAL C 205 36.88 20.75 -6.98
C VAL C 205 36.27 21.70 -5.95
N PRO C 206 37.09 22.14 -4.96
CA PRO C 206 36.58 22.97 -3.90
C PRO C 206 36.01 24.25 -4.45
N SER C 207 34.94 24.73 -3.81
CA SER C 207 34.40 26.06 -4.05
C SER C 207 34.60 26.94 -2.80
N PRO C 208 35.73 27.66 -2.76
CA PRO C 208 36.04 28.60 -1.69
C PRO C 208 35.35 29.93 -1.80
N GLY C 209 35.25 30.60 -0.66
CA GLY C 209 34.54 31.89 -0.57
C GLY C 209 33.80 32.13 0.75
N ALA C 210 33.08 33.26 0.81
CA ALA C 210 32.40 33.73 2.03
C ALA C 210 31.20 32.89 2.44
N ARG C 211 31.12 32.55 3.72
CA ARG C 211 29.91 31.95 4.30
C ARG C 211 29.96 31.96 5.83
N PRO C 212 28.81 32.26 6.49
CA PRO C 212 28.86 32.82 7.84
C PRO C 212 29.41 31.87 8.89
N GLN C 213 29.87 32.45 9.99
CA GLN C 213 30.67 31.72 10.94
C GLN C 213 29.79 30.70 11.67
N VAL C 214 30.22 29.43 11.66
CA VAL C 214 29.55 28.33 12.42
C VAL C 214 30.62 27.67 13.33
N ASN C 215 30.34 27.55 14.64
CA ASN C 215 31.37 27.41 15.70
C ASN C 215 32.39 28.54 15.55
N GLY C 216 31.94 29.76 15.18
CA GLY C 216 32.84 30.90 14.93
C GLY C 216 33.92 30.75 13.86
N LEU C 217 33.69 29.86 12.89
CA LEU C 217 34.61 29.58 11.77
C LEU C 217 33.84 29.66 10.44
N SER C 218 34.41 30.35 9.47
CA SER C 218 33.70 30.63 8.23
C SER C 218 33.93 29.59 7.13
N GLY C 219 34.77 28.57 7.38
CA GLY C 219 35.03 27.51 6.39
C GLY C 219 34.03 26.36 6.48
N ARG C 220 34.13 25.45 5.51
CA ARG C 220 33.42 24.17 5.58
C ARG C 220 34.25 23.00 5.06
N ILE C 221 34.21 21.87 5.78
CA ILE C 221 34.66 20.58 5.26
C ILE C 221 33.43 19.68 5.11
N ASP C 222 33.00 19.42 3.87
CA ASP C 222 32.00 18.36 3.63
C ASP C 222 32.62 17.03 3.14
N PHE C 223 32.05 15.94 3.70
CA PHE C 223 32.57 14.59 3.59
C PHE C 223 31.74 13.89 2.53
N HIS C 224 32.39 13.05 1.73
CA HIS C 224 31.70 12.18 0.73
C HIS C 224 32.10 10.76 0.99
N TRP C 225 31.37 9.82 0.36
CA TRP C 225 31.56 8.42 0.69
C TRP C 225 31.11 7.44 -0.35
N LEU C 226 31.76 6.26 -0.38
CA LEU C 226 31.44 5.15 -1.29
C LEU C 226 31.55 3.79 -0.62
N ILE C 227 30.82 2.81 -1.11
CA ILE C 227 30.95 1.43 -0.62
C ILE C 227 31.91 0.62 -1.47
N LEU C 228 33.13 0.46 -0.99
CA LEU C 228 34.17 -0.34 -1.66
C LEU C 228 34.01 -1.87 -1.49
N ASN C 229 34.03 -2.60 -2.60
CA ASN C 229 33.58 -4.02 -2.64
C ASN C 229 34.72 -5.02 -2.29
N PRO C 230 34.35 -6.28 -1.91
CA PRO C 230 35.37 -7.37 -1.84
C PRO C 230 36.30 -7.35 -3.07
N ASN C 231 37.60 -7.37 -2.87
CA ASN C 231 38.58 -7.37 -3.98
C ASN C 231 38.82 -6.02 -4.68
N ASP C 232 37.89 -5.06 -4.62
CA ASP C 232 38.05 -3.86 -5.47
C ASP C 232 39.21 -2.98 -4.98
N THR C 233 39.58 -1.96 -5.78
CA THR C 233 40.42 -0.85 -5.32
C THR C 233 39.76 0.50 -5.58
N VAL C 234 39.94 1.39 -4.62
CA VAL C 234 39.67 2.80 -4.76
C VAL C 234 41.00 3.48 -5.02
N THR C 235 40.95 4.57 -5.79
CA THR C 235 42.12 5.40 -6.06
C THR C 235 41.78 6.89 -5.84
N PHE C 236 42.65 7.54 -5.07
CA PHE C 236 42.49 8.92 -4.63
C PHE C 236 43.53 9.83 -5.33
N SER C 237 43.15 10.42 -6.47
CA SER C 237 43.97 11.42 -7.20
C SER C 237 43.60 12.86 -6.79
N PHE C 238 44.59 13.62 -6.33
CA PHE C 238 44.34 14.97 -5.81
C PHE C 238 45.54 15.91 -5.77
N ASN C 239 45.25 17.19 -5.58
CA ASN C 239 46.24 18.27 -5.63
C ASN C 239 45.91 19.43 -4.65
N GLY C 240 45.17 19.12 -3.57
CA GLY C 240 44.64 20.12 -2.63
C GLY C 240 43.21 19.84 -2.14
N ALA C 241 42.72 20.74 -1.28
CA ALA C 241 41.44 20.66 -0.58
C ALA C 241 40.92 19.26 -0.21
N PHE C 242 41.84 18.37 0.19
CA PHE C 242 41.55 16.94 0.43
C PHE C 242 41.75 16.57 1.89
N ILE C 243 40.73 15.95 2.50
CA ILE C 243 40.83 15.38 3.84
C ILE C 243 40.95 13.87 3.61
N ALA C 244 42.09 13.29 4.01
CA ALA C 244 42.44 11.92 3.64
C ALA C 244 42.00 10.97 4.72
N PRO C 245 41.37 9.86 4.34
CA PRO C 245 40.95 8.87 5.32
C PRO C 245 42.08 7.95 5.79
N ASP C 246 42.30 7.95 7.11
CA ASP C 246 43.24 7.00 7.76
C ASP C 246 42.70 5.57 7.68
N ARG C 247 41.40 5.42 7.97
CA ARG C 247 40.75 4.13 8.06
C ARG C 247 39.39 3.96 7.32
N ALA C 248 39.28 2.74 6.81
CA ALA C 248 38.07 2.23 6.25
C ALA C 248 37.35 1.40 7.31
N SER C 249 36.04 1.41 7.19
CA SER C 249 35.10 1.02 8.21
C SER C 249 34.23 -0.11 7.64
N PHE C 250 34.17 -1.23 8.33
CA PHE C 250 33.38 -2.40 7.91
C PHE C 250 32.27 -2.69 8.88
N LEU C 251 31.23 -3.31 8.40
CA LEU C 251 30.04 -3.50 9.19
C LEU C 251 30.08 -4.79 9.97
N ARG C 252 29.67 -4.79 11.21
CA ARG C 252 29.75 -6.02 12.00
C ARG C 252 28.61 -6.99 11.72
N GLY C 253 27.40 -6.52 11.41
CA GLY C 253 26.24 -7.44 11.42
C GLY C 253 24.81 -6.95 11.17
N LYS C 254 24.04 -6.82 12.24
CA LYS C 254 22.63 -6.54 12.12
C LYS C 254 22.13 -5.81 13.33
N SER C 255 21.51 -4.67 13.08
CA SER C 255 20.98 -3.87 14.15
C SER C 255 19.76 -3.06 13.79
N MET C 256 19.14 -2.56 14.82
CA MET C 256 17.95 -1.79 14.72
C MET C 256 18.51 -0.43 14.95
N GLY C 257 18.21 0.53 14.10
CA GLY C 257 18.48 1.92 14.50
C GLY C 257 17.18 2.60 14.89
N ILE C 258 17.15 3.31 16.04
CA ILE C 258 16.05 4.23 16.37
C ILE C 258 16.54 5.57 16.74
N GLN C 259 15.63 6.54 16.75
CA GLN C 259 15.90 7.89 17.20
C GLN C 259 14.96 8.21 18.30
N SER C 260 15.45 8.79 19.40
CA SER C 260 14.61 8.94 20.56
C SER C 260 15.09 10.04 21.44
N GLY C 261 14.15 10.48 22.28
CA GLY C 261 14.40 11.46 23.31
C GLY C 261 14.28 10.89 24.69
N VAL C 262 13.95 9.60 24.85
CA VAL C 262 13.73 9.03 26.19
C VAL C 262 14.85 8.10 26.55
N GLN C 263 14.86 7.69 27.81
CA GLN C 263 15.99 6.98 28.35
C GLN C 263 15.85 5.46 28.21
N VAL C 264 16.98 4.79 28.42
CA VAL C 264 17.11 3.35 28.33
C VAL C 264 16.50 2.73 29.57
N ASP C 265 16.12 1.50 29.49
CA ASP C 265 15.63 0.84 30.66
C ASP C 265 15.78 -0.60 30.38
N ALA C 266 16.59 -1.26 31.20
CA ALA C 266 16.94 -2.62 30.96
C ALA C 266 15.94 -3.51 31.62
N ASN C 267 15.02 -2.96 32.39
CA ASN C 267 14.00 -3.78 33.05
C ASN C 267 12.99 -4.41 32.09
N CYS C 268 12.42 -3.57 31.21
CA CYS C 268 11.32 -3.92 30.33
C CYS C 268 11.90 -4.17 28.98
N GLU C 269 11.56 -5.29 28.36
CA GLU C 269 12.06 -5.69 27.02
C GLU C 269 11.01 -5.39 25.97
N GLY C 270 11.42 -4.88 24.83
CA GLY C 270 10.47 -4.54 23.78
C GLY C 270 11.09 -4.49 22.40
N ASP C 271 10.23 -4.67 21.40
CA ASP C 271 10.60 -4.65 19.99
C ASP C 271 9.98 -3.58 19.14
N CYS C 272 9.06 -2.77 19.66
CA CYS C 272 8.47 -1.67 18.91
C CYS C 272 8.78 -0.32 19.54
N TYR C 273 9.71 0.38 18.90
CA TYR C 273 10.24 1.63 19.37
C TYR C 273 9.73 2.76 18.52
N HIS C 274 9.78 3.92 19.15
CA HIS C 274 9.72 5.21 18.51
C HIS C 274 10.21 6.26 19.55
N SER C 275 10.45 7.42 19.02
CA SER C 275 11.03 8.55 19.72
C SER C 275 10.40 8.95 21.03
N GLY C 276 9.21 8.40 21.30
CA GLY C 276 8.52 8.58 22.56
C GLY C 276 8.56 7.41 23.52
N GLY C 277 9.24 6.31 23.15
CA GLY C 277 9.36 5.14 24.01
C GLY C 277 9.19 3.78 23.37
N THR C 278 8.33 2.92 23.91
CA THR C 278 8.28 1.53 23.54
C THR C 278 6.88 1.05 23.62
N ILE C 279 6.47 0.43 22.52
CA ILE C 279 5.11 -0.03 22.35
C ILE C 279 5.21 -1.49 22.61
N ILE C 280 4.82 -1.83 23.83
CA ILE C 280 4.67 -3.22 24.18
C ILE C 280 3.20 -3.60 24.05
N SER C 281 2.89 -4.45 23.08
CA SER C 281 1.56 -5.01 22.99
C SER C 281 1.52 -6.34 22.23
N ASN C 282 0.32 -6.95 22.20
CA ASN C 282 0.00 -8.13 21.36
C ASN C 282 -1.21 -7.81 20.48
N LEU C 283 -1.52 -6.53 20.38
CA LEU C 283 -2.70 -6.08 19.67
C LEU C 283 -2.31 -5.79 18.28
N PRO C 284 -3.22 -6.06 17.35
CA PRO C 284 -2.93 -5.97 15.93
C PRO C 284 -2.78 -4.55 15.45
N PHE C 285 -3.33 -3.58 16.18
CA PHE C 285 -3.32 -2.17 15.78
C PHE C 285 -2.86 -1.23 16.93
N GLN C 286 -1.96 -0.26 16.67
CA GLN C 286 -1.48 0.75 17.64
C GLN C 286 -1.92 2.05 17.12
N ASN C 287 -2.17 3.00 17.97
CA ASN C 287 -2.54 4.32 17.47
C ASN C 287 -1.52 5.44 17.85
N ILE C 288 -0.23 5.05 17.99
CA ILE C 288 0.78 5.83 18.73
C ILE C 288 1.77 6.73 17.90
N ASP C 289 2.82 6.24 17.26
CA ASP C 289 3.62 7.12 16.36
C ASP C 289 3.50 6.26 15.11
N SER C 290 2.97 6.86 14.08
CA SER C 290 2.92 6.23 12.78
C SER C 290 4.28 6.04 12.11
N ARG C 291 5.39 6.33 12.79
CA ARG C 291 6.72 5.96 12.28
C ARG C 291 7.46 5.03 13.29
N ALA C 292 6.68 4.37 14.14
CA ALA C 292 7.22 3.38 15.02
C ALA C 292 7.99 2.40 14.22
N VAL C 293 9.16 2.00 14.70
CA VAL C 293 9.92 1.02 13.97
C VAL C 293 10.00 -0.19 14.79
N GLY C 294 10.76 -1.16 14.32
CA GLY C 294 10.91 -2.46 14.96
C GLY C 294 9.74 -3.33 14.59
N LYS C 295 9.40 -4.31 15.41
CA LYS C 295 8.34 -5.22 15.03
C LYS C 295 7.11 -4.71 15.69
N CYS C 296 6.26 -3.97 14.96
CA CYS C 296 5.14 -3.27 15.60
C CYS C 296 3.69 -3.83 15.37
N PRO C 297 2.74 -3.26 16.07
CA PRO C 297 1.41 -3.41 15.52
C PRO C 297 1.22 -2.40 14.41
N ARG C 298 0.09 -2.46 13.75
CA ARG C 298 -0.16 -1.54 12.64
C ARG C 298 -0.65 -0.22 13.15
N TYR C 299 -0.18 0.86 12.56
CA TYR C 299 -0.72 2.16 12.87
C TYR C 299 -2.11 2.20 12.39
N VAL C 300 -3.02 2.76 13.15
CA VAL C 300 -4.31 3.14 12.62
C VAL C 300 -4.73 4.49 13.16
N LYS C 301 -5.75 5.07 12.54
CA LYS C 301 -6.23 6.39 12.91
C LYS C 301 -7.14 6.27 14.10
N GLN C 302 -7.82 5.16 14.14
CA GLN C 302 -8.80 4.93 15.14
C GLN C 302 -8.18 4.95 16.51
N ARG C 303 -8.82 5.57 17.46
CA ARG C 303 -8.33 5.44 18.82
C ARG C 303 -8.73 4.10 19.42
N SER C 304 -9.96 3.67 19.23
CA SER C 304 -10.50 2.45 19.84
C SER C 304 -11.32 1.65 18.81
N LEU C 305 -11.21 0.34 18.90
CA LEU C 305 -11.98 -0.51 18.04
C LEU C 305 -12.32 -1.69 18.88
N LEU C 306 -13.55 -1.74 19.38
CA LEU C 306 -13.91 -2.73 20.38
C LEU C 306 -14.46 -3.97 19.72
N LEU C 307 -13.81 -5.10 20.00
CA LEU C 307 -14.17 -6.44 19.50
C LEU C 307 -14.96 -7.20 20.59
N ALA C 308 -16.05 -7.81 20.18
CA ALA C 308 -16.95 -8.38 21.15
C ALA C 308 -16.45 -9.73 21.56
N THR C 309 -16.61 -10.05 22.84
CA THR C 309 -16.29 -11.36 23.36
C THR C 309 -17.46 -11.99 24.14
N GLY C 310 -18.66 -11.48 23.91
CA GLY C 310 -19.85 -12.03 24.52
C GLY C 310 -21.03 -11.83 23.61
N MET C 311 -22.17 -12.27 24.10
CA MET C 311 -23.42 -12.09 23.38
C MET C 311 -24.02 -10.68 23.55
N LYS C 312 -25.10 -10.45 22.83
CA LYS C 312 -26.06 -9.38 23.12
C LYS C 312 -26.47 -9.29 24.65
N ASN C 313 -26.22 -8.14 25.28
CA ASN C 313 -26.73 -7.87 26.64
C ASN C 313 -28.19 -7.39 26.51
N VAL C 314 -29.12 -8.22 26.97
CA VAL C 314 -30.56 -7.82 27.04
C VAL C 314 -31.05 -8.01 28.48
N PRO C 315 -31.31 -6.89 29.20
CA PRO C 315 -32.11 -6.88 30.45
C PRO C 315 -33.59 -6.39 30.21
N GLU C 316 -34.43 -6.24 31.25
CA GLU C 316 -35.90 -5.91 31.07
C GLU C 316 -36.21 -4.39 31.08
N GLY D 1 -29.68 -9.84 16.16
CA GLY D 1 -29.57 -10.12 14.69
C GLY D 1 -29.63 -11.59 14.39
N LEU D 2 -30.25 -11.97 13.27
CA LEU D 2 -30.31 -13.39 12.81
C LEU D 2 -30.93 -14.35 13.83
N PHE D 3 -31.13 -15.61 13.40
CA PHE D 3 -31.32 -16.77 14.31
C PHE D 3 -32.47 -16.77 15.36
N GLY D 4 -32.83 -15.61 15.91
CA GLY D 4 -34.14 -15.39 16.53
C GLY D 4 -34.15 -15.37 18.03
N ALA D 5 -33.23 -16.13 18.63
CA ALA D 5 -33.24 -16.37 20.07
C ALA D 5 -32.86 -15.14 20.90
N ILE D 6 -31.56 -14.84 20.93
CA ILE D 6 -31.02 -13.85 21.85
C ILE D 6 -31.53 -12.46 21.45
N ALA D 7 -32.10 -11.75 22.41
CA ALA D 7 -32.97 -10.60 22.14
C ALA D 7 -33.88 -10.85 20.92
N GLY D 8 -35.01 -11.51 21.17
CA GLY D 8 -35.95 -11.89 20.12
C GLY D 8 -37.13 -12.61 20.73
N PHE D 9 -37.37 -13.86 20.30
CA PHE D 9 -38.47 -14.64 20.88
C PHE D 9 -38.16 -14.97 22.35
N ILE D 10 -36.87 -15.18 22.69
CA ILE D 10 -36.46 -15.17 24.13
C ILE D 10 -36.38 -13.74 24.63
N GLU D 11 -37.45 -13.37 25.34
CA GLU D 11 -37.77 -11.99 25.59
C GLU D 11 -36.77 -11.58 26.67
N ASN D 12 -35.79 -10.77 26.26
CA ASN D 12 -34.64 -10.42 27.11
C ASN D 12 -33.90 -11.66 27.70
N GLY D 13 -33.10 -11.49 28.74
CA GLY D 13 -32.27 -12.59 29.29
C GLY D 13 -31.86 -12.26 30.69
N TRP D 14 -31.07 -13.15 31.28
CA TRP D 14 -31.01 -13.33 32.74
C TRP D 14 -29.76 -12.85 33.48
N GLU D 15 -29.85 -11.69 34.13
CA GLU D 15 -28.79 -11.19 35.01
C GLU D 15 -28.57 -12.10 36.21
N GLY D 16 -29.63 -12.79 36.63
CA GLY D 16 -29.52 -13.79 37.67
C GLY D 16 -28.40 -14.77 37.37
N LEU D 17 -28.42 -15.34 36.17
CA LEU D 17 -27.58 -16.49 35.84
C LEU D 17 -26.10 -16.15 35.77
N ILE D 18 -25.30 -16.66 36.70
CA ILE D 18 -23.86 -16.28 36.81
C ILE D 18 -22.87 -17.46 36.67
N ASP D 19 -23.36 -18.63 36.26
CA ASP D 19 -22.58 -19.90 36.20
C ASP D 19 -22.04 -20.20 34.80
N GLY D 20 -22.36 -19.33 33.83
CA GLY D 20 -22.01 -19.55 32.42
C GLY D 20 -22.68 -18.52 31.52
N TRP D 21 -22.90 -18.90 30.26
CA TRP D 21 -23.59 -18.06 29.28
C TRP D 21 -25.06 -18.47 29.17
N TYR D 22 -25.29 -19.78 29.03
CA TYR D 22 -26.62 -20.36 28.79
C TYR D 22 -27.16 -21.16 29.99
N GLY D 23 -28.47 -21.45 30.02
CA GLY D 23 -29.06 -22.20 31.14
C GLY D 23 -30.53 -22.54 31.08
N PHE D 24 -30.99 -23.26 32.12
CA PHE D 24 -32.42 -23.61 32.33
C PHE D 24 -32.98 -23.03 33.65
N ARG D 25 -34.02 -22.20 33.57
CA ARG D 25 -34.84 -21.83 34.74
C ARG D 25 -36.04 -22.75 34.63
N HIS D 26 -36.36 -23.50 35.69
CA HIS D 26 -37.59 -24.34 35.76
C HIS D 26 -38.57 -23.94 36.90
N GLN D 27 -39.74 -24.57 36.94
CA GLN D 27 -40.59 -24.58 38.16
C GLN D 27 -41.43 -25.87 38.17
N ASN D 28 -41.56 -26.50 39.35
CA ASN D 28 -42.10 -27.86 39.46
C ASN D 28 -42.74 -28.16 40.86
N ALA D 29 -42.55 -29.39 41.35
CA ALA D 29 -42.57 -29.73 42.79
C ALA D 29 -42.02 -28.61 43.71
N GLN D 30 -40.72 -28.59 44.03
CA GLN D 30 -40.15 -27.58 44.99
C GLN D 30 -40.43 -26.11 44.63
N GLY D 31 -40.28 -25.76 43.35
CA GLY D 31 -40.31 -24.38 42.90
C GLY D 31 -39.16 -24.12 41.93
N GLU D 32 -38.73 -22.86 41.84
CA GLU D 32 -37.75 -22.42 40.80
C GLU D 32 -36.26 -22.77 41.10
N GLY D 33 -35.57 -23.21 40.05
CA GLY D 33 -34.13 -23.52 40.10
C GLY D 33 -33.49 -23.23 38.76
N THR D 34 -32.26 -22.73 38.81
CA THR D 34 -31.50 -22.30 37.62
C THR D 34 -30.09 -22.92 37.64
N ALA D 35 -29.75 -23.63 36.56
CA ALA D 35 -28.45 -24.32 36.41
C ALA D 35 -27.94 -24.17 34.98
N ALA D 36 -26.72 -23.62 34.83
CA ALA D 36 -26.14 -23.29 33.53
C ALA D 36 -25.73 -24.55 32.71
N ASP D 37 -25.91 -24.53 31.38
CA ASP D 37 -25.54 -25.63 30.46
C ASP D 37 -24.08 -25.47 29.97
N TYR D 38 -23.15 -26.17 30.63
CA TYR D 38 -21.68 -26.04 30.38
C TYR D 38 -21.24 -26.41 28.95
N LYS D 39 -21.99 -27.25 28.22
CA LYS D 39 -21.57 -27.63 26.88
C LYS D 39 -21.86 -26.55 25.85
N SER D 40 -23.03 -25.93 25.94
CA SER D 40 -23.33 -24.76 25.12
C SER D 40 -22.49 -23.53 25.56
N THR D 41 -22.32 -23.34 26.88
CA THR D 41 -21.46 -22.26 27.46
C THR D 41 -19.99 -22.37 26.99
N GLN D 42 -19.43 -23.59 27.03
CA GLN D 42 -18.04 -23.79 26.58
C GLN D 42 -17.92 -23.86 25.02
N SER D 43 -18.99 -24.13 24.30
CA SER D 43 -18.95 -24.13 22.83
C SER D 43 -18.77 -22.73 22.27
N ALA D 44 -19.54 -21.79 22.83
CA ALA D 44 -19.44 -20.35 22.53
C ALA D 44 -18.08 -19.79 22.93
N ILE D 45 -17.77 -19.93 24.21
CA ILE D 45 -16.48 -19.55 24.71
C ILE D 45 -15.33 -20.11 23.84
N ASP D 46 -15.27 -21.43 23.62
CA ASP D 46 -14.19 -22.01 22.77
C ASP D 46 -14.08 -21.48 21.32
N GLN D 47 -15.19 -20.98 20.78
CA GLN D 47 -15.20 -20.30 19.47
C GLN D 47 -14.71 -18.82 19.55
N ILE D 48 -15.22 -18.03 20.49
CA ILE D 48 -14.71 -16.66 20.66
C ILE D 48 -13.23 -16.84 20.89
N THR D 49 -12.86 -17.60 21.92
CA THR D 49 -11.46 -17.93 22.22
C THR D 49 -10.59 -17.94 20.99
N GLY D 50 -10.97 -18.81 20.04
CA GLY D 50 -10.23 -19.06 18.80
C GLY D 50 -10.01 -17.85 17.91
N LYS D 51 -10.98 -16.92 17.92
CA LYS D 51 -10.78 -15.58 17.35
C LYS D 51 -9.69 -14.77 18.03
N LEU D 52 -9.81 -14.53 19.32
CA LEU D 52 -8.78 -13.78 19.99
C LEU D 52 -7.36 -14.28 19.71
N ASN D 53 -7.18 -15.60 19.70
CA ASN D 53 -5.83 -16.19 19.48
C ASN D 53 -5.36 -16.05 18.03
N ARG D 54 -6.23 -15.52 17.16
CA ARG D 54 -5.92 -15.21 15.77
C ARG D 54 -5.56 -13.73 15.65
N LEU D 55 -6.31 -12.87 16.32
CA LEU D 55 -6.15 -11.42 16.18
C LEU D 55 -5.09 -10.92 17.13
N ILE D 56 -5.03 -11.51 18.32
CA ILE D 56 -3.95 -11.22 19.27
C ILE D 56 -2.74 -12.05 18.84
N ALA D 57 -1.87 -11.42 18.01
CA ALA D 57 -0.91 -12.13 17.12
C ALA D 57 0.42 -11.44 17.07
N LYS D 58 1.49 -12.22 16.89
CA LYS D 58 2.90 -11.70 16.79
C LYS D 58 3.47 -11.46 15.35
N THR D 59 3.16 -10.29 14.79
CA THR D 59 3.73 -9.85 13.50
C THR D 59 5.24 -9.56 13.57
N ASN D 60 6.04 -10.57 13.18
CA ASN D 60 7.54 -10.45 13.09
C ASN D 60 7.99 -9.45 12.00
N GLN D 61 7.07 -8.97 11.14
CA GLN D 61 7.53 -8.12 10.09
C GLN D 61 8.13 -6.94 10.75
N GLN D 62 9.40 -6.72 10.42
CA GLN D 62 10.08 -5.58 10.92
C GLN D 62 10.05 -4.51 9.87
N PHE D 63 10.11 -3.26 10.29
CA PHE D 63 10.31 -2.10 9.42
C PHE D 63 11.24 -1.19 10.13
N GLU D 64 11.91 -0.35 9.36
CA GLU D 64 12.98 0.51 9.86
C GLU D 64 12.74 1.89 9.35
N LEU D 65 13.54 2.85 9.77
CA LEU D 65 13.34 4.21 9.31
C LEU D 65 13.61 4.35 7.78
N ILE D 66 12.81 5.13 7.04
CA ILE D 66 13.26 5.67 5.68
C ILE D 66 13.34 7.19 5.63
N ASP D 67 13.20 7.70 6.86
CA ASP D 67 12.56 8.91 7.24
C ASP D 67 13.56 9.57 8.19
N ASN D 68 13.35 10.80 8.63
CA ASN D 68 14.22 11.38 9.67
C ASN D 68 13.61 12.51 10.54
N GLU D 69 13.48 12.24 11.85
CA GLU D 69 12.78 13.09 12.85
C GLU D 69 13.59 14.36 13.23
N PHE D 70 14.85 14.38 12.88
CA PHE D 70 15.81 15.28 13.47
C PHE D 70 16.44 16.13 12.42
N ASN D 71 16.95 15.58 11.34
CA ASN D 71 17.29 16.41 10.23
C ASN D 71 16.43 15.93 9.09
N GLU D 72 15.27 16.56 8.90
CA GLU D 72 14.32 16.12 7.87
C GLU D 72 15.04 15.97 6.52
N VAL D 73 14.69 14.89 5.86
CA VAL D 73 15.24 14.52 4.54
C VAL D 73 14.88 15.46 3.41
N GLU D 74 15.46 15.22 2.23
CA GLU D 74 15.13 16.03 1.04
C GLU D 74 13.67 16.17 0.88
N LYS D 75 13.28 17.28 0.29
CA LYS D 75 11.89 17.65 0.27
C LYS D 75 11.07 16.78 -0.65
N GLN D 76 11.66 16.40 -1.78
CA GLN D 76 10.89 15.70 -2.82
C GLN D 76 10.50 14.28 -2.38
N ILE D 77 11.53 13.54 -1.96
CA ILE D 77 11.40 12.15 -1.45
C ILE D 77 10.61 12.10 -0.16
N GLY D 78 10.71 13.15 0.63
CA GLY D 78 9.94 13.26 1.83
C GLY D 78 8.46 13.28 1.56
N ASN D 79 8.05 14.06 0.56
CA ASN D 79 6.64 14.12 0.21
C ASN D 79 6.16 12.80 -0.42
N VAL D 80 7.02 12.07 -1.13
CA VAL D 80 6.67 10.75 -1.63
C VAL D 80 6.45 9.81 -0.52
N ILE D 81 7.30 9.86 0.47
CA ILE D 81 7.20 8.90 1.55
C ILE D 81 5.88 9.04 2.30
N ASN D 82 5.59 10.27 2.75
CA ASN D 82 4.38 10.56 3.53
C ASN D 82 3.23 10.08 2.72
N TRP D 83 3.23 10.41 1.45
CA TRP D 83 2.17 9.94 0.59
C TRP D 83 1.95 8.44 0.66
N THR D 84 3.05 7.73 0.42
CA THR D 84 3.07 6.28 0.38
C THR D 84 2.56 5.84 1.73
N ARG D 85 3.08 6.50 2.75
CA ARG D 85 2.78 6.15 4.11
C ARG D 85 1.34 6.30 4.39
N ASP D 86 0.83 7.48 4.10
CA ASP D 86 -0.55 7.81 4.42
C ASP D 86 -1.53 7.02 3.58
N SER D 87 -1.08 6.73 2.35
CA SER D 87 -1.81 5.86 1.43
C SER D 87 -2.05 4.52 2.15
N ILE D 88 -1.04 4.05 2.90
CA ILE D 88 -1.15 2.79 3.71
C ILE D 88 -1.98 2.89 5.04
N THR D 89 -1.57 3.71 6.02
CA THR D 89 -2.44 4.16 7.13
C THR D 89 -3.94 4.10 6.78
N GLU D 90 -4.33 4.61 5.59
CA GLU D 90 -5.71 4.47 5.07
C GLU D 90 -6.16 3.05 5.00
N VAL D 91 -5.34 2.25 4.33
CA VAL D 91 -5.67 0.85 4.10
C VAL D 91 -5.92 0.08 5.37
N TRP D 92 -5.06 0.28 6.35
CA TRP D 92 -5.16 -0.42 7.61
C TRP D 92 -6.29 0.10 8.46
N SER D 93 -6.47 1.40 8.51
CA SER D 93 -7.63 1.93 9.19
C SER D 93 -8.95 1.33 8.66
N TYR D 94 -9.10 1.28 7.33
CA TYR D 94 -10.17 0.53 6.64
C TYR D 94 -10.19 -0.95 7.08
N ASN D 95 -9.06 -1.62 6.87
CA ASN D 95 -8.95 -3.06 7.06
C ASN D 95 -9.37 -3.36 8.49
N ALA D 96 -8.98 -2.51 9.47
CA ALA D 96 -9.17 -2.80 10.92
C ALA D 96 -10.60 -2.65 11.31
N GLU D 97 -11.12 -1.47 10.98
CA GLU D 97 -12.51 -1.15 11.18
C GLU D 97 -13.37 -2.30 10.69
N LEU D 98 -13.17 -2.71 9.44
CA LEU D 98 -14.04 -3.68 8.82
C LEU D 98 -13.89 -5.02 9.43
N LEU D 99 -12.67 -5.38 9.80
CA LEU D 99 -12.43 -6.68 10.49
C LEU D 99 -13.26 -6.76 11.79
N ILE D 100 -13.19 -5.70 12.57
CA ILE D 100 -13.83 -5.67 13.88
C ILE D 100 -15.37 -5.74 13.80
N ALA D 101 -15.94 -5.12 12.78
CA ALA D 101 -17.38 -5.19 12.58
C ALA D 101 -17.80 -6.54 12.03
N MET D 102 -17.07 -7.02 11.04
CA MET D 102 -17.33 -8.30 10.49
C MET D 102 -17.32 -9.30 11.64
N GLU D 103 -16.27 -9.38 12.43
CA GLU D 103 -16.19 -10.39 13.49
C GLU D 103 -17.21 -10.12 14.62
N ASN D 104 -17.54 -8.85 14.96
CA ASN D 104 -18.59 -8.59 15.98
C ASN D 104 -19.96 -9.05 15.49
N GLN D 105 -20.22 -8.91 14.19
CA GLN D 105 -21.46 -9.38 13.60
C GLN D 105 -21.50 -10.90 13.75
N HIS D 106 -20.39 -11.59 13.49
CA HIS D 106 -20.33 -13.07 13.57
C HIS D 106 -20.26 -13.54 15.02
N THR D 107 -19.52 -12.83 15.87
CA THR D 107 -19.44 -13.10 17.34
C THR D 107 -20.86 -13.19 17.96
N ILE D 108 -21.71 -12.20 17.60
CA ILE D 108 -23.11 -12.04 18.04
C ILE D 108 -24.04 -13.10 17.48
N ASP D 109 -24.08 -13.16 16.15
CA ASP D 109 -24.86 -14.16 15.43
C ASP D 109 -24.31 -15.55 15.82
N LEU D 110 -23.04 -15.68 16.18
CA LEU D 110 -22.57 -16.95 16.73
C LEU D 110 -23.20 -17.30 18.08
N ALA D 111 -23.43 -16.29 18.93
CA ALA D 111 -24.08 -16.51 20.24
C ALA D 111 -25.56 -16.95 20.13
N ASP D 112 -26.33 -16.14 19.39
CA ASP D 112 -27.71 -16.47 18.96
C ASP D 112 -27.77 -17.91 18.41
N SER D 113 -26.75 -18.32 17.64
CA SER D 113 -26.66 -19.70 17.14
C SER D 113 -26.69 -20.74 18.23
N GLU D 114 -25.75 -20.67 19.18
CA GLU D 114 -25.64 -21.74 20.19
C GLU D 114 -26.90 -21.87 21.08
N MET D 115 -27.70 -20.78 21.17
CA MET D 115 -29.00 -20.82 21.87
C MET D 115 -30.09 -21.51 21.08
N ASP D 116 -30.23 -21.23 19.79
CA ASP D 116 -31.21 -21.94 18.95
C ASP D 116 -30.90 -23.43 18.79
N LYS D 117 -29.63 -23.82 18.91
CA LYS D 117 -29.22 -25.23 18.89
C LYS D 117 -29.49 -25.96 20.22
N LEU D 118 -29.64 -25.23 21.33
CA LEU D 118 -30.10 -25.79 22.65
C LEU D 118 -31.65 -25.97 22.77
N TYR D 119 -32.42 -24.87 22.73
CA TYR D 119 -33.90 -24.88 22.61
C TYR D 119 -34.31 -26.03 21.72
N GLU D 120 -33.79 -26.05 20.49
CA GLU D 120 -34.21 -27.07 19.52
C GLU D 120 -33.53 -28.46 19.62
N ARG D 121 -32.74 -28.72 20.66
CA ARG D 121 -32.37 -30.10 21.04
C ARG D 121 -33.19 -30.63 22.26
N VAL D 122 -33.60 -29.72 23.15
CA VAL D 122 -34.54 -29.99 24.26
C VAL D 122 -36.01 -30.14 23.75
N LYS D 123 -36.30 -29.75 22.51
CA LYS D 123 -37.57 -30.12 21.84
C LYS D 123 -37.50 -31.57 21.28
N ARG D 124 -36.30 -31.99 20.88
CA ARG D 124 -36.08 -33.34 20.34
C ARG D 124 -36.05 -34.44 21.40
N GLN D 125 -35.54 -34.09 22.60
CA GLN D 125 -35.69 -34.91 23.82
C GLN D 125 -37.19 -35.05 24.19
N LEU D 126 -37.85 -33.91 24.35
CA LEU D 126 -39.25 -33.84 24.80
C LEU D 126 -40.28 -33.99 23.64
N ARG D 127 -39.95 -34.87 22.69
CA ARG D 127 -40.85 -35.60 21.75
C ARG D 127 -42.28 -35.09 21.56
N GLU D 128 -43.30 -35.78 22.10
CA GLU D 128 -44.64 -35.20 22.11
C GLU D 128 -45.19 -35.03 23.54
N ASN D 129 -44.29 -34.91 24.54
CA ASN D 129 -44.64 -34.78 25.99
C ASN D 129 -44.96 -33.32 26.44
N ALA D 130 -44.47 -32.31 25.68
CA ALA D 130 -44.57 -30.88 26.01
C ALA D 130 -44.81 -29.98 24.78
N GLU D 131 -45.01 -28.68 25.02
CA GLU D 131 -45.30 -27.69 23.95
C GLU D 131 -44.48 -26.34 23.97
N GLU D 132 -44.33 -25.73 22.79
CA GLU D 132 -43.66 -24.42 22.61
C GLU D 132 -44.47 -23.23 23.14
N ASP D 133 -44.15 -22.75 24.35
CA ASP D 133 -44.96 -21.69 25.01
C ASP D 133 -45.10 -20.36 24.22
N GLY D 134 -44.15 -20.10 23.34
CA GLY D 134 -43.97 -18.81 22.72
C GLY D 134 -42.55 -18.39 22.99
N THR D 135 -42.35 -17.67 24.10
CA THR D 135 -41.06 -17.11 24.44
C THR D 135 -40.20 -18.06 25.27
N GLY D 136 -39.68 -19.08 24.60
CA GLY D 136 -38.51 -19.80 25.08
C GLY D 136 -38.69 -20.77 26.21
N CYS D 137 -39.95 -21.15 26.49
CA CYS D 137 -40.31 -22.21 27.48
C CYS D 137 -41.11 -23.35 26.84
N PHE D 138 -40.87 -24.54 27.38
CA PHE D 138 -41.73 -25.68 27.12
C PHE D 138 -42.67 -25.88 28.32
N GLU D 139 -43.87 -26.34 28.02
CA GLU D 139 -44.83 -26.73 29.04
C GLU D 139 -44.74 -28.25 29.17
N ILE D 140 -44.01 -28.72 30.17
CA ILE D 140 -43.92 -30.15 30.48
C ILE D 140 -45.32 -30.56 31.01
N PHE D 141 -46.18 -31.06 30.11
CA PHE D 141 -47.56 -31.44 30.49
C PHE D 141 -47.52 -32.83 31.15
N HIS D 142 -47.24 -32.77 32.47
CA HIS D 142 -46.96 -33.88 33.43
C HIS D 142 -45.88 -33.37 34.43
N LYS D 143 -45.95 -33.79 35.68
CA LYS D 143 -44.99 -33.34 36.70
C LYS D 143 -43.57 -33.90 36.43
N CYS D 144 -42.57 -33.08 36.75
CA CYS D 144 -41.15 -33.40 36.56
C CYS D 144 -40.41 -32.89 37.81
N ASP D 145 -40.11 -33.78 38.74
CA ASP D 145 -39.43 -33.40 40.00
C ASP D 145 -37.96 -32.97 39.74
N ASP D 146 -37.22 -32.62 40.80
CA ASP D 146 -35.79 -32.20 40.72
C ASP D 146 -34.77 -33.35 40.58
N ASP D 147 -35.25 -34.51 40.14
CA ASP D 147 -34.44 -35.54 39.50
C ASP D 147 -34.86 -35.73 38.02
N CYS D 148 -36.15 -35.45 37.69
CA CYS D 148 -36.67 -35.43 36.31
C CYS D 148 -36.21 -34.21 35.51
N MET D 149 -36.13 -33.06 36.16
CA MET D 149 -35.45 -31.90 35.58
C MET D 149 -34.02 -32.31 35.18
N ALA D 150 -33.26 -32.78 36.16
CA ALA D 150 -31.85 -33.24 35.99
C ALA D 150 -31.58 -34.29 34.91
N SER D 151 -32.61 -35.06 34.51
CA SER D 151 -32.52 -36.03 33.42
C SER D 151 -32.60 -35.40 32.03
N ILE D 152 -33.25 -34.24 31.94
CA ILE D 152 -33.24 -33.42 30.73
C ILE D 152 -31.88 -32.70 30.62
N ARG D 153 -31.44 -32.15 31.76
CA ARG D 153 -30.18 -31.42 31.92
C ARG D 153 -28.92 -32.19 31.57
N ASN D 154 -28.85 -33.48 31.86
CA ASN D 154 -27.67 -34.28 31.47
C ASN D 154 -27.96 -35.18 30.25
N ASN D 155 -29.00 -34.86 29.49
CA ASN D 155 -29.42 -35.64 28.32
C ASN D 155 -29.47 -37.18 28.56
N THR D 156 -30.36 -37.57 29.48
CA THR D 156 -30.90 -38.93 29.57
C THR D 156 -32.39 -38.96 29.19
N TYR D 157 -33.16 -38.00 29.73
CA TYR D 157 -34.64 -37.94 29.67
C TYR D 157 -35.26 -38.81 28.56
N ASP D 158 -35.78 -39.98 28.94
CA ASP D 158 -36.61 -40.84 28.05
C ASP D 158 -38.02 -40.23 28.00
N HIS D 159 -38.47 -39.92 26.78
CA HIS D 159 -39.85 -39.45 26.55
C HIS D 159 -40.88 -40.59 26.62
N ARG D 160 -40.42 -41.85 26.44
CA ARG D 160 -41.27 -43.06 26.60
C ARG D 160 -41.92 -43.14 27.99
N LYS D 161 -41.16 -42.84 29.04
CA LYS D 161 -41.71 -42.82 30.39
C LYS D 161 -42.98 -41.96 30.43
N TYR D 162 -42.84 -40.67 30.24
CA TYR D 162 -43.94 -39.75 30.50
C TYR D 162 -44.91 -39.56 29.30
N ARG D 163 -44.62 -40.17 28.14
CA ARG D 163 -45.49 -40.10 26.94
C ARG D 163 -46.91 -40.54 27.24
N GLU D 164 -47.05 -41.68 27.93
CA GLU D 164 -48.36 -42.20 28.32
C GLU D 164 -49.05 -41.14 29.18
N GLU D 165 -48.31 -40.57 30.13
CA GLU D 165 -48.87 -39.53 31.01
C GLU D 165 -49.31 -38.25 30.27
N ALA D 166 -48.39 -37.65 29.48
CA ALA D 166 -48.68 -36.43 28.69
C ALA D 166 -49.78 -36.63 27.63
N MET D 167 -49.81 -37.80 26.96
CA MET D 167 -50.83 -38.17 25.92
C MET D 167 -52.24 -37.64 26.20
N GLN D 168 -52.77 -38.03 27.36
CA GLN D 168 -54.06 -37.51 27.84
C GLN D 168 -53.83 -36.13 28.48
N ASN D 169 -52.91 -36.05 29.46
CA ASN D 169 -52.68 -34.82 30.22
C ASN D 169 -52.76 -33.60 29.31
N ARG D 170 -52.15 -33.72 28.13
CA ARG D 170 -52.20 -32.68 27.08
C ARG D 170 -53.57 -32.45 26.40
N ILE D 171 -54.66 -32.90 27.01
CA ILE D 171 -55.99 -32.69 26.47
C ILE D 171 -56.86 -32.18 27.61
N ASP E 1 -39.46 -49.86 11.92
CA ASP E 1 -39.51 -49.00 10.69
C ASP E 1 -39.07 -47.54 10.97
N LYS E 2 -38.03 -47.05 10.26
CA LYS E 2 -37.45 -45.69 10.46
C LYS E 2 -36.71 -45.10 9.21
N ILE E 3 -36.28 -43.82 9.35
CA ILE E 3 -35.52 -43.05 8.32
C ILE E 3 -34.47 -42.10 8.94
N CYS E 4 -33.24 -42.11 8.42
CA CYS E 4 -32.16 -41.23 8.89
C CYS E 4 -31.56 -40.33 7.79
N LEU E 5 -31.35 -39.04 8.13
CA LEU E 5 -30.62 -38.06 7.32
C LEU E 5 -29.20 -37.90 7.81
N GLY E 6 -28.32 -37.50 6.90
CA GLY E 6 -26.92 -37.32 7.22
C GLY E 6 -26.14 -36.93 6.00
N HIS E 7 -24.82 -36.95 6.17
CA HIS E 7 -23.88 -36.36 5.22
C HIS E 7 -22.65 -37.27 5.03
N HIS E 8 -21.88 -37.03 3.96
CA HIS E 8 -20.67 -37.82 3.71
C HIS E 8 -19.47 -37.48 4.62
N ALA E 9 -18.44 -38.33 4.55
CA ALA E 9 -17.16 -38.14 5.25
C ALA E 9 -16.05 -38.89 4.50
N VAL E 10 -14.86 -38.99 5.08
CA VAL E 10 -13.80 -39.86 4.53
C VAL E 10 -12.81 -40.30 5.59
N SER E 11 -11.98 -41.28 5.23
CA SER E 11 -11.06 -41.95 6.17
C SER E 11 -10.22 -40.90 6.85
N ASN E 12 -9.46 -40.13 6.06
CA ASN E 12 -8.87 -38.87 6.57
C ASN E 12 -9.04 -37.75 5.55
N GLY E 13 -9.24 -36.54 6.09
CA GLY E 13 -9.46 -35.31 5.32
C GLY E 13 -8.27 -34.35 5.41
N THR E 14 -8.52 -33.10 5.00
CA THR E 14 -7.48 -32.08 4.87
C THR E 14 -7.72 -30.98 5.94
N LYS E 15 -6.71 -30.65 6.72
CA LYS E 15 -6.86 -29.63 7.78
C LYS E 15 -6.72 -28.23 7.22
N VAL E 16 -7.73 -27.40 7.46
CA VAL E 16 -7.74 -25.96 7.09
C VAL E 16 -7.94 -25.15 8.35
N ASN E 17 -7.83 -23.81 8.28
CA ASN E 17 -8.20 -22.90 9.40
C ASN E 17 -9.48 -22.17 9.11
N THR E 18 -10.28 -21.92 10.14
CA THR E 18 -11.46 -21.10 9.97
C THR E 18 -11.23 -19.87 10.79
N LEU E 19 -12.19 -18.96 10.66
CA LEU E 19 -12.22 -17.72 11.44
C LEU E 19 -12.04 -17.91 12.97
N THR E 20 -12.56 -19.04 13.49
CA THR E 20 -12.58 -19.38 14.93
C THR E 20 -11.70 -20.57 15.33
N GLU E 21 -11.10 -21.27 14.36
CA GLU E 21 -10.36 -22.52 14.63
C GLU E 21 -9.07 -22.65 13.81
N ARG E 22 -8.07 -23.29 14.42
CA ARG E 22 -6.81 -23.54 13.78
C ARG E 22 -6.73 -25.00 13.57
N GLY E 23 -7.32 -25.44 12.46
CA GLY E 23 -7.10 -26.77 11.95
C GLY E 23 -8.30 -27.67 12.03
N VAL E 24 -9.44 -27.31 11.40
CA VAL E 24 -10.59 -28.25 11.28
C VAL E 24 -10.44 -29.15 10.07
N GLU E 25 -10.70 -30.43 10.31
CA GLU E 25 -10.66 -31.43 9.27
C GLU E 25 -11.87 -31.17 8.35
N VAL E 26 -11.63 -31.05 7.04
CA VAL E 26 -12.69 -30.99 6.03
C VAL E 26 -12.41 -31.98 4.93
N VAL E 27 -13.40 -32.23 4.11
CA VAL E 27 -13.31 -33.30 3.15
C VAL E 27 -12.27 -33.01 2.02
N ASN E 28 -12.66 -32.28 0.95
CA ASN E 28 -11.76 -31.75 -0.11
C ASN E 28 -11.53 -30.23 0.28
N ALA E 29 -10.26 -29.81 0.22
CA ALA E 29 -9.83 -28.39 0.18
C ALA E 29 -8.80 -28.21 -0.96
N THR E 30 -8.57 -26.97 -1.37
CA THR E 30 -7.54 -26.72 -2.36
C THR E 30 -6.63 -25.54 -2.00
N GLU E 31 -5.40 -25.61 -2.51
CA GLU E 31 -4.31 -24.70 -2.14
C GLU E 31 -4.41 -23.41 -2.98
N THR E 32 -4.19 -22.30 -2.29
CA THR E 32 -4.55 -20.98 -2.70
C THR E 32 -3.31 -20.08 -2.88
N VAL E 33 -2.11 -20.63 -2.60
CA VAL E 33 -0.81 -19.96 -2.80
C VAL E 33 0.13 -20.76 -3.71
N GLU E 34 0.53 -20.16 -4.80
CA GLU E 34 1.31 -20.82 -5.79
C GLU E 34 2.72 -20.90 -5.29
N ARG E 35 3.23 -22.13 -5.28
CA ARG E 35 4.61 -22.45 -4.90
C ARG E 35 5.46 -22.99 -6.04
N THR E 36 4.86 -23.47 -7.12
CA THR E 36 5.61 -24.19 -8.13
C THR E 36 6.06 -23.25 -9.23
N ASN E 37 7.38 -23.15 -9.36
CA ASN E 37 8.07 -22.34 -10.38
C ASN E 37 8.31 -23.23 -11.60
N ILE E 38 8.74 -22.60 -12.68
CA ILE E 38 9.23 -23.27 -13.88
C ILE E 38 10.54 -22.60 -14.21
N PRO E 39 11.64 -23.32 -14.23
CA PRO E 39 12.96 -22.68 -14.33
C PRO E 39 13.37 -22.19 -15.72
N ARG E 40 12.46 -21.52 -16.43
CA ARG E 40 12.73 -21.01 -17.75
C ARG E 40 11.81 -19.88 -18.11
N ILE E 41 12.26 -19.03 -19.00
CA ILE E 41 11.48 -17.90 -19.43
C ILE E 41 10.47 -18.35 -20.46
N CYS E 42 9.40 -18.92 -19.95
CA CYS E 42 8.29 -19.38 -20.79
C CYS E 42 7.83 -18.31 -21.85
N SER E 43 8.40 -18.40 -23.07
CA SER E 43 8.26 -17.31 -24.03
C SER E 43 7.44 -17.64 -25.26
N LYS E 44 6.58 -18.64 -25.20
CA LYS E 44 5.78 -19.00 -26.39
C LYS E 44 5.08 -17.78 -26.94
N GLY E 45 4.98 -17.69 -28.27
CA GLY E 45 4.24 -16.65 -28.97
C GLY E 45 4.93 -15.31 -29.03
N LYS E 46 5.96 -15.09 -28.23
CA LYS E 46 6.32 -13.75 -27.91
C LYS E 46 7.60 -13.33 -28.60
N ARG E 47 7.59 -12.16 -29.21
CA ARG E 47 8.78 -11.62 -29.88
C ARG E 47 9.83 -11.29 -28.84
N THR E 48 10.79 -12.19 -28.67
CA THR E 48 11.73 -12.15 -27.57
C THR E 48 13.17 -11.76 -27.95
N VAL E 49 13.88 -11.11 -27.07
CA VAL E 49 15.22 -10.72 -27.35
C VAL E 49 16.00 -11.04 -26.08
N ASP E 50 16.92 -11.98 -26.16
CA ASP E 50 17.84 -12.32 -25.06
C ASP E 50 19.14 -11.63 -25.37
N LEU E 51 19.38 -10.56 -24.63
CA LEU E 51 20.55 -9.73 -24.86
C LEU E 51 21.85 -10.50 -24.58
N GLY E 52 21.85 -11.42 -23.62
CA GLY E 52 23.10 -12.12 -23.27
C GLY E 52 24.17 -11.12 -22.89
N GLN E 53 25.24 -11.09 -23.66
CA GLN E 53 26.41 -10.28 -23.35
C GLN E 53 26.27 -8.82 -23.72
N CYS E 54 25.18 -8.43 -24.33
CA CYS E 54 24.83 -7.03 -24.46
C CYS E 54 24.05 -6.58 -23.22
N GLY E 55 24.44 -5.44 -22.70
CA GLY E 55 23.70 -4.76 -21.62
C GLY E 55 22.74 -3.75 -22.18
N LEU E 56 21.56 -3.64 -21.59
CA LEU E 56 20.46 -2.96 -22.28
C LEU E 56 20.83 -1.55 -22.78
N LEU E 57 21.63 -0.82 -22.01
CA LEU E 57 22.03 0.52 -22.37
C LEU E 57 23.02 0.47 -23.52
N GLY E 58 23.73 -0.66 -23.68
CA GLY E 58 24.57 -0.87 -24.90
C GLY E 58 23.85 -0.76 -26.25
N THR E 59 22.56 -1.07 -26.28
CA THR E 59 21.84 -1.00 -27.52
C THR E 59 21.74 0.45 -28.04
N ILE E 60 22.11 1.47 -27.26
CA ILE E 60 22.20 2.83 -27.82
C ILE E 60 23.64 3.20 -28.23
N THR E 61 24.62 2.84 -27.39
CA THR E 61 26.01 3.22 -27.60
C THR E 61 26.63 2.39 -28.73
N GLY E 62 26.41 1.08 -28.65
CA GLY E 62 26.88 0.11 -29.63
C GLY E 62 28.29 -0.33 -29.40
N PRO E 63 28.55 -1.04 -28.30
CA PRO E 63 29.81 -1.73 -28.23
C PRO E 63 29.75 -3.08 -28.94
N PRO E 64 30.92 -3.64 -29.29
CA PRO E 64 31.05 -4.96 -29.88
C PRO E 64 29.93 -5.98 -29.59
N GLN E 65 29.65 -6.19 -28.31
CA GLN E 65 28.68 -7.18 -27.82
C GLN E 65 27.28 -6.92 -28.38
N CYS E 66 26.97 -5.62 -28.35
CA CYS E 66 25.66 -5.08 -28.71
C CYS E 66 25.57 -4.72 -30.20
N ASP E 67 26.19 -5.54 -31.04
CA ASP E 67 26.26 -5.23 -32.42
C ASP E 67 25.03 -5.83 -33.05
N GLN E 68 24.80 -7.10 -32.82
CA GLN E 68 23.54 -7.74 -33.27
C GLN E 68 22.21 -7.04 -32.78
N PHE E 69 22.31 -6.05 -31.88
CA PHE E 69 21.14 -5.45 -31.22
C PHE E 69 20.85 -3.98 -31.46
N LEU E 70 21.65 -3.29 -32.25
CA LEU E 70 21.53 -1.84 -32.35
C LEU E 70 20.15 -1.39 -32.84
N GLU E 71 19.37 -2.29 -33.45
CA GLU E 71 17.98 -1.99 -33.79
C GLU E 71 17.06 -3.17 -33.42
N PHE E 72 17.29 -3.80 -32.28
CA PHE E 72 16.36 -4.85 -31.80
C PHE E 72 14.90 -4.40 -31.78
N SER E 73 14.00 -5.39 -31.70
CA SER E 73 12.56 -5.17 -31.78
C SER E 73 11.93 -6.31 -31.04
N ALA E 74 11.01 -6.04 -30.10
CA ALA E 74 10.58 -7.06 -29.11
C ALA E 74 9.27 -6.89 -28.33
N ASP E 75 8.77 -8.02 -27.88
CA ASP E 75 7.74 -8.07 -26.88
C ASP E 75 8.37 -8.25 -25.52
N LEU E 76 9.28 -9.20 -25.37
CA LEU E 76 9.92 -9.44 -24.08
C LEU E 76 11.34 -9.02 -24.25
N ILE E 77 12.00 -8.49 -23.23
CA ILE E 77 13.44 -8.26 -23.27
C ILE E 77 14.05 -8.89 -22.05
N ILE E 78 15.01 -9.79 -22.28
CA ILE E 78 15.68 -10.46 -21.22
C ILE E 78 17.09 -9.85 -21.15
N GLU E 79 17.49 -9.57 -19.92
CA GLU E 79 18.79 -8.99 -19.55
C GLU E 79 19.58 -10.08 -18.87
N ARG E 80 20.89 -10.09 -19.07
CA ARG E 80 21.69 -11.14 -18.44
C ARG E 80 22.78 -10.53 -17.54
N ARG E 81 23.23 -11.30 -16.52
CA ARG E 81 24.34 -10.84 -15.66
C ARG E 81 25.65 -10.77 -16.46
N GLU E 82 25.91 -11.74 -17.34
CA GLU E 82 27.05 -11.64 -18.25
C GLU E 82 27.14 -10.27 -18.98
N GLY E 83 25.99 -9.67 -19.27
CA GLY E 83 25.88 -8.54 -20.18
C GLY E 83 26.46 -7.24 -19.70
N SER E 84 26.87 -6.39 -20.63
CA SER E 84 27.59 -5.20 -20.27
C SER E 84 27.38 -4.03 -21.22
N ASP E 85 27.25 -2.81 -20.66
CA ASP E 85 26.84 -1.60 -21.43
C ASP E 85 28.02 -0.80 -21.99
N VAL E 86 29.21 -1.37 -21.88
CA VAL E 86 30.36 -0.58 -22.17
C VAL E 86 31.49 -1.45 -22.66
N CYS E 87 32.43 -0.82 -23.37
CA CYS E 87 33.73 -1.42 -23.74
C CYS E 87 34.88 -0.58 -23.18
N TYR E 88 34.92 0.70 -23.54
CA TYR E 88 35.86 1.62 -22.89
C TYR E 88 35.28 1.89 -21.53
N PRO E 89 35.96 1.44 -20.43
CA PRO E 89 35.43 1.69 -19.09
C PRO E 89 34.84 3.07 -18.89
N GLY E 90 33.85 3.11 -18.01
CA GLY E 90 33.06 4.29 -17.77
C GLY E 90 31.71 3.77 -17.46
N LYS E 91 30.74 4.67 -17.35
CA LYS E 91 29.36 4.24 -17.08
C LYS E 91 28.34 5.27 -17.54
N PHE E 92 27.08 4.92 -17.36
CA PHE E 92 26.01 5.72 -17.85
C PHE E 92 25.56 6.57 -16.68
N VAL E 93 25.54 7.90 -16.87
CA VAL E 93 24.94 8.85 -15.91
C VAL E 93 23.42 8.69 -15.85
N ASN E 94 22.84 8.44 -14.67
CA ASN E 94 21.37 8.33 -14.49
C ASN E 94 20.91 7.01 -15.11
N GLU E 95 21.72 5.97 -14.87
CA GLU E 95 21.61 4.67 -15.56
C GLU E 95 20.22 4.09 -15.43
N GLU E 96 19.84 3.67 -14.22
CA GLU E 96 18.73 2.76 -14.08
C GLU E 96 17.41 3.30 -14.64
N ALA E 97 17.19 4.61 -14.60
CA ALA E 97 15.99 5.22 -15.27
C ALA E 97 15.86 4.93 -16.73
N LEU E 98 16.99 5.07 -17.44
CA LEU E 98 17.08 4.71 -18.86
C LEU E 98 16.67 3.27 -19.13
N ARG E 99 17.15 2.30 -18.35
CA ARG E 99 16.75 0.90 -18.56
C ARG E 99 15.25 0.66 -18.37
N GLN E 100 14.72 1.31 -17.33
CA GLN E 100 13.29 1.33 -17.06
C GLN E 100 12.56 1.86 -18.37
N ILE E 101 13.15 2.82 -19.09
CA ILE E 101 12.63 3.26 -20.40
C ILE E 101 12.79 2.19 -21.45
N LEU E 102 14.01 1.73 -21.71
CA LEU E 102 14.24 0.78 -22.81
C LEU E 102 13.56 -0.57 -22.61
N ARG E 103 13.37 -0.99 -21.38
CA ARG E 103 12.72 -2.27 -21.10
C ARG E 103 11.30 -2.31 -21.60
N GLU E 104 10.62 -1.16 -21.50
CA GLU E 104 9.24 -1.01 -21.93
C GLU E 104 9.17 -0.42 -23.36
N SER E 105 10.28 -0.34 -24.10
CA SER E 105 10.28 0.38 -25.40
C SER E 105 9.65 -0.40 -26.55
N GLY E 106 9.58 -1.72 -26.41
CA GLY E 106 9.31 -2.56 -27.53
C GLY E 106 10.45 -2.60 -28.54
N GLY E 107 11.60 -2.04 -28.17
CA GLY E 107 12.79 -2.07 -29.00
C GLY E 107 13.00 -0.78 -29.69
N ILE E 108 14.22 -0.55 -30.16
CA ILE E 108 14.57 0.76 -30.65
C ILE E 108 14.89 0.75 -32.13
N ASP E 109 14.81 1.94 -32.72
CA ASP E 109 14.92 2.18 -34.14
C ASP E 109 15.86 3.35 -34.21
N LYS E 110 16.94 3.23 -34.98
CA LYS E 110 17.96 4.28 -35.03
C LYS E 110 17.78 5.18 -36.27
N GLU E 111 18.37 6.40 -36.20
CA GLU E 111 18.35 7.41 -37.27
C GLU E 111 19.58 8.30 -37.09
N THR E 112 20.27 8.68 -38.17
CA THR E 112 21.50 9.43 -37.95
C THR E 112 21.14 10.87 -37.77
N MET E 113 21.98 11.54 -36.98
CA MET E 113 21.80 12.92 -36.56
C MET E 113 22.54 13.86 -37.49
N GLY E 114 23.45 13.30 -38.28
CA GLY E 114 24.05 14.02 -39.38
C GLY E 114 24.98 15.12 -38.93
N PHE E 115 26.04 14.71 -38.24
CA PHE E 115 27.14 15.61 -37.90
C PHE E 115 28.32 15.19 -38.75
N THR E 116 28.93 16.13 -39.49
CA THR E 116 30.29 15.93 -40.06
C THR E 116 31.19 16.96 -39.39
N TYR E 117 32.51 16.79 -39.60
CA TYR E 117 33.51 17.52 -38.80
C TYR E 117 34.70 18.16 -39.59
N ASN E 118 34.81 19.47 -39.43
CA ASN E 118 35.84 20.30 -40.07
C ASN E 118 36.89 20.56 -39.01
N GLY E 119 38.15 20.16 -39.27
CA GLY E 119 39.29 20.50 -38.39
C GLY E 119 39.56 19.69 -37.11
N ILE E 120 39.11 18.43 -37.10
CA ILE E 120 39.47 17.45 -36.06
C ILE E 120 39.52 16.03 -36.63
N ARG E 121 39.87 15.08 -35.76
CA ARG E 121 39.65 13.67 -36.02
C ARG E 121 38.16 13.31 -35.66
N THR E 122 37.70 12.16 -36.18
CA THR E 122 36.28 11.71 -36.20
C THR E 122 36.18 10.19 -35.83
N ASN E 123 37.17 9.66 -35.12
CA ASN E 123 37.53 8.26 -35.32
C ASN E 123 38.27 7.50 -34.22
N GLY E 124 38.43 8.10 -33.04
CA GLY E 124 39.38 7.59 -32.04
C GLY E 124 39.00 6.23 -31.53
N VAL E 125 39.93 5.29 -31.55
CA VAL E 125 39.65 3.85 -31.31
C VAL E 125 40.46 3.36 -30.10
N THR E 126 40.01 2.28 -29.47
CA THR E 126 40.72 1.72 -28.32
C THR E 126 40.90 0.24 -28.43
N SER E 127 41.88 -0.26 -27.69
CA SER E 127 42.17 -1.70 -27.65
C SER E 127 41.12 -2.48 -26.85
N ALA E 128 40.27 -1.80 -26.06
CA ALA E 128 39.16 -2.48 -25.36
C ALA E 128 37.86 -2.67 -26.19
N CYS E 129 37.68 -1.89 -27.26
CA CYS E 129 36.48 -2.00 -28.07
C CYS E 129 36.80 -2.72 -29.35
N LYS E 130 36.98 -4.02 -29.26
CA LYS E 130 37.54 -4.76 -30.38
C LYS E 130 36.54 -5.23 -31.46
N ARG E 131 36.68 -4.72 -32.69
CA ARG E 131 35.99 -5.29 -33.88
C ARG E 131 36.96 -6.10 -34.73
N SER E 132 37.21 -5.72 -35.99
CA SER E 132 38.40 -6.19 -36.67
C SER E 132 39.51 -5.40 -36.00
N GLY E 133 40.32 -6.10 -35.21
CA GLY E 133 41.43 -5.48 -34.45
C GLY E 133 40.93 -4.67 -33.27
N SER E 134 41.39 -3.42 -33.16
CA SER E 134 40.91 -2.45 -32.15
C SER E 134 39.94 -1.45 -32.77
N SER E 135 38.75 -1.28 -32.17
CA SER E 135 37.68 -0.40 -32.68
C SER E 135 36.99 0.45 -31.56
N PHE E 136 35.71 0.82 -31.71
CA PHE E 136 35.03 1.76 -30.78
C PHE E 136 33.52 1.45 -30.69
N TYR E 137 32.75 2.32 -30.03
CA TYR E 137 31.28 2.33 -30.16
C TYR E 137 30.82 2.70 -31.58
N ALA E 138 29.80 1.98 -32.04
CA ALA E 138 29.34 2.07 -33.43
C ALA E 138 28.42 3.23 -33.59
N GLU E 139 27.68 3.57 -32.56
CA GLU E 139 26.74 4.68 -32.66
C GLU E 139 27.36 6.03 -32.26
N MET E 140 28.68 6.08 -32.10
CA MET E 140 29.34 7.24 -31.51
C MET E 140 30.67 7.42 -32.23
N LYS E 141 31.37 8.53 -31.94
CA LYS E 141 32.65 8.88 -32.60
C LYS E 141 33.56 9.61 -31.62
N TRP E 142 34.75 9.07 -31.35
CA TRP E 142 35.69 9.73 -30.40
C TRP E 142 36.26 10.94 -31.12
N LEU E 143 35.77 12.13 -30.74
CA LEU E 143 36.22 13.38 -31.37
C LEU E 143 37.45 13.92 -30.63
N LEU E 144 38.56 14.05 -31.37
CA LEU E 144 39.90 14.46 -30.90
C LEU E 144 40.38 15.81 -31.53
N SER E 145 41.63 16.19 -31.23
CA SER E 145 42.36 17.24 -31.98
C SER E 145 43.32 16.65 -33.05
N ASN E 146 43.59 17.43 -34.11
CA ASN E 146 44.07 16.90 -35.40
C ASN E 146 45.37 16.14 -35.23
N THR E 147 46.35 16.77 -34.60
CA THR E 147 47.52 16.02 -34.11
C THR E 147 47.84 16.34 -32.66
N ASP E 148 48.80 15.57 -32.11
CA ASP E 148 49.12 15.57 -30.68
C ASP E 148 49.25 16.99 -30.12
N ASN E 149 48.53 17.25 -29.02
CA ASN E 149 48.36 18.57 -28.36
C ASN E 149 47.57 19.67 -29.11
N ALA E 150 47.29 19.48 -30.40
CA ALA E 150 46.80 20.54 -31.29
C ALA E 150 45.45 21.12 -30.86
N ALA E 151 45.03 22.17 -31.56
CA ALA E 151 43.75 22.87 -31.30
C ALA E 151 42.53 21.95 -31.39
N PHE E 152 41.71 21.94 -30.35
CA PHE E 152 40.33 21.52 -30.53
C PHE E 152 39.47 22.76 -30.80
N PRO E 153 39.30 23.19 -32.09
CA PRO E 153 38.52 24.42 -32.34
C PRO E 153 37.07 24.29 -31.86
N GLN E 154 36.70 25.17 -30.90
CA GLN E 154 35.36 25.20 -30.25
C GLN E 154 34.25 24.95 -31.29
N MET E 155 33.34 24.02 -30.99
CA MET E 155 32.29 23.57 -31.93
C MET E 155 30.88 23.67 -31.40
N THR E 156 29.95 23.69 -32.35
CA THR E 156 28.54 23.57 -32.08
C THR E 156 27.93 22.72 -33.23
N LYS E 157 27.09 21.75 -32.87
CA LYS E 157 26.28 20.91 -33.78
C LYS E 157 24.83 20.91 -33.26
N SER E 158 23.88 20.42 -34.07
CA SER E 158 22.47 20.34 -33.60
C SER E 158 21.57 19.40 -34.39
N TYR E 159 20.66 18.71 -33.69
CA TYR E 159 19.80 17.70 -34.32
C TYR E 159 18.34 18.01 -33.99
N LYS E 160 17.51 18.18 -35.02
CA LYS E 160 16.07 18.29 -34.83
C LYS E 160 15.40 16.92 -34.97
N ASN E 161 14.77 16.50 -33.88
CA ASN E 161 13.77 15.47 -33.90
C ASN E 161 12.73 15.81 -35.00
N THR E 162 12.88 15.18 -36.15
CA THR E 162 11.90 15.20 -37.22
C THR E 162 10.60 14.53 -36.84
N ARG E 163 10.68 13.46 -36.07
CA ARG E 163 9.54 12.56 -35.89
C ARG E 163 8.55 12.98 -34.82
N LYS E 164 7.40 12.32 -34.84
CA LYS E 164 6.33 12.58 -33.87
C LYS E 164 6.55 11.96 -32.47
N SER E 165 7.38 10.91 -32.41
CA SER E 165 7.81 10.27 -31.15
C SER E 165 9.02 11.00 -30.57
N PRO E 166 9.30 10.79 -29.25
CA PRO E 166 10.51 11.43 -28.71
C PRO E 166 11.76 10.59 -29.09
N ALA E 167 12.93 11.19 -28.99
CA ALA E 167 14.18 10.50 -29.30
C ALA E 167 14.92 10.14 -28.01
N ILE E 168 16.12 9.59 -28.13
CA ILE E 168 17.02 9.43 -27.01
C ILE E 168 18.33 9.90 -27.57
N ILE E 169 18.89 10.93 -26.97
CA ILE E 169 20.16 11.44 -27.42
C ILE E 169 21.21 11.02 -26.42
N VAL E 170 22.35 10.54 -26.90
CA VAL E 170 23.44 10.10 -26.01
C VAL E 170 24.74 10.79 -26.37
N TRP E 171 25.63 10.92 -25.40
CA TRP E 171 26.96 11.48 -25.62
C TRP E 171 27.81 11.15 -24.39
N GLY E 172 29.12 11.25 -24.57
CA GLY E 172 30.07 10.86 -23.52
C GLY E 172 31.09 11.93 -23.24
N ILE E 173 31.56 11.94 -21.99
CA ILE E 173 32.63 12.81 -21.60
C ILE E 173 33.81 11.89 -21.34
N HIS E 174 34.99 12.35 -21.75
CA HIS E 174 36.21 11.57 -21.55
C HIS E 174 37.10 12.12 -20.44
N HIS E 175 37.13 11.33 -19.38
CA HIS E 175 37.98 11.58 -18.26
C HIS E 175 39.27 10.80 -18.59
N SER E 176 40.24 11.56 -19.10
CA SER E 176 41.57 11.07 -19.51
C SER E 176 42.49 10.89 -18.29
N VAL E 177 43.26 9.79 -18.28
CA VAL E 177 44.08 9.40 -17.08
C VAL E 177 44.89 10.55 -16.34
N SER E 178 45.12 11.71 -17.00
CA SER E 178 45.80 12.91 -16.42
C SER E 178 45.60 14.24 -17.24
N THR E 179 45.90 15.40 -16.62
CA THR E 179 45.87 16.78 -17.27
C THR E 179 46.86 16.88 -18.42
N ALA E 180 48.04 16.31 -18.19
CA ALA E 180 49.04 16.01 -19.20
C ALA E 180 48.48 15.27 -20.42
N GLU E 181 47.78 14.16 -20.17
CA GLU E 181 47.19 13.33 -21.23
C GLU E 181 45.89 13.94 -21.85
N GLN E 182 45.12 14.74 -21.07
CA GLN E 182 43.98 15.52 -21.59
C GLN E 182 44.44 16.40 -22.74
N THR E 183 45.65 16.95 -22.61
CA THR E 183 46.29 17.68 -23.72
C THR E 183 46.66 16.77 -24.91
N LYS E 184 47.59 15.82 -24.74
CA LYS E 184 47.90 14.81 -25.78
C LYS E 184 46.72 14.47 -26.73
N LEU E 185 45.50 14.41 -26.17
CA LEU E 185 44.28 14.23 -26.97
C LEU E 185 43.71 15.54 -27.54
N TYR E 186 43.19 16.42 -26.69
CA TYR E 186 42.32 17.55 -27.13
C TYR E 186 42.97 18.97 -27.12
N GLY E 187 44.08 19.14 -26.39
CA GLY E 187 44.65 20.47 -26.12
C GLY E 187 44.27 20.91 -24.71
N SER E 188 44.90 21.98 -24.22
CA SER E 188 44.81 22.38 -22.79
C SER E 188 43.65 23.31 -22.38
N GLY E 189 43.55 23.61 -21.10
CA GLY E 189 42.62 24.59 -20.55
C GLY E 189 41.29 24.01 -20.10
N ASN E 190 40.45 24.84 -19.45
CA ASN E 190 39.01 24.55 -19.05
C ASN E 190 38.23 23.80 -20.15
N LYS E 191 38.13 22.47 -20.11
CA LYS E 191 37.54 21.74 -21.27
C LYS E 191 36.00 21.63 -21.21
N LEU E 192 35.30 22.68 -21.62
CA LEU E 192 33.82 22.76 -21.45
C LEU E 192 33.00 22.11 -22.58
N VAL E 193 32.34 20.99 -22.28
CA VAL E 193 31.22 20.43 -23.07
C VAL E 193 29.91 20.99 -22.51
N THR E 194 29.09 21.59 -23.37
CA THR E 194 27.81 22.19 -22.96
C THR E 194 26.71 21.49 -23.76
N VAL E 195 25.52 21.41 -23.17
CA VAL E 195 24.39 20.64 -23.73
C VAL E 195 23.07 21.36 -23.49
N GLY E 196 22.59 22.06 -24.53
CA GLY E 196 21.31 22.74 -24.50
C GLY E 196 20.30 22.01 -25.35
N SER E 197 19.22 21.59 -24.72
CA SER E 197 18.06 21.08 -25.46
C SER E 197 17.13 22.29 -25.66
N SER E 198 15.93 22.18 -25.12
CA SER E 198 15.12 23.32 -24.76
C SER E 198 14.45 23.06 -23.38
N ASN E 199 13.84 21.89 -23.16
CA ASN E 199 13.27 21.55 -21.82
C ASN E 199 14.34 20.94 -20.90
N TYR E 200 15.55 21.50 -20.95
CA TYR E 200 16.79 20.95 -20.37
C TYR E 200 17.92 21.87 -20.87
N GLN E 201 18.79 22.32 -19.96
CA GLN E 201 20.14 22.84 -20.31
C GLN E 201 21.10 22.27 -19.24
N GLN E 202 22.41 22.47 -19.41
CA GLN E 202 23.43 21.87 -18.53
C GLN E 202 24.77 21.85 -19.20
N SER E 203 25.82 21.63 -18.41
CA SER E 203 27.18 21.49 -18.97
C SER E 203 28.03 20.50 -18.20
N PHE E 204 29.14 20.11 -18.87
CA PHE E 204 30.02 19.01 -18.46
C PHE E 204 31.47 19.41 -18.74
N VAL E 205 32.32 19.37 -17.72
CA VAL E 205 33.80 19.60 -17.86
C VAL E 205 34.50 18.35 -17.35
N PRO E 206 35.37 17.75 -18.18
CA PRO E 206 36.04 16.53 -17.79
C PRO E 206 36.86 16.73 -16.54
N SER E 207 36.89 15.69 -15.71
CA SER E 207 37.80 15.63 -14.58
C SER E 207 38.82 14.49 -14.80
N PRO E 208 39.96 14.82 -15.42
CA PRO E 208 41.06 13.90 -15.63
C PRO E 208 41.93 13.66 -14.43
N GLY E 209 42.63 12.54 -14.47
CA GLY E 209 43.47 12.08 -13.34
C GLY E 209 43.52 10.58 -13.12
N ALA E 210 44.21 10.18 -12.05
CA ALA E 210 44.50 8.76 -11.74
C ALA E 210 43.27 7.97 -11.28
N ARG E 211 43.10 6.78 -11.84
CA ARG E 211 42.12 5.82 -11.35
C ARG E 211 42.35 4.43 -11.99
N PRO E 212 42.21 3.35 -11.18
CA PRO E 212 42.90 2.10 -11.48
C PRO E 212 42.44 1.42 -12.76
N GLN E 213 43.29 0.57 -13.29
CA GLN E 213 43.12 0.06 -14.63
C GLN E 213 41.93 -0.90 -14.66
N VAL E 214 40.98 -0.65 -15.57
CA VAL E 214 39.82 -1.54 -15.84
C VAL E 214 39.82 -1.90 -17.34
N ASN E 215 39.77 -3.21 -17.67
CA ASN E 215 40.24 -3.74 -18.97
C ASN E 215 41.67 -3.27 -19.22
N GLY E 216 42.50 -3.19 -18.17
CA GLY E 216 43.89 -2.68 -18.27
C GLY E 216 44.07 -1.26 -18.80
N LEU E 217 43.06 -0.41 -18.64
CA LEU E 217 43.05 1.00 -19.08
C LEU E 217 42.60 1.91 -17.92
N SER E 218 43.35 2.98 -17.67
CA SER E 218 43.10 3.80 -16.50
C SER E 218 42.14 4.97 -16.73
N GLY E 219 41.64 5.13 -17.96
CA GLY E 219 40.70 6.21 -18.28
C GLY E 219 39.25 5.81 -18.04
N ARG E 220 38.34 6.79 -18.17
CA ARG E 220 36.91 6.54 -18.20
C ARG E 220 36.16 7.40 -19.22
N ILE E 221 35.24 6.79 -19.97
CA ILE E 221 34.22 7.53 -20.71
C ILE E 221 32.86 7.25 -20.07
N ASP E 222 32.29 8.24 -19.36
CA ASP E 222 30.87 8.13 -18.95
C ASP E 222 29.89 8.90 -19.87
N PHE E 223 28.75 8.24 -20.11
CA PHE E 223 27.77 8.62 -21.10
C PHE E 223 26.65 9.31 -20.36
N HIS E 224 26.07 10.37 -20.97
CA HIS E 224 24.87 11.06 -20.44
C HIS E 224 23.80 11.06 -21.50
N TRP E 225 22.58 11.41 -21.10
CA TRP E 225 21.44 11.27 -22.01
C TRP E 225 20.23 12.12 -21.70
N LEU E 226 19.48 12.47 -22.76
CA LEU E 226 18.23 13.25 -22.64
C LEU E 226 17.16 12.77 -23.61
N ILE E 227 15.90 13.00 -23.26
CA ILE E 227 14.80 12.69 -24.15
C ILE E 227 14.38 13.90 -24.96
N LEU E 228 14.82 13.94 -26.22
CA LEU E 228 14.48 15.01 -27.17
C LEU E 228 13.06 14.89 -27.79
N ASN E 229 12.29 15.98 -27.71
CA ASN E 229 10.84 15.92 -27.98
C ASN E 229 10.50 16.10 -29.49
N PRO E 230 9.25 15.68 -29.91
CA PRO E 230 8.74 16.07 -31.25
C PRO E 230 9.02 17.55 -31.55
N ASN E 231 9.62 17.86 -32.69
CA ASN E 231 9.90 19.26 -33.09
C ASN E 231 11.12 19.92 -32.40
N ASP E 232 11.57 19.45 -31.23
CA ASP E 232 12.58 20.23 -30.51
C ASP E 232 13.95 20.18 -31.23
N THR E 233 14.91 21.00 -30.76
CA THR E 233 16.34 20.82 -31.12
C THR E 233 17.21 20.72 -29.87
N VAL E 234 18.19 19.84 -29.96
CA VAL E 234 19.31 19.78 -29.06
C VAL E 234 20.48 20.49 -29.73
N THR E 235 21.33 21.10 -28.91
CA THR E 235 22.55 21.77 -29.38
C THR E 235 23.74 21.35 -28.52
N PHE E 236 24.81 20.95 -29.22
CA PHE E 236 26.02 20.39 -28.62
C PHE E 236 27.20 21.38 -28.80
N SER E 237 27.41 22.24 -27.79
CA SER E 237 28.57 23.17 -27.74
C SER E 237 29.74 22.56 -26.94
N PHE E 238 30.92 22.47 -27.57
CA PHE E 238 32.07 21.82 -26.95
C PHE E 238 33.44 22.19 -27.52
N ASN E 239 34.47 21.82 -26.77
CA ASN E 239 35.86 22.17 -27.07
C ASN E 239 36.87 21.08 -26.65
N GLY E 240 36.40 19.82 -26.60
CA GLY E 240 37.18 18.68 -26.07
C GLY E 240 36.38 17.69 -25.22
N ALA E 241 37.07 16.66 -24.74
CA ALA E 241 36.53 15.52 -24.00
C ALA E 241 35.10 15.06 -24.35
N PHE E 242 34.76 15.11 -25.65
CA PHE E 242 33.39 14.88 -26.14
C PHE E 242 33.34 13.63 -27.02
N ILE E 243 32.40 12.73 -26.71
CA ILE E 243 32.11 11.57 -27.55
C ILE E 243 30.79 11.92 -28.25
N ALA E 244 30.82 12.03 -29.57
CA ALA E 244 29.70 12.60 -30.34
C ALA E 244 28.80 11.49 -30.83
N PRO E 245 27.49 11.67 -30.67
CA PRO E 245 26.55 10.65 -31.12
C PRO E 245 26.28 10.71 -32.63
N ASP E 246 26.55 9.59 -33.31
CA ASP E 246 26.19 9.42 -34.72
C ASP E 246 24.67 9.37 -34.91
N ARG E 247 24.02 8.59 -34.05
CA ARG E 247 22.58 8.34 -34.13
C ARG E 247 21.73 8.50 -32.84
N ALA E 248 20.54 9.01 -33.11
CA ALA E 248 19.50 9.09 -32.15
C ALA E 248 18.56 7.89 -32.33
N SER E 249 17.99 7.49 -31.21
CA SER E 249 17.34 6.23 -31.01
C SER E 249 15.90 6.48 -30.59
N PHE E 250 14.95 5.89 -31.31
CA PHE E 250 13.52 6.04 -31.03
C PHE E 250 12.90 4.73 -30.62
N LEU E 251 11.81 4.81 -29.87
CA LEU E 251 11.24 3.63 -29.29
C LEU E 251 10.21 3.00 -30.21
N ARG E 252 10.18 1.68 -30.37
CA ARG E 252 9.23 1.08 -31.28
C ARG E 252 7.84 0.91 -30.70
N GLY E 253 7.68 0.70 -29.39
CA GLY E 253 6.36 0.28 -28.87
C GLY E 253 6.14 -0.05 -27.39
N LYS E 254 6.06 -1.34 -27.10
CA LYS E 254 5.66 -1.78 -25.77
C LYS E 254 6.25 -3.15 -25.49
N SER E 255 6.96 -3.23 -24.38
CA SER E 255 7.59 -4.47 -24.01
C SER E 255 7.73 -4.66 -22.51
N MET E 256 8.05 -5.89 -22.16
CA MET E 256 8.18 -6.29 -20.81
C MET E 256 9.66 -6.38 -20.73
N GLY E 257 10.29 -5.78 -19.74
CA GLY E 257 11.68 -6.11 -19.48
C GLY E 257 11.77 -7.01 -18.27
N ILE E 258 12.55 -8.11 -18.34
CA ILE E 258 12.93 -8.92 -17.15
C ILE E 258 14.40 -9.12 -17.09
N GLN E 259 14.85 -9.55 -15.93
CA GLN E 259 16.24 -9.96 -15.72
C GLN E 259 16.22 -11.36 -15.23
N SER E 260 17.08 -12.21 -15.79
CA SER E 260 17.02 -13.62 -15.43
C SER E 260 18.33 -14.30 -15.64
N GLY E 261 18.42 -15.46 -15.02
CA GLY E 261 19.53 -16.35 -15.18
C GLY E 261 19.16 -17.63 -15.87
N VAL E 262 17.88 -17.84 -16.23
CA VAL E 262 17.46 -19.12 -16.83
C VAL E 262 17.16 -18.95 -18.28
N GLN E 263 16.98 -20.09 -18.94
CA GLN E 263 16.93 -20.16 -20.37
C GLN E 263 15.50 -20.00 -20.91
N VAL E 264 15.43 -19.72 -22.20
CA VAL E 264 14.19 -19.47 -22.91
C VAL E 264 13.52 -20.80 -23.17
N ASP E 265 12.24 -20.80 -23.40
CA ASP E 265 11.60 -22.02 -23.75
C ASP E 265 10.34 -21.60 -24.43
N ALA E 266 10.24 -21.99 -25.68
CA ALA E 266 9.16 -21.55 -26.51
C ALA E 266 8.00 -22.46 -26.35
N ASN E 267 8.16 -23.57 -25.64
CA ASN E 267 7.07 -24.51 -25.44
C ASN E 267 5.94 -24.00 -24.56
N CYS E 268 6.32 -23.47 -23.39
CA CYS E 268 5.40 -23.07 -22.31
C CYS E 268 5.27 -21.59 -22.40
N GLU E 269 4.04 -21.09 -22.41
CA GLU E 269 3.72 -19.64 -22.51
C GLU E 269 3.38 -19.10 -21.14
N GLY E 270 3.87 -17.91 -20.82
CA GLY E 270 3.62 -17.36 -19.49
C GLY E 270 3.75 -15.86 -19.43
N ASP E 271 3.07 -15.29 -18.43
CA ASP E 271 3.07 -13.84 -18.19
C ASP E 271 3.64 -13.37 -16.88
N CYS E 272 4.04 -14.27 -15.97
CA CYS E 272 4.67 -13.87 -14.71
C CYS E 272 6.08 -14.40 -14.59
N TYR E 273 7.02 -13.49 -14.78
CA TYR E 273 8.42 -13.79 -14.82
C TYR E 273 9.11 -13.28 -13.57
N HIS E 274 10.24 -13.91 -13.33
CA HIS E 274 11.27 -13.43 -12.45
C HIS E 274 12.56 -14.24 -12.75
N SER E 275 13.64 -13.72 -12.20
CA SER E 275 14.99 -14.20 -12.40
C SER E 275 15.24 -15.68 -12.20
N GLY E 276 14.27 -16.36 -11.61
CA GLY E 276 14.28 -17.81 -11.45
C GLY E 276 13.38 -18.60 -12.40
N GLY E 277 12.67 -17.93 -13.30
CA GLY E 277 11.78 -18.60 -14.25
C GLY E 277 10.41 -17.98 -14.51
N THR E 278 9.35 -18.77 -14.40
CA THR E 278 8.05 -18.37 -14.85
C THR E 278 7.00 -18.96 -13.97
N ILE E 279 6.13 -18.09 -13.50
CA ILE E 279 5.10 -18.43 -12.55
C ILE E 279 3.89 -18.56 -13.39
N ILE E 280 3.56 -19.81 -13.69
CA ILE E 280 2.29 -20.09 -14.33
C ILE E 280 1.30 -20.51 -13.26
N SER E 281 0.29 -19.67 -13.02
CA SER E 281 -0.80 -20.04 -12.15
C SER E 281 -2.07 -19.24 -12.40
N ASN E 282 -3.15 -19.70 -11.74
CA ASN E 282 -4.46 -19.01 -11.70
C ASN E 282 -4.86 -18.79 -10.24
N LEU E 283 -3.87 -18.89 -9.36
CA LEU E 283 -4.07 -18.74 -7.95
C LEU E 283 -3.83 -17.32 -7.61
N PRO E 284 -4.60 -16.80 -6.66
CA PRO E 284 -4.56 -15.41 -6.30
C PRO E 284 -3.29 -14.98 -5.60
N PHE E 285 -2.58 -15.93 -4.98
CA PHE E 285 -1.37 -15.62 -4.21
C PHE E 285 -0.17 -16.55 -4.59
N GLN E 286 1.04 -16.01 -4.76
CA GLN E 286 2.28 -16.77 -5.07
C GLN E 286 3.18 -16.54 -3.94
N ASN E 287 4.03 -17.49 -3.62
CA ASN E 287 4.99 -17.25 -2.55
C ASN E 287 6.47 -17.26 -3.03
N ILE E 288 6.70 -16.86 -4.30
CA ILE E 288 7.92 -17.17 -5.04
C ILE E 288 9.05 -16.09 -5.13
N ASP E 289 8.99 -15.05 -5.96
CA ASP E 289 10.01 -13.95 -5.86
C ASP E 289 9.04 -12.81 -5.66
N SER E 290 9.21 -12.12 -4.55
CA SER E 290 8.48 -10.90 -4.31
C SER E 290 8.81 -9.73 -5.24
N ARG E 291 9.63 -9.94 -6.27
CA ARG E 291 9.82 -8.93 -7.32
C ARG E 291 9.45 -9.49 -8.71
N ALA E 292 8.65 -10.54 -8.70
CA ALA E 292 8.12 -11.08 -9.93
C ALA E 292 7.46 -9.99 -10.69
N VAL E 293 7.69 -9.96 -11.99
CA VAL E 293 7.07 -8.94 -12.79
C VAL E 293 6.12 -9.59 -13.71
N GLY E 294 5.53 -8.78 -14.60
CA GLY E 294 4.51 -9.23 -15.52
C GLY E 294 3.18 -9.31 -14.83
N LYS E 295 2.28 -10.14 -15.30
CA LYS E 295 0.95 -10.17 -14.73
C LYS E 295 0.94 -11.28 -13.74
N CYS E 296 1.14 -11.00 -12.46
CA CYS E 296 1.36 -12.08 -11.46
C CYS E 296 0.20 -12.40 -10.47
N PRO E 297 0.37 -13.46 -9.69
CA PRO E 297 -0.43 -13.46 -8.49
C PRO E 297 0.22 -12.57 -7.45
N ARG E 298 -0.41 -12.40 -6.33
CA ARG E 298 0.15 -11.54 -5.28
C ARG E 298 1.18 -12.28 -4.50
N TYR E 299 2.28 -11.60 -4.17
CA TYR E 299 3.24 -12.18 -3.26
C TYR E 299 2.61 -12.29 -1.93
N VAL E 300 2.82 -13.39 -1.23
CA VAL E 300 2.52 -13.43 0.19
C VAL E 300 3.62 -14.18 0.93
N LYS E 301 3.60 -14.03 2.25
CA LYS E 301 4.63 -14.63 3.10
C LYS E 301 4.28 -16.08 3.32
N GLN E 302 2.99 -16.32 3.36
CA GLN E 302 2.48 -17.62 3.67
C GLN E 302 2.97 -18.62 2.65
N ARG E 303 3.37 -19.79 3.10
CA ARG E 303 3.65 -20.82 2.14
C ARG E 303 2.38 -21.46 1.62
N SER E 304 1.44 -21.76 2.49
CA SER E 304 0.19 -22.46 2.13
C SER E 304 -1.01 -21.81 2.82
N LEU E 305 -2.12 -21.76 2.12
CA LEU E 305 -3.32 -21.24 2.69
C LEU E 305 -4.40 -22.08 2.11
N LEU E 306 -4.91 -23.02 2.89
CA LEU E 306 -5.85 -24.01 2.38
C LEU E 306 -7.28 -23.50 2.52
N LEU E 307 -7.96 -23.46 1.37
CA LEU E 307 -9.36 -23.03 1.24
C LEU E 307 -10.26 -24.28 1.14
N ALA E 308 -11.35 -24.28 1.89
CA ALA E 308 -12.14 -25.49 2.00
C ALA E 308 -13.07 -25.60 0.83
N THR E 309 -13.24 -26.82 0.35
CA THR E 309 -14.20 -27.08 -0.72
C THR E 309 -15.17 -28.22 -0.38
N GLY E 310 -15.29 -28.51 0.90
CA GLY E 310 -16.25 -29.51 1.37
C GLY E 310 -16.69 -29.17 2.76
N MET E 311 -17.51 -30.05 3.30
CA MET E 311 -17.96 -29.90 4.67
C MET E 311 -16.94 -30.36 5.72
N LYS E 312 -17.31 -30.13 6.98
CA LYS E 312 -16.74 -30.85 8.12
C LYS E 312 -16.63 -32.42 7.92
N ASN E 313 -15.42 -32.97 8.00
CA ASN E 313 -15.23 -34.42 8.05
C ASN E 313 -15.46 -34.90 9.50
N VAL E 314 -16.53 -35.65 9.71
CA VAL E 314 -16.80 -36.31 11.01
C VAL E 314 -16.98 -37.82 10.76
N PRO E 315 -16.01 -38.66 11.20
CA PRO E 315 -16.18 -40.12 11.35
C PRO E 315 -16.41 -40.54 12.86
N GLU E 316 -16.47 -41.84 13.20
CA GLU E 316 -16.78 -42.32 14.58
C GLU E 316 -15.54 -42.51 15.49
N GLY F 1 -19.57 -25.73 13.46
CA GLY F 1 -20.05 -24.37 13.89
C GLY F 1 -21.43 -24.09 13.35
N LEU F 2 -22.20 -23.28 14.10
CA LEU F 2 -23.55 -22.81 13.67
C LEU F 2 -24.53 -23.94 13.36
N PHE F 3 -25.80 -23.57 13.13
CA PHE F 3 -26.79 -24.41 12.41
C PHE F 3 -27.15 -25.82 12.94
N GLY F 4 -26.20 -26.52 13.56
CA GLY F 4 -26.49 -27.63 14.49
C GLY F 4 -26.28 -29.01 13.93
N ALA F 5 -26.48 -29.16 12.62
CA ALA F 5 -26.53 -30.47 11.98
C ALA F 5 -25.15 -31.14 11.90
N ILE F 6 -24.31 -30.68 10.98
CA ILE F 6 -23.08 -31.37 10.64
C ILE F 6 -22.12 -31.29 11.84
N ALA F 7 -21.61 -32.46 12.26
CA ALA F 7 -20.99 -32.62 13.58
C ALA F 7 -21.77 -31.85 14.67
N GLY F 8 -22.83 -32.48 15.18
CA GLY F 8 -23.69 -31.85 16.18
C GLY F 8 -24.79 -32.82 16.57
N PHE F 9 -26.05 -32.45 16.36
CA PHE F 9 -27.17 -33.36 16.69
C PHE F 9 -27.15 -34.55 15.72
N ILE F 10 -26.72 -34.36 14.46
CA ILE F 10 -26.36 -35.52 13.60
C ILE F 10 -24.98 -36.04 14.00
N GLU F 11 -25.04 -37.12 14.75
CA GLU F 11 -23.94 -37.61 15.54
C GLU F 11 -22.98 -38.20 14.51
N ASN F 12 -21.87 -37.50 14.28
CA ASN F 12 -20.93 -37.83 13.19
C ASN F 12 -21.61 -37.99 11.80
N GLY F 13 -20.95 -38.63 10.83
CA GLY F 13 -21.48 -38.71 9.46
C GLY F 13 -20.87 -39.87 8.73
N TRP F 14 -21.25 -40.04 7.46
CA TRP F 14 -21.23 -41.35 6.79
C TRP F 14 -20.17 -41.62 5.71
N GLU F 15 -19.12 -42.36 6.09
CA GLU F 15 -18.08 -42.80 5.15
C GLU F 15 -18.64 -43.72 4.08
N GLY F 16 -19.69 -44.48 4.44
CA GLY F 16 -20.38 -45.31 3.48
C GLY F 16 -20.77 -44.50 2.25
N LEU F 17 -21.43 -43.37 2.47
CA LEU F 17 -22.13 -42.66 1.39
C LEU F 17 -21.18 -42.02 0.40
N ILE F 18 -21.13 -42.52 -0.84
CA ILE F 18 -20.15 -42.04 -1.84
C ILE F 18 -20.75 -41.45 -3.14
N ASP F 19 -22.07 -41.23 -3.14
CA ASP F 19 -22.86 -40.82 -4.32
C ASP F 19 -23.10 -39.30 -4.38
N GLY F 20 -22.62 -38.58 -3.36
CA GLY F 20 -22.83 -37.14 -3.22
C GLY F 20 -22.35 -36.66 -1.85
N TRP F 21 -22.94 -35.56 -1.37
CA TRP F 21 -22.61 -34.99 -0.07
C TRP F 21 -23.64 -35.43 0.97
N TYR F 22 -24.92 -35.32 0.61
CA TYR F 22 -26.05 -35.59 1.52
C TYR F 22 -26.84 -36.85 1.15
N GLY F 23 -27.66 -37.38 2.06
CA GLY F 23 -28.45 -38.59 1.77
C GLY F 23 -29.42 -39.08 2.85
N PHE F 24 -30.13 -40.18 2.50
CA PHE F 24 -31.03 -40.91 3.42
C PHE F 24 -30.60 -42.38 3.64
N ARG F 25 -30.33 -42.76 4.88
CA ARG F 25 -30.20 -44.18 5.28
C ARG F 25 -31.57 -44.50 5.87
N HIS F 26 -32.22 -45.56 5.38
CA HIS F 26 -33.50 -46.08 5.96
C HIS F 26 -33.39 -47.53 6.48
N GLN F 27 -34.46 -48.02 7.13
CA GLN F 27 -34.66 -49.46 7.34
C GLN F 27 -36.17 -49.74 7.45
N ASN F 28 -36.64 -50.84 6.82
CA ASN F 28 -38.08 -51.07 6.61
C ASN F 28 -38.42 -52.58 6.45
N ALA F 29 -39.38 -52.89 5.55
CA ALA F 29 -39.51 -54.18 4.87
C ALA F 29 -38.15 -54.86 4.54
N GLN F 30 -37.54 -54.61 3.38
CA GLN F 30 -36.28 -55.32 2.97
C GLN F 30 -35.13 -55.21 3.98
N GLY F 31 -34.92 -54.00 4.51
CA GLY F 31 -33.75 -53.69 5.36
C GLY F 31 -33.14 -52.36 4.93
N GLU F 32 -31.83 -52.19 5.19
CA GLU F 32 -31.16 -50.87 5.00
C GLU F 32 -30.78 -50.53 3.54
N GLY F 33 -31.02 -49.26 3.18
CA GLY F 33 -30.66 -48.70 1.88
C GLY F 33 -30.30 -47.23 2.02
N THR F 34 -29.29 -46.82 1.26
CA THR F 34 -28.73 -45.47 1.31
C THR F 34 -28.66 -44.88 -0.13
N ALA F 35 -29.30 -43.73 -0.32
CA ALA F 35 -29.38 -43.06 -1.64
C ALA F 35 -29.21 -41.55 -1.47
N ALA F 36 -28.22 -40.97 -2.15
CA ALA F 36 -27.84 -39.56 -1.99
C ALA F 36 -28.88 -38.59 -2.57
N ASP F 37 -29.11 -37.44 -1.91
CA ASP F 37 -30.05 -36.38 -2.37
C ASP F 37 -29.34 -35.37 -3.29
N TYR F 38 -29.49 -35.56 -4.61
CA TYR F 38 -28.75 -34.76 -5.64
C TYR F 38 -29.06 -33.26 -5.63
N LYS F 39 -30.23 -32.85 -5.13
CA LYS F 39 -30.56 -31.42 -5.15
C LYS F 39 -29.86 -30.65 -4.03
N SER F 40 -29.82 -31.23 -2.83
CA SER F 40 -29.01 -30.66 -1.76
C SER F 40 -27.49 -30.81 -2.04
N THR F 41 -27.08 -31.96 -2.59
CA THR F 41 -25.66 -32.23 -3.02
C THR F 41 -25.18 -31.23 -4.08
N GLN F 42 -26.01 -30.96 -5.09
CA GLN F 42 -25.65 -29.99 -6.14
C GLN F 42 -25.83 -28.52 -5.69
N SER F 43 -26.65 -28.26 -4.67
CA SER F 43 -26.82 -26.89 -4.15
C SER F 43 -25.56 -26.40 -3.45
N ALA F 44 -24.99 -27.28 -2.62
CA ALA F 44 -23.70 -27.04 -1.94
C ALA F 44 -22.55 -26.92 -2.93
N ILE F 45 -22.38 -27.96 -3.73
CA ILE F 45 -21.41 -27.93 -4.79
C ILE F 45 -21.52 -26.65 -5.63
N ASP F 46 -22.68 -26.34 -6.21
CA ASP F 46 -22.85 -25.10 -7.03
C ASP F 46 -22.52 -23.77 -6.32
N GLN F 47 -22.62 -23.73 -4.99
CA GLN F 47 -22.19 -22.58 -4.19
C GLN F 47 -20.65 -22.54 -3.95
N ILE F 48 -20.05 -23.65 -3.52
CA ILE F 48 -18.60 -23.70 -3.39
C ILE F 48 -18.07 -23.32 -4.76
N THR F 49 -18.45 -24.08 -5.78
CA THR F 49 -18.10 -23.78 -7.18
C THR F 49 -17.88 -22.30 -7.43
N GLY F 50 -18.94 -21.53 -7.15
CA GLY F 50 -18.99 -20.09 -7.40
C GLY F 50 -17.92 -19.26 -6.69
N LYS F 51 -17.52 -19.72 -5.50
CA LYS F 51 -16.31 -19.20 -4.84
C LYS F 51 -15.03 -19.44 -5.61
N LEU F 52 -14.70 -20.69 -5.88
CA LEU F 52 -13.50 -20.96 -6.64
C LEU F 52 -13.37 -20.12 -7.90
N ASN F 53 -14.46 -19.95 -8.65
CA ASN F 53 -14.42 -19.17 -9.92
C ASN F 53 -14.27 -17.67 -9.69
N ARG F 54 -14.28 -17.26 -8.42
CA ARG F 54 -14.03 -15.87 -8.00
C ARG F 54 -12.57 -15.73 -7.58
N LEU F 55 -12.06 -16.69 -6.82
CA LEU F 55 -10.73 -16.60 -6.24
C LEU F 55 -9.68 -17.09 -7.21
N ILE F 56 -10.04 -18.12 -7.99
CA ILE F 56 -9.19 -18.58 -9.10
C ILE F 56 -9.44 -17.63 -10.27
N ALA F 57 -8.60 -16.57 -10.36
CA ALA F 57 -8.90 -15.34 -11.11
C ALA F 57 -7.69 -14.84 -11.86
N LYS F 58 -7.92 -14.22 -13.03
CA LYS F 58 -6.84 -13.62 -13.89
C LYS F 58 -6.58 -12.08 -13.73
N THR F 59 -5.75 -11.74 -12.72
CA THR F 59 -5.31 -10.35 -12.51
C THR F 59 -4.40 -9.79 -13.64
N ASN F 60 -5.01 -9.09 -14.59
CA ASN F 60 -4.31 -8.41 -15.72
C ASN F 60 -3.36 -7.27 -15.24
N GLN F 61 -3.43 -6.88 -13.97
CA GLN F 61 -2.58 -5.79 -13.58
C GLN F 61 -1.19 -6.24 -13.79
N GLN F 62 -0.49 -5.48 -14.60
CA GLN F 62 0.89 -5.74 -14.84
C GLN F 62 1.70 -4.85 -13.94
N PHE F 63 2.90 -5.31 -13.60
CA PHE F 63 3.89 -4.51 -12.89
C PHE F 63 5.21 -4.80 -13.52
N GLU F 64 6.13 -3.85 -13.37
CA GLU F 64 7.42 -3.90 -14.03
C GLU F 64 8.46 -3.58 -13.00
N LEU F 65 9.72 -3.73 -13.35
CA LEU F 65 10.77 -3.48 -12.36
C LEU F 65 10.82 -1.97 -11.97
N ILE F 66 11.06 -1.64 -10.70
CA ILE F 66 11.55 -0.25 -10.30
C ILE F 66 12.93 -0.25 -9.65
N ASP F 67 13.49 -1.46 -9.77
CA ASP F 67 14.33 -2.13 -8.84
C ASP F 67 15.48 -2.65 -9.71
N ASN F 68 16.54 -3.21 -9.14
CA ASN F 68 17.56 -3.87 -9.98
C ASN F 68 18.39 -4.97 -9.32
N GLU F 69 18.24 -6.22 -9.82
CA GLU F 69 18.83 -7.47 -9.25
C GLU F 69 20.35 -7.59 -9.48
N PHE F 70 20.88 -6.78 -10.40
CA PHE F 70 22.16 -7.03 -10.99
C PHE F 70 23.08 -5.87 -10.74
N ASN F 71 22.68 -4.63 -11.00
CA ASN F 71 23.45 -3.55 -10.47
C ASN F 71 22.52 -2.80 -9.55
N GLU F 72 22.55 -3.13 -8.26
CA GLU F 72 21.64 -2.53 -7.28
C GLU F 72 21.66 -1.01 -7.41
N VAL F 73 20.45 -0.47 -7.36
CA VAL F 73 20.19 0.96 -7.45
C VAL F 73 20.73 1.80 -6.32
N GLU F 74 20.62 3.12 -6.45
CA GLU F 74 21.04 4.03 -5.40
C GLU F 74 20.50 3.62 -4.08
N LYS F 75 21.24 3.94 -3.04
CA LYS F 75 20.98 3.36 -1.75
C LYS F 75 19.73 3.90 -1.11
N GLN F 76 19.50 5.20 -1.30
CA GLN F 76 18.41 5.90 -0.62
C GLN F 76 17.04 5.43 -1.11
N ILE F 77 16.87 5.51 -2.43
CA ILE F 77 15.64 5.08 -3.13
C ILE F 77 15.41 3.60 -3.02
N GLY F 78 16.50 2.85 -2.95
CA GLY F 78 16.40 1.43 -2.75
C GLY F 78 15.74 1.08 -1.43
N ASN F 79 16.12 1.77 -0.37
CA ASN F 79 15.52 1.52 0.92
C ASN F 79 14.06 1.99 0.96
N VAL F 80 13.71 3.04 0.22
CA VAL F 80 12.32 3.46 0.10
C VAL F 80 11.51 2.42 -0.58
N ILE F 81 12.05 1.85 -1.62
CA ILE F 81 11.27 0.90 -2.38
C ILE F 81 10.91 -0.33 -1.54
N ASN F 82 11.94 -0.95 -0.94
CA ASN F 82 11.77 -2.17 -0.14
C ASN F 82 10.73 -1.85 0.91
N TRP F 83 10.87 -0.71 1.53
CA TRP F 83 9.89 -0.31 2.52
C TRP F 83 8.47 -0.35 2.00
N THR F 84 8.28 0.35 0.87
CA THR F 84 7.00 0.49 0.23
C THR F 84 6.54 -0.93 -0.07
N ARG F 85 7.49 -1.70 -0.58
CA ARG F 85 7.22 -3.04 -1.02
C ARG F 85 6.75 -3.87 0.11
N ASP F 86 7.54 -3.88 1.17
CA ASP F 86 7.26 -4.74 2.32
C ASP F 86 6.03 -4.30 3.06
N SER F 87 5.80 -2.98 3.02
CA SER F 87 4.60 -2.36 3.56
C SER F 87 3.40 -3.01 2.88
N ILE F 88 3.51 -3.28 1.58
CA ILE F 88 2.45 -3.99 0.80
C ILE F 88 2.32 -5.53 1.01
N THR F 89 3.37 -6.33 0.67
CA THR F 89 3.52 -7.71 1.17
C THR F 89 2.77 -7.99 2.49
N GLU F 90 2.91 -7.07 3.48
CA GLU F 90 2.09 -7.12 4.72
C GLU F 90 0.64 -7.16 4.46
N VAL F 91 0.19 -6.17 3.71
CA VAL F 91 -1.22 -6.00 3.41
C VAL F 91 -1.85 -7.21 2.80
N TRP F 92 -1.17 -7.79 1.83
CA TRP F 92 -1.68 -8.94 1.10
C TRP F 92 -1.60 -10.19 1.93
N SER F 93 -0.52 -10.39 2.63
CA SER F 93 -0.46 -11.51 3.55
C SER F 93 -1.65 -11.51 4.55
N TYR F 94 -1.92 -10.36 5.15
CA TYR F 94 -3.15 -10.09 5.94
C TYR F 94 -4.41 -10.40 5.13
N ASN F 95 -4.55 -9.72 3.99
CA ASN F 95 -5.75 -9.77 3.19
C ASN F 95 -6.02 -11.23 2.85
N ALA F 96 -4.97 -12.01 2.55
CA ALA F 96 -5.12 -13.40 2.02
C ALA F 96 -5.55 -14.33 3.09
N GLU F 97 -4.77 -14.31 4.17
CA GLU F 97 -5.08 -15.05 5.35
C GLU F 97 -6.54 -14.88 5.73
N LEU F 98 -6.97 -13.63 5.86
CA LEU F 98 -8.30 -13.35 6.36
C LEU F 98 -9.35 -13.78 5.41
N LEU F 99 -9.10 -13.62 4.11
CA LEU F 99 -10.05 -14.09 3.09
C LEU F 99 -10.31 -15.59 3.23
N ILE F 100 -9.22 -16.35 3.35
CA ILE F 100 -9.32 -17.80 3.38
C ILE F 100 -10.07 -18.33 4.63
N ALA F 101 -9.89 -17.65 5.75
CA ALA F 101 -10.59 -18.04 6.97
C ALA F 101 -12.06 -17.62 6.92
N MET F 102 -12.29 -16.39 6.47
CA MET F 102 -13.63 -15.91 6.31
C MET F 102 -14.37 -16.90 5.43
N GLU F 103 -13.87 -17.21 4.24
CA GLU F 103 -14.60 -18.09 3.32
C GLU F 103 -14.67 -19.55 3.85
N ASN F 104 -13.64 -20.07 4.56
CA ASN F 104 -13.72 -21.42 5.16
C ASN F 104 -14.80 -21.48 6.23
N GLN F 105 -14.96 -20.40 7.00
CA GLN F 105 -15.99 -20.32 8.00
C GLN F 105 -17.35 -20.39 7.30
N HIS F 106 -17.51 -19.67 6.18
CA HIS F 106 -18.79 -19.63 5.43
C HIS F 106 -18.99 -20.92 4.62
N THR F 107 -17.92 -21.45 4.01
CA THR F 107 -17.93 -22.74 3.29
C THR F 107 -18.56 -23.86 4.17
N ILE F 108 -18.09 -23.93 5.43
CA ILE F 108 -18.49 -24.89 6.47
C ILE F 108 -19.92 -24.68 6.97
N ASP F 109 -20.17 -23.48 7.47
CA ASP F 109 -21.48 -23.09 7.92
C ASP F 109 -22.43 -23.14 6.72
N LEU F 110 -21.96 -22.96 5.49
CA LEU F 110 -22.81 -23.19 4.33
C LEU F 110 -23.22 -24.64 4.17
N ALA F 111 -22.32 -25.58 4.48
CA ALA F 111 -22.62 -27.03 4.43
C ALA F 111 -23.68 -27.49 5.47
N ASP F 112 -23.39 -27.16 6.74
CA ASP F 112 -24.33 -27.29 7.87
C ASP F 112 -25.71 -26.71 7.48
N SER F 113 -25.73 -25.59 6.76
CA SER F 113 -26.99 -25.00 6.26
C SER F 113 -27.78 -25.94 5.39
N GLU F 114 -27.19 -26.45 4.31
CA GLU F 114 -27.97 -27.26 3.35
C GLU F 114 -28.51 -28.57 3.98
N MET F 115 -27.89 -29.04 5.08
CA MET F 115 -28.40 -30.19 5.84
C MET F 115 -29.59 -29.85 6.72
N ASP F 116 -29.56 -28.74 7.44
CA ASP F 116 -30.74 -28.31 8.24
C ASP F 116 -31.95 -27.95 7.37
N LYS F 117 -31.72 -27.54 6.12
CA LYS F 117 -32.80 -27.28 5.15
C LYS F 117 -33.39 -28.54 4.54
N LEU F 118 -32.66 -29.66 4.58
CA LEU F 118 -33.19 -31.02 4.20
C LEU F 118 -34.03 -31.73 5.33
N TYR F 119 -33.39 -32.05 6.46
CA TYR F 119 -34.07 -32.53 7.70
C TYR F 119 -35.38 -31.80 7.84
N GLU F 120 -35.34 -30.47 7.88
CA GLU F 120 -36.54 -29.68 8.13
C GLU F 120 -37.46 -29.42 6.92
N ARG F 121 -37.20 -30.05 5.76
CA ARG F 121 -38.23 -30.16 4.70
C ARG F 121 -38.91 -31.58 4.65
N VAL F 122 -38.16 -32.60 5.06
CA VAL F 122 -38.67 -33.97 5.28
C VAL F 122 -39.52 -34.07 6.59
N LYS F 123 -39.47 -33.08 7.47
CA LYS F 123 -40.43 -32.95 8.58
C LYS F 123 -41.76 -32.31 8.08
N ARG F 124 -41.66 -31.45 7.07
CA ARG F 124 -42.83 -30.78 6.47
C ARG F 124 -43.66 -31.68 5.56
N GLN F 125 -42.98 -32.60 4.85
CA GLN F 125 -43.62 -33.72 4.14
C GLN F 125 -44.35 -34.63 5.15
N LEU F 126 -43.62 -35.12 6.15
CA LEU F 126 -44.11 -36.09 7.13
C LEU F 126 -44.85 -35.42 8.34
N ARG F 127 -45.60 -34.36 8.02
CA ARG F 127 -46.76 -33.81 8.77
C ARG F 127 -46.97 -34.23 10.24
N GLU F 128 -47.96 -35.07 10.55
CA GLU F 128 -48.03 -35.64 11.90
C GLU F 128 -47.94 -37.19 11.87
N ASN F 129 -47.30 -37.75 10.84
CA ASN F 129 -47.15 -39.22 10.63
C ASN F 129 -45.93 -39.86 11.39
N ALA F 130 -44.93 -39.03 11.73
CA ALA F 130 -43.64 -39.47 12.34
C ALA F 130 -43.10 -38.47 13.39
N GLU F 131 -42.00 -38.84 14.04
CA GLU F 131 -41.39 -38.02 15.12
C GLU F 131 -39.84 -37.81 15.08
N GLU F 132 -39.36 -36.71 15.69
CA GLU F 132 -37.93 -36.38 15.81
C GLU F 132 -37.17 -37.25 16.81
N ASP F 133 -36.45 -38.27 16.31
CA ASP F 133 -35.76 -39.25 17.20
C ASP F 133 -34.75 -38.65 18.23
N GLY F 134 -34.23 -37.48 17.89
CA GLY F 134 -33.09 -36.90 18.57
C GLY F 134 -32.06 -36.62 17.50
N THR F 135 -31.18 -37.60 17.26
CA THR F 135 -30.06 -37.44 16.36
C THR F 135 -30.42 -37.82 14.92
N GLY F 136 -31.19 -36.94 14.28
CA GLY F 136 -31.24 -36.88 12.83
C GLY F 136 -32.04 -37.94 12.10
N CYS F 137 -32.89 -38.67 12.84
CA CYS F 137 -33.85 -39.67 12.28
C CYS F 137 -35.30 -39.33 12.65
N PHE F 138 -36.19 -39.66 11.72
CA PHE F 138 -37.61 -39.68 11.98
C PHE F 138 -38.04 -41.13 12.21
N GLU F 139 -39.03 -41.30 13.09
CA GLU F 139 -39.66 -42.59 13.30
C GLU F 139 -40.96 -42.58 12.51
N ILE F 140 -40.92 -43.21 11.33
CA ILE F 140 -42.13 -43.37 10.49
C ILE F 140 -43.04 -44.35 11.24
N PHE F 141 -43.99 -43.83 12.04
CA PHE F 141 -44.88 -44.68 12.83
C PHE F 141 -46.01 -45.19 11.94
N HIS F 142 -45.67 -46.30 11.25
CA HIS F 142 -46.41 -47.01 10.15
C HIS F 142 -45.35 -47.53 9.15
N LYS F 143 -45.60 -48.68 8.53
CA LYS F 143 -44.64 -49.26 7.57
C LYS F 143 -44.53 -48.44 6.29
N CYS F 144 -43.32 -48.40 5.73
CA CYS F 144 -42.98 -47.64 4.52
C CYS F 144 -42.05 -48.53 3.68
N ASP F 145 -42.62 -49.20 2.67
CA ASP F 145 -41.85 -50.10 1.80
C ASP F 145 -40.86 -49.32 0.89
N ASP F 146 -40.11 -50.03 0.04
CA ASP F 146 -39.13 -49.41 -0.91
C ASP F 146 -39.76 -48.82 -2.20
N ASP F 147 -41.06 -48.54 -2.15
CA ASP F 147 -41.71 -47.56 -3.02
C ASP F 147 -42.23 -46.35 -2.18
N CYS F 148 -42.55 -46.57 -0.90
CA CYS F 148 -42.93 -45.51 0.06
C CYS F 148 -41.73 -44.68 0.54
N MET F 149 -40.58 -45.33 0.74
CA MET F 149 -39.34 -44.59 0.93
C MET F 149 -39.12 -43.65 -0.26
N ALA F 150 -39.10 -44.23 -1.47
CA ALA F 150 -38.92 -43.49 -2.76
C ALA F 150 -39.86 -42.32 -3.03
N SER F 151 -41.03 -42.30 -2.39
CA SER F 151 -42.00 -41.20 -2.50
C SER F 151 -41.64 -40.00 -1.63
N ILE F 152 -40.90 -40.24 -0.55
CA ILE F 152 -40.33 -39.18 0.27
C ILE F 152 -39.09 -38.59 -0.46
N ARG F 153 -38.28 -39.51 -1.00
CA ARG F 153 -37.05 -39.23 -1.75
C ARG F 153 -37.23 -38.36 -2.98
N ASN F 154 -38.31 -38.51 -3.74
CA ASN F 154 -38.56 -37.65 -4.90
C ASN F 154 -39.63 -36.58 -4.62
N ASN F 155 -39.90 -36.30 -3.35
CA ASN F 155 -40.90 -35.34 -2.93
C ASN F 155 -42.27 -35.48 -3.67
N THR F 156 -42.90 -36.63 -3.47
CA THR F 156 -44.34 -36.84 -3.69
C THR F 156 -45.07 -37.08 -2.34
N TYR F 157 -44.48 -37.93 -1.48
CA TYR F 157 -45.09 -38.46 -0.25
C TYR F 157 -46.27 -37.64 0.27
N ASP F 158 -47.50 -38.15 0.02
CA ASP F 158 -48.74 -37.61 0.62
C ASP F 158 -48.83 -38.16 2.05
N HIS F 159 -48.92 -37.25 3.02
CA HIS F 159 -49.14 -37.61 4.43
C HIS F 159 -50.59 -38.01 4.71
N ARG F 160 -51.53 -37.59 3.84
CA ARG F 160 -52.95 -38.00 3.90
C ARG F 160 -53.13 -39.52 3.90
N LYS F 161 -52.39 -40.22 3.03
CA LYS F 161 -52.45 -41.67 2.99
C LYS F 161 -52.24 -42.24 4.40
N TYR F 162 -51.05 -42.09 4.93
CA TYR F 162 -50.68 -42.81 6.15
C TYR F 162 -51.09 -42.09 7.46
N ARG F 163 -51.66 -40.87 7.37
CA ARG F 163 -52.13 -40.11 8.56
C ARG F 163 -53.11 -40.91 9.41
N GLU F 164 -54.08 -41.53 8.75
CA GLU F 164 -55.07 -42.36 9.43
C GLU F 164 -54.33 -43.47 10.16
N GLU F 165 -53.37 -44.11 9.46
CA GLU F 165 -52.58 -45.19 10.07
C GLU F 165 -51.73 -44.76 11.28
N ALA F 166 -50.90 -43.71 11.09
CA ALA F 166 -50.05 -43.17 12.17
C ALA F 166 -50.84 -42.61 13.37
N MET F 167 -51.98 -41.93 13.11
CA MET F 167 -52.88 -41.35 14.14
C MET F 167 -53.02 -42.18 15.42
N GLN F 168 -53.45 -43.42 15.24
CA GLN F 168 -53.50 -44.41 16.31
C GLN F 168 -52.11 -45.00 16.54
N ASN F 169 -51.50 -45.55 15.48
CA ASN F 169 -50.19 -46.23 15.60
C ASN F 169 -49.29 -45.49 16.57
N ARG F 170 -49.29 -44.16 16.46
CA ARG F 170 -48.53 -43.25 17.35
C ARG F 170 -49.07 -43.15 18.80
N ILE F 171 -49.85 -44.13 19.26
CA ILE F 171 -50.34 -44.16 20.62
C ILE F 171 -50.07 -45.57 21.15
C1 NAG G . 20.41 40.02 -31.60
C2 NAG G . 21.79 40.70 -31.70
C3 NAG G . 22.54 40.63 -30.33
C4 NAG G . 21.62 40.82 -29.09
C5 NAG G . 20.26 40.13 -29.17
C6 NAG G . 19.25 40.40 -28.02
C7 NAG G . 22.49 40.47 -34.14
C8 NAG G . 23.49 39.88 -35.11
N2 NAG G . 22.60 40.16 -32.83
O3 NAG G . 24.00 40.75 -30.18
O4 NAG G . 22.26 40.34 -27.88
O5 NAG G . 19.67 40.48 -30.45
O6 NAG G . 19.75 40.80 -26.71
O7 NAG G . 21.65 41.24 -34.57
C1 GAL G . 25.43 40.50 -30.30
C2 GAL G . 26.29 41.78 -30.11
C3 GAL G . 27.79 41.46 -29.98
C4 GAL G . 28.02 40.38 -28.93
C5 GAL G . 27.23 39.13 -29.31
C6 GAL G . 27.52 37.96 -28.38
O2 GAL G . 26.15 42.67 -31.22
O3 GAL G . 28.56 42.64 -29.67
O4 GAL G . 27.59 40.80 -27.63
O5 GAL G . 25.83 39.49 -29.33
O6 GAL G . 28.25 36.89 -29.01
C1 SIA G . 17.93 41.17 -25.29
C2 SIA G . 19.43 41.39 -25.41
C3 SIA G . 19.63 42.82 -24.85
C4 SIA G . 19.63 42.83 -23.32
C5 SIA G . 20.82 42.03 -22.84
C6 SIA G . 20.58 40.55 -23.26
C7 SIA G . 21.76 39.59 -22.87
C8 SIA G . 21.78 38.15 -23.48
C9 SIA G . 22.71 37.20 -22.69
C10 SIA G . 21.99 42.84 -20.76
C11 SIA G . 23.28 43.11 -21.46
N5 SIA G . 20.95 42.30 -21.41
O1A SIA G . 17.18 41.74 -26.13
O1B SIA G . 17.49 40.47 -24.33
O4 SIA G . 19.67 44.16 -22.79
O6 SIA G . 20.25 40.42 -24.69
O7 SIA G . 23.02 40.23 -23.13
O8 SIA G . 20.48 37.54 -23.55
O9 SIA G . 23.03 35.96 -23.35
O10 SIA G . 21.88 43.15 -19.60
C1 NAG H . 40.53 34.49 13.38
C2 NAG H . 41.74 35.09 12.62
C3 NAG H . 42.18 34.13 11.45
C4 NAG H . 42.11 32.61 11.82
C5 NAG H . 40.88 32.21 12.65
C6 NAG H . 40.81 30.73 13.14
C7 NAG H . 41.54 37.62 12.85
C8 NAG H . 41.31 38.93 12.14
N2 NAG H . 41.47 36.48 12.13
O3 NAG H . 42.94 34.55 10.27
O4 NAG H . 42.10 31.79 10.63
O5 NAG H . 40.78 33.12 13.75
O6 NAG H . 41.56 29.71 12.43
O7 NAG H . 41.78 37.63 14.03
C1 GAL H . 43.33 35.23 9.04
C2 GAL H . 44.87 35.32 8.84
C3 GAL H . 45.26 35.80 7.44
C4 GAL H . 44.53 35.00 6.38
C5 GAL H . 43.02 35.12 6.60
C6 GAL H . 42.22 34.45 5.48
O2 GAL H . 45.46 36.23 9.79
O3 GAL H . 46.69 35.75 7.24
O4 GAL H . 44.88 33.61 6.43
O5 GAL H . 42.72 34.57 7.91
O6 GAL H . 41.52 35.38 4.65
C1 SIA H . 41.28 27.66 13.54
C2 SIA H . 42.12 28.34 12.47
C3 SIA H . 43.55 27.82 12.75
C4 SIA H . 43.75 26.41 12.18
C5 SIA H . 43.62 26.49 10.67
C6 SIA H . 42.14 26.88 10.35
C7 SIA H . 41.85 27.03 8.82
C8 SIA H . 40.50 27.70 8.37
C9 SIA H . 40.16 27.38 6.91
C10 SIA H . 45.12 24.98 9.31
C11 SIA H . 45.83 26.12 8.65
N5 SIA H . 44.09 25.20 10.15
O1A SIA H . 41.34 28.10 14.72
O1B SIA H . 40.59 26.65 13.22
O4 SIA H . 45.02 25.88 12.56
O6 SIA H . 41.71 28.06 11.10
O7 SIA H . 42.95 27.72 8.19
O8 SIA H . 39.39 27.28 9.18
O9 SIA H . 39.12 28.20 6.33
O10 SIA H . 45.50 23.86 9.10
C1 NAG I . 49.97 1.19 -22.60
C2 NAG I . 50.92 2.39 -22.73
C3 NAG I . 50.13 3.69 -23.03
C4 NAG I . 48.81 3.55 -23.83
C5 NAG I . 48.05 2.25 -23.59
C6 NAG I . 46.91 2.12 -24.62
C7 NAG I . 53.01 1.99 -21.29
C8 NAG I . 53.78 2.43 -20.07
N2 NAG I . 51.81 2.56 -21.53
O3 NAG I . 51.03 4.83 -22.98
O4 NAG I . 47.89 4.62 -23.52
O5 NAG I . 48.97 1.18 -23.66
O6 NAG I . 46.11 3.39 -24.93
O7 NAG I . 53.51 1.16 -22.02
C1 GAL I . 51.59 6.04 -22.40
C2 GAL I . 52.37 6.85 -23.45
C3 GAL I . 52.68 8.30 -23.01
C4 GAL I . 51.45 9.00 -22.41
C5 GAL I . 50.82 8.11 -21.33
C6 GAL I . 49.53 8.70 -20.77
O2 GAL I . 53.60 6.17 -23.75
O3 GAL I . 53.18 9.07 -24.11
O4 GAL I . 50.48 9.38 -23.40
O5 GAL I . 50.51 6.81 -21.86
O6 GAL I . 49.66 10.12 -20.55
C1 NAG J . 16.22 34.73 17.10
C2 NAG J . 15.83 34.01 18.42
C3 NAG J . 15.39 35.13 19.41
C4 NAG J . 16.53 36.17 19.59
C5 NAG J . 17.01 36.75 18.24
C6 NAG J . 18.25 37.66 18.42
C7 NAG J . 13.65 32.65 17.90
C8 NAG J . 13.11 31.25 17.91
N2 NAG J . 14.95 32.80 18.29
O3 NAG J . 15.02 34.58 20.69
O4 NAG J . 16.18 37.24 20.51
O5 NAG J . 17.29 35.68 17.30
O6 NAG J . 17.88 39.04 18.57
O7 NAG J . 12.90 33.54 17.55
C1 GAL K . 14.74 42.51 -32.52
C2 GAL K . 16.10 43.02 -32.06
C3 GAL K . 17.16 41.97 -32.38
C4 GAL K . 16.82 40.58 -31.84
C5 GAL K . 15.32 40.19 -31.95
C6 GAL K . 14.90 39.03 -30.99
O1 GAL K . 13.76 43.54 -32.32
O2 GAL K . 16.36 44.29 -32.67
O3 GAL K . 18.42 42.37 -31.83
O4 GAL K . 17.27 40.56 -30.47
O5 GAL K . 14.43 41.32 -31.77
O6 GAL K . 14.15 39.45 -29.84
C1 NAG L . 2.33 7.37 -14.72
C2 NAG L . 3.12 7.59 -16.02
C3 NAG L . 2.50 8.77 -16.78
C4 NAG L . 1.12 8.30 -17.29
C5 NAG L . 0.22 8.05 -16.05
C6 NAG L . -1.00 7.17 -16.37
C7 NAG L . 5.50 7.29 -16.67
C8 NAG L . 6.94 7.60 -16.39
N2 NAG L . 4.55 7.81 -15.85
O3 NAG L . 3.37 9.31 -17.81
O4 NAG L . 0.55 9.20 -18.32
O5 NAG L . 0.87 7.41 -14.91
O6 NAG L . -2.17 7.94 -16.72
O7 NAG L . 5.24 6.57 -17.63
C1 NAG M . 40.29 -11.47 -3.84
C2 NAG M . 39.60 -12.86 -4.01
C3 NAG M . 40.62 -14.02 -4.16
C4 NAG M . 42.02 -13.66 -4.73
C5 NAG M . 42.55 -12.34 -4.12
C6 NAG M . 43.95 -11.98 -4.64
C7 NAG M . 37.64 -12.41 -2.43
C8 NAG M . 36.87 -12.99 -1.29
N2 NAG M . 38.66 -13.17 -2.90
O3 NAG M . 40.03 -15.04 -4.99
O4 NAG M . 42.99 -14.71 -4.50
O5 NAG M . 41.60 -11.32 -4.45
O6 NAG M . 44.94 -12.91 -4.18
O7 NAG M . 37.29 -11.30 -2.83
C1 GAL N . 40.15 32.98 19.43
C2 GAL N . 41.26 33.04 18.39
C3 GAL N . 40.75 33.83 17.18
C4 GAL N . 39.43 33.27 16.62
C5 GAL N . 38.41 32.82 17.71
C6 GAL N . 37.32 31.85 17.16
O1 GAL N . 40.67 32.34 20.62
O2 GAL N . 42.43 33.63 18.99
O3 GAL N . 41.73 33.79 16.14
O4 GAL N . 39.78 32.20 15.73
O5 GAL N . 39.05 32.23 18.86
O6 GAL N . 37.51 30.47 17.52
C1 NAG O . 5.83 14.10 6.80
C2 NAG O . 6.10 15.64 6.73
C3 NAG O . 6.80 16.08 8.05
C4 NAG O . 5.77 15.89 9.21
C5 NAG O . 5.63 14.34 9.31
C6 NAG O . 4.91 13.83 10.58
C7 NAG O . 6.39 17.35 4.89
C8 NAG O . 7.34 17.91 3.85
N2 NAG O . 6.86 16.27 5.63
O3 NAG O . 7.35 17.41 7.96
O4 NAG O . 6.07 16.60 10.46
O5 NAG O . 5.10 13.81 8.06
O6 NAG O . 3.54 14.23 10.70
O7 NAG O . 5.26 17.87 5.00
C1 NAG P . 6.91 19.93 -36.30
C2 NAG P . 5.42 20.23 -36.03
C3 NAG P . 4.70 20.47 -37.39
C4 NAG P . 5.48 21.49 -38.26
C5 NAG P . 6.95 21.07 -38.46
C6 NAG P . 7.75 22.06 -39.33
C7 NAG P . 4.44 17.99 -35.21
C8 NAG P . 3.90 17.32 -33.97
N2 NAG P . 4.83 19.27 -35.05
O3 NAG P . 3.36 20.92 -37.14
O4 NAG P . 4.87 21.72 -39.55
O5 NAG P . 7.56 20.91 -37.16
O6 NAG P . 7.97 21.54 -40.66
O7 NAG P . 4.48 17.37 -36.26
C1 SIA Q . 44.32 2.09 -26.24
C2 SIA Q . 45.27 3.27 -26.22
C3 SIA Q . 45.44 3.72 -27.69
C4 SIA Q . 44.22 4.54 -28.13
C5 SIA Q . 44.14 5.78 -27.22
C6 SIA Q . 43.90 5.32 -25.75
C7 SIA Q . 43.61 6.56 -24.82
C8 SIA Q . 43.59 6.43 -23.26
C9 SIA Q . 42.95 7.64 -22.57
C10 SIA Q . 43.16 7.62 -28.68
C11 SIA Q . 44.47 8.07 -29.25
N5 SIA Q . 43.08 6.65 -27.75
O1A SIA Q . 44.81 0.98 -26.56
O1B SIA Q . 43.11 2.25 -25.94
O4 SIA Q . 44.31 4.87 -29.52
O6 SIA Q . 44.92 4.34 -25.30
O7 SIA Q . 44.47 7.67 -25.18
O8 SIA Q . 42.84 5.28 -22.84
O9 SIA Q . 42.98 7.58 -21.13
O10 SIA Q . 42.14 8.16 -29.07
C1 GAL R . 49.67 -4.03 -25.38
C2 GAL R . 49.86 -2.61 -25.91
C3 GAL R . 50.00 -1.65 -24.73
C4 GAL R . 48.78 -1.74 -23.83
C5 GAL R . 48.43 -3.20 -23.44
C6 GAL R . 47.07 -3.25 -22.76
O1 GAL R . 49.60 -4.94 -26.50
O2 GAL R . 51.01 -2.56 -26.77
O3 GAL R . 50.16 -0.32 -25.25
O4 GAL R . 47.68 -1.05 -24.48
O5 GAL R . 48.47 -4.08 -24.57
O6 GAL R . 46.73 -4.56 -22.30
C1 NAG S . 15.98 -4.95 -0.97
C2 NAG S . 17.45 -4.82 -0.47
C3 NAG S . 18.38 -5.64 -1.41
C4 NAG S . 18.09 -7.13 -1.08
C5 NAG S . 16.63 -7.39 -1.57
C6 NAG S . 16.34 -8.89 -1.39
C7 NAG S . 18.60 -3.10 0.90
C8 NAG S . 19.47 -1.88 0.82
N2 NAG S . 18.22 -3.58 -0.31
O3 NAG S . 19.78 -5.22 -1.32
O4 NAG S . 19.06 -8.11 -1.59
O5 NAG S . 15.68 -6.41 -0.99
O6 NAG S . 15.12 -9.16 -0.72
O7 NAG S . 18.25 -3.55 2.01
#